data_4G1H
# 
_entry.id   4G1H 
# 
_audit_conform.dict_name       mmcif_pdbx.dic 
_audit_conform.dict_version    5.387 
_audit_conform.dict_location   http://mmcif.pdb.org/dictionaries/ascii/mmcif_pdbx.dic 
# 
loop_
_database_2.database_id 
_database_2.database_code 
_database_2.pdbx_database_accession 
_database_2.pdbx_DOI 
PDB   4G1H         pdb_00004g1h 10.2210/pdb4g1h/pdb 
RCSB  RCSB073618   ?            ?                   
WWPDB D_1000073618 ?            ?                   
# 
loop_
_pdbx_audit_revision_history.ordinal 
_pdbx_audit_revision_history.data_content_type 
_pdbx_audit_revision_history.major_revision 
_pdbx_audit_revision_history.minor_revision 
_pdbx_audit_revision_history.revision_date 
1 'Structure model' 1 0 2012-12-05 
2 'Structure model' 1 1 2024-02-28 
# 
_pdbx_audit_revision_details.ordinal             1 
_pdbx_audit_revision_details.revision_ordinal    1 
_pdbx_audit_revision_details.data_content_type   'Structure model' 
_pdbx_audit_revision_details.provider            repository 
_pdbx_audit_revision_details.type                'Initial release' 
_pdbx_audit_revision_details.description         ? 
_pdbx_audit_revision_details.details             ? 
# 
loop_
_pdbx_audit_revision_group.ordinal 
_pdbx_audit_revision_group.revision_ordinal 
_pdbx_audit_revision_group.data_content_type 
_pdbx_audit_revision_group.group 
1 2 'Structure model' 'Data collection'      
2 2 'Structure model' 'Database references'  
3 2 'Structure model' 'Derived calculations' 
# 
loop_
_pdbx_audit_revision_category.ordinal 
_pdbx_audit_revision_category.revision_ordinal 
_pdbx_audit_revision_category.data_content_type 
_pdbx_audit_revision_category.category 
1 2 'Structure model' chem_comp_atom 
2 2 'Structure model' chem_comp_bond 
3 2 'Structure model' database_2     
4 2 'Structure model' struct_site    
# 
loop_
_pdbx_audit_revision_item.ordinal 
_pdbx_audit_revision_item.revision_ordinal 
_pdbx_audit_revision_item.data_content_type 
_pdbx_audit_revision_item.item 
1 2 'Structure model' '_database_2.pdbx_DOI'                
2 2 'Structure model' '_database_2.pdbx_database_accession' 
3 2 'Structure model' '_struct_site.pdbx_auth_asym_id'      
4 2 'Structure model' '_struct_site.pdbx_auth_comp_id'      
5 2 'Structure model' '_struct_site.pdbx_auth_seq_id'       
# 
_pdbx_database_status.status_code                     REL 
_pdbx_database_status.entry_id                        4G1H 
_pdbx_database_status.recvd_initial_deposition_date   2012-07-10 
_pdbx_database_status.deposit_site                    RCSB 
_pdbx_database_status.process_site                    RCSB 
_pdbx_database_status.status_code_sf                  REL 
_pdbx_database_status.status_code_mr                  ? 
_pdbx_database_status.SG_entry                        ? 
_pdbx_database_status.status_code_cs                  ? 
_pdbx_database_status.methods_development_category    ? 
_pdbx_database_status.pdb_format_compatible           Y 
_pdbx_database_status.status_code_nmr_data            ? 
# 
_pdbx_database_related.db_name        PDB 
_pdbx_database_related.db_id          4G1J 
_pdbx_database_related.details        . 
_pdbx_database_related.content_type   unspecified 
# 
loop_
_audit_author.name 
_audit_author.pdbx_ordinal 
'Cozzi, R.'       1 
'Prigozhin, D.M.' 2 
'Alber, T.'       3 
# 
_citation.id                        primary 
_citation.title                     'Structural basis for group B streptococcus pilus 1 sortases C regulation and specificity.' 
_citation.journal_abbrev            'Plos One' 
_citation.journal_volume            7 
_citation.page_first                e49048 
_citation.page_last                 e49048 
_citation.year                      2012 
_citation.journal_id_ASTM           ? 
_citation.country                   US 
_citation.journal_id_ISSN           1932-6203 
_citation.journal_id_CSD            ? 
_citation.book_publisher            ? 
_citation.pdbx_database_id_PubMed   23145064 
_citation.pdbx_database_id_DOI      10.1371/journal.pone.0049048 
# 
loop_
_citation_author.citation_id 
_citation_author.name 
_citation_author.ordinal 
_citation_author.identifier_ORCID 
primary 'Cozzi, R.'       1  ? 
primary 'Prigozhin, D.'   2  ? 
primary 'Rosini, R.'      3  ? 
primary 'Abate, F.'       4  ? 
primary 'Bottomley, M.J.' 5  ? 
primary 'Grandi, G.'      6  ? 
primary 'Telford, J.L.'   7  ? 
primary 'Rinaudo, C.D.'   8  ? 
primary 'Maione, D.'      9  ? 
primary 'Alber, T.'       10 ? 
# 
loop_
_entity.id 
_entity.type 
_entity.src_method 
_entity.pdbx_description 
_entity.formula_weight 
_entity.pdbx_number_of_molecules 
_entity.pdbx_ec 
_entity.pdbx_mutation 
_entity.pdbx_fragment 
_entity.details 
1 polymer     man 'Sortase family protein' 24016.465 1  ? ? 'UNP RESIDUES 19-233' ? 
2 non-polymer syn 'CALCIUM ION'            40.078    1  ? ? ?                     ? 
3 water       nat water                    18.015    91 ? ? ?                     ? 
# 
_entity_poly.entity_id                      1 
_entity_poly.type                           'polypeptide(L)' 
_entity_poly.nstd_linkage                   no 
_entity_poly.nstd_monomer                   no 
_entity_poly.pdbx_seq_one_letter_code       
;ASHQNINQFKREVAKIDTNTVERRIALANAYNETLSRNPLLIDPFTSKQKEGLREYARMLEVHEQIGHVAIPSIGVDIPI
YAGTSETVLQKGSGHLEGTSLPVGGLSTHSVLTAHRGLPTARLFTDLNKVKKGQIFYVTNIKETLAYKVVSIKVVDPTAL
SEVKIVNGKDYITLLTCTPYMINSHRLLVKGERIPYDSTEAEKHKEQTVQDYRLS
;
_entity_poly.pdbx_seq_one_letter_code_can   
;ASHQNINQFKREVAKIDTNTVERRIALANAYNETLSRNPLLIDPFTSKQKEGLREYARMLEVHEQIGHVAIPSIGVDIPI
YAGTSETVLQKGSGHLEGTSLPVGGLSTHSVLTAHRGLPTARLFTDLNKVKKGQIFYVTNIKETLAYKVVSIKVVDPTAL
SEVKIVNGKDYITLLTCTPYMINSHRLLVKGERIPYDSTEAEKHKEQTVQDYRLS
;
_entity_poly.pdbx_strand_id                 A 
_entity_poly.pdbx_target_identifier         ? 
# 
loop_
_pdbx_entity_nonpoly.entity_id 
_pdbx_entity_nonpoly.name 
_pdbx_entity_nonpoly.comp_id 
2 'CALCIUM ION' CA  
3 water         HOH 
# 
loop_
_entity_poly_seq.entity_id 
_entity_poly_seq.num 
_entity_poly_seq.mon_id 
_entity_poly_seq.hetero 
1 1   ALA n 
1 2   SER n 
1 3   HIS n 
1 4   GLN n 
1 5   ASN n 
1 6   ILE n 
1 7   ASN n 
1 8   GLN n 
1 9   PHE n 
1 10  LYS n 
1 11  ARG n 
1 12  GLU n 
1 13  VAL n 
1 14  ALA n 
1 15  LYS n 
1 16  ILE n 
1 17  ASP n 
1 18  THR n 
1 19  ASN n 
1 20  THR n 
1 21  VAL n 
1 22  GLU n 
1 23  ARG n 
1 24  ARG n 
1 25  ILE n 
1 26  ALA n 
1 27  LEU n 
1 28  ALA n 
1 29  ASN n 
1 30  ALA n 
1 31  TYR n 
1 32  ASN n 
1 33  GLU n 
1 34  THR n 
1 35  LEU n 
1 36  SER n 
1 37  ARG n 
1 38  ASN n 
1 39  PRO n 
1 40  LEU n 
1 41  LEU n 
1 42  ILE n 
1 43  ASP n 
1 44  PRO n 
1 45  PHE n 
1 46  THR n 
1 47  SER n 
1 48  LYS n 
1 49  GLN n 
1 50  LYS n 
1 51  GLU n 
1 52  GLY n 
1 53  LEU n 
1 54  ARG n 
1 55  GLU n 
1 56  TYR n 
1 57  ALA n 
1 58  ARG n 
1 59  MET n 
1 60  LEU n 
1 61  GLU n 
1 62  VAL n 
1 63  HIS n 
1 64  GLU n 
1 65  GLN n 
1 66  ILE n 
1 67  GLY n 
1 68  HIS n 
1 69  VAL n 
1 70  ALA n 
1 71  ILE n 
1 72  PRO n 
1 73  SER n 
1 74  ILE n 
1 75  GLY n 
1 76  VAL n 
1 77  ASP n 
1 78  ILE n 
1 79  PRO n 
1 80  ILE n 
1 81  TYR n 
1 82  ALA n 
1 83  GLY n 
1 84  THR n 
1 85  SER n 
1 86  GLU n 
1 87  THR n 
1 88  VAL n 
1 89  LEU n 
1 90  GLN n 
1 91  LYS n 
1 92  GLY n 
1 93  SER n 
1 94  GLY n 
1 95  HIS n 
1 96  LEU n 
1 97  GLU n 
1 98  GLY n 
1 99  THR n 
1 100 SER n 
1 101 LEU n 
1 102 PRO n 
1 103 VAL n 
1 104 GLY n 
1 105 GLY n 
1 106 LEU n 
1 107 SER n 
1 108 THR n 
1 109 HIS n 
1 110 SER n 
1 111 VAL n 
1 112 LEU n 
1 113 THR n 
1 114 ALA n 
1 115 HIS n 
1 116 ARG n 
1 117 GLY n 
1 118 LEU n 
1 119 PRO n 
1 120 THR n 
1 121 ALA n 
1 122 ARG n 
1 123 LEU n 
1 124 PHE n 
1 125 THR n 
1 126 ASP n 
1 127 LEU n 
1 128 ASN n 
1 129 LYS n 
1 130 VAL n 
1 131 LYS n 
1 132 LYS n 
1 133 GLY n 
1 134 GLN n 
1 135 ILE n 
1 136 PHE n 
1 137 TYR n 
1 138 VAL n 
1 139 THR n 
1 140 ASN n 
1 141 ILE n 
1 142 LYS n 
1 143 GLU n 
1 144 THR n 
1 145 LEU n 
1 146 ALA n 
1 147 TYR n 
1 148 LYS n 
1 149 VAL n 
1 150 VAL n 
1 151 SER n 
1 152 ILE n 
1 153 LYS n 
1 154 VAL n 
1 155 VAL n 
1 156 ASP n 
1 157 PRO n 
1 158 THR n 
1 159 ALA n 
1 160 LEU n 
1 161 SER n 
1 162 GLU n 
1 163 VAL n 
1 164 LYS n 
1 165 ILE n 
1 166 VAL n 
1 167 ASN n 
1 168 GLY n 
1 169 LYS n 
1 170 ASP n 
1 171 TYR n 
1 172 ILE n 
1 173 THR n 
1 174 LEU n 
1 175 LEU n 
1 176 THR n 
1 177 CYS n 
1 178 THR n 
1 179 PRO n 
1 180 TYR n 
1 181 MET n 
1 182 ILE n 
1 183 ASN n 
1 184 SER n 
1 185 HIS n 
1 186 ARG n 
1 187 LEU n 
1 188 LEU n 
1 189 VAL n 
1 190 LYS n 
1 191 GLY n 
1 192 GLU n 
1 193 ARG n 
1 194 ILE n 
1 195 PRO n 
1 196 TYR n 
1 197 ASP n 
1 198 SER n 
1 199 THR n 
1 200 GLU n 
1 201 ALA n 
1 202 GLU n 
1 203 LYS n 
1 204 HIS n 
1 205 LYS n 
1 206 GLU n 
1 207 GLN n 
1 208 THR n 
1 209 VAL n 
1 210 GLN n 
1 211 ASP n 
1 212 TYR n 
1 213 ARG n 
1 214 LEU n 
1 215 SER n 
# 
_entity_src_gen.entity_id                          1 
_entity_src_gen.pdbx_src_id                        1 
_entity_src_gen.pdbx_alt_source_flag               sample 
_entity_src_gen.pdbx_seq_type                      ? 
_entity_src_gen.pdbx_beg_seq_num                   ? 
_entity_src_gen.pdbx_end_seq_num                   ? 
_entity_src_gen.gene_src_common_name               ? 
_entity_src_gen.gene_src_genus                     ? 
_entity_src_gen.pdbx_gene_src_gene                 SAG0648 
_entity_src_gen.gene_src_species                   ? 
_entity_src_gen.gene_src_strain                    ? 
_entity_src_gen.gene_src_tissue                    ? 
_entity_src_gen.gene_src_tissue_fraction           ? 
_entity_src_gen.gene_src_details                   ? 
_entity_src_gen.pdbx_gene_src_fragment             ? 
_entity_src_gen.pdbx_gene_src_scientific_name      'Streptococcus agalactiae serogroup V' 
_entity_src_gen.pdbx_gene_src_ncbi_taxonomy_id     216466 
_entity_src_gen.pdbx_gene_src_variant              ? 
_entity_src_gen.pdbx_gene_src_cell_line            ? 
_entity_src_gen.pdbx_gene_src_atcc                 ? 
_entity_src_gen.pdbx_gene_src_organ                ? 
_entity_src_gen.pdbx_gene_src_organelle            ? 
_entity_src_gen.pdbx_gene_src_cell                 ? 
_entity_src_gen.pdbx_gene_src_cellular_location    ? 
_entity_src_gen.host_org_common_name               ? 
_entity_src_gen.pdbx_host_org_scientific_name      'Escherichia coli' 
_entity_src_gen.pdbx_host_org_ncbi_taxonomy_id     562 
_entity_src_gen.host_org_genus                     ? 
_entity_src_gen.pdbx_host_org_gene                 ? 
_entity_src_gen.pdbx_host_org_organ                ? 
_entity_src_gen.host_org_species                   ? 
_entity_src_gen.pdbx_host_org_tissue               ? 
_entity_src_gen.pdbx_host_org_tissue_fraction      ? 
_entity_src_gen.pdbx_host_org_strain               ? 
_entity_src_gen.pdbx_host_org_variant              ? 
_entity_src_gen.pdbx_host_org_cell_line            ? 
_entity_src_gen.pdbx_host_org_atcc                 ? 
_entity_src_gen.pdbx_host_org_culture_collection   ? 
_entity_src_gen.pdbx_host_org_cell                 ? 
_entity_src_gen.pdbx_host_org_organelle            ? 
_entity_src_gen.pdbx_host_org_cellular_location    ? 
_entity_src_gen.pdbx_host_org_vector_type          ? 
_entity_src_gen.pdbx_host_org_vector               ? 
_entity_src_gen.host_org_details                   ? 
_entity_src_gen.expression_system_id               ? 
_entity_src_gen.plasmid_name                       ? 
_entity_src_gen.plasmid_details                    ? 
_entity_src_gen.pdbx_description                   ? 
# 
loop_
_chem_comp.id 
_chem_comp.type 
_chem_comp.mon_nstd_flag 
_chem_comp.name 
_chem_comp.pdbx_synonyms 
_chem_comp.formula 
_chem_comp.formula_weight 
ALA 'L-peptide linking' y ALANINE         ? 'C3 H7 N O2'     89.093  
ARG 'L-peptide linking' y ARGININE        ? 'C6 H15 N4 O2 1' 175.209 
ASN 'L-peptide linking' y ASPARAGINE      ? 'C4 H8 N2 O3'    132.118 
ASP 'L-peptide linking' y 'ASPARTIC ACID' ? 'C4 H7 N O4'     133.103 
CA  non-polymer         . 'CALCIUM ION'   ? 'Ca 2'           40.078  
CYS 'L-peptide linking' y CYSTEINE        ? 'C3 H7 N O2 S'   121.158 
GLN 'L-peptide linking' y GLUTAMINE       ? 'C5 H10 N2 O3'   146.144 
GLU 'L-peptide linking' y 'GLUTAMIC ACID' ? 'C5 H9 N O4'     147.129 
GLY 'peptide linking'   y GLYCINE         ? 'C2 H5 N O2'     75.067  
HIS 'L-peptide linking' y HISTIDINE       ? 'C6 H10 N3 O2 1' 156.162 
HOH non-polymer         . WATER           ? 'H2 O'           18.015  
ILE 'L-peptide linking' y ISOLEUCINE      ? 'C6 H13 N O2'    131.173 
LEU 'L-peptide linking' y LEUCINE         ? 'C6 H13 N O2'    131.173 
LYS 'L-peptide linking' y LYSINE          ? 'C6 H15 N2 O2 1' 147.195 
MET 'L-peptide linking' y METHIONINE      ? 'C5 H11 N O2 S'  149.211 
PHE 'L-peptide linking' y PHENYLALANINE   ? 'C9 H11 N O2'    165.189 
PRO 'L-peptide linking' y PROLINE         ? 'C5 H9 N O2'     115.130 
SER 'L-peptide linking' y SERINE          ? 'C3 H7 N O3'     105.093 
THR 'L-peptide linking' y THREONINE       ? 'C4 H9 N O3'     119.119 
TYR 'L-peptide linking' y TYROSINE        ? 'C9 H11 N O3'    181.189 
VAL 'L-peptide linking' y VALINE          ? 'C5 H11 N O2'    117.146 
# 
loop_
_pdbx_poly_seq_scheme.asym_id 
_pdbx_poly_seq_scheme.entity_id 
_pdbx_poly_seq_scheme.seq_id 
_pdbx_poly_seq_scheme.mon_id 
_pdbx_poly_seq_scheme.ndb_seq_num 
_pdbx_poly_seq_scheme.pdb_seq_num 
_pdbx_poly_seq_scheme.auth_seq_num 
_pdbx_poly_seq_scheme.pdb_mon_id 
_pdbx_poly_seq_scheme.auth_mon_id 
_pdbx_poly_seq_scheme.pdb_strand_id 
_pdbx_poly_seq_scheme.pdb_ins_code 
_pdbx_poly_seq_scheme.hetero 
A 1 1   ALA 1   42  ?   ?   ?   A . n 
A 1 2   SER 2   43  ?   ?   ?   A . n 
A 1 3   HIS 3   44  ?   ?   ?   A . n 
A 1 4   GLN 4   45  ?   ?   ?   A . n 
A 1 5   ASN 5   46  ?   ?   ?   A . n 
A 1 6   ILE 6   47  ?   ?   ?   A . n 
A 1 7   ASN 7   48  ?   ?   ?   A . n 
A 1 8   GLN 8   49  ?   ?   ?   A . n 
A 1 9   PHE 9   50  ?   ?   ?   A . n 
A 1 10  LYS 10  51  ?   ?   ?   A . n 
A 1 11  ARG 11  52  ?   ?   ?   A . n 
A 1 12  GLU 12  53  ?   ?   ?   A . n 
A 1 13  VAL 13  54  ?   ?   ?   A . n 
A 1 14  ALA 14  55  ?   ?   ?   A . n 
A 1 15  LYS 15  56  ?   ?   ?   A . n 
A 1 16  ILE 16  57  57  ILE ILE A . n 
A 1 17  ASP 17  58  58  ASP ASP A . n 
A 1 18  THR 18  59  59  THR THR A . n 
A 1 19  ASN 19  60  60  ASN ASN A . n 
A 1 20  THR 20  61  61  THR THR A . n 
A 1 21  VAL 21  62  62  VAL VAL A . n 
A 1 22  GLU 22  63  63  GLU GLU A . n 
A 1 23  ARG 23  64  64  ARG ARG A . n 
A 1 24  ARG 24  65  65  ARG ARG A . n 
A 1 25  ILE 25  66  66  ILE ILE A . n 
A 1 26  ALA 26  67  67  ALA ALA A . n 
A 1 27  LEU 27  68  68  LEU LEU A . n 
A 1 28  ALA 28  69  69  ALA ALA A . n 
A 1 29  ASN 29  70  70  ASN ASN A . n 
A 1 30  ALA 30  71  71  ALA ALA A . n 
A 1 31  TYR 31  72  72  TYR TYR A . n 
A 1 32  ASN 32  73  73  ASN ASN A . n 
A 1 33  GLU 33  74  74  GLU GLU A . n 
A 1 34  THR 34  75  75  THR THR A . n 
A 1 35  LEU 35  76  76  LEU LEU A . n 
A 1 36  SER 36  77  77  SER SER A . n 
A 1 37  ARG 37  78  78  ARG ARG A . n 
A 1 38  ASN 38  79  79  ASN ASN A . n 
A 1 39  PRO 39  80  80  PRO PRO A . n 
A 1 40  LEU 40  81  81  LEU LEU A . n 
A 1 41  LEU 41  82  82  LEU LEU A . n 
A 1 42  ILE 42  83  83  ILE ILE A . n 
A 1 43  ASP 43  84  84  ASP ASP A . n 
A 1 44  PRO 44  85  85  PRO PRO A . n 
A 1 45  PHE 45  86  86  PHE PHE A . n 
A 1 46  THR 46  87  87  THR THR A . n 
A 1 47  SER 47  88  88  SER SER A . n 
A 1 48  LYS 48  89  89  LYS LYS A . n 
A 1 49  GLN 49  90  ?   ?   ?   A . n 
A 1 50  LYS 50  91  ?   ?   ?   A . n 
A 1 51  GLU 51  92  ?   ?   ?   A . n 
A 1 52  GLY 52  93  ?   ?   ?   A . n 
A 1 53  LEU 53  94  94  LEU LEU A . n 
A 1 54  ARG 54  95  95  ARG ARG A . n 
A 1 55  GLU 55  96  96  GLU GLU A . n 
A 1 56  TYR 56  97  97  TYR TYR A . n 
A 1 57  ALA 57  98  98  ALA ALA A . n 
A 1 58  ARG 58  99  99  ARG ARG A . n 
A 1 59  MET 59  100 100 MET MET A . n 
A 1 60  LEU 60  101 101 LEU LEU A . n 
A 1 61  GLU 61  102 102 GLU GLU A . n 
A 1 62  VAL 62  103 103 VAL VAL A . n 
A 1 63  HIS 63  104 104 HIS HIS A . n 
A 1 64  GLU 64  105 105 GLU GLU A . n 
A 1 65  GLN 65  106 106 GLN GLN A . n 
A 1 66  ILE 66  107 107 ILE ILE A . n 
A 1 67  GLY 67  108 108 GLY GLY A . n 
A 1 68  HIS 68  109 109 HIS HIS A . n 
A 1 69  VAL 69  110 110 VAL VAL A . n 
A 1 70  ALA 70  111 111 ALA ALA A . n 
A 1 71  ILE 71  112 112 ILE ILE A . n 
A 1 72  PRO 72  113 113 PRO PRO A . n 
A 1 73  SER 73  114 114 SER SER A . n 
A 1 74  ILE 74  115 115 ILE ILE A . n 
A 1 75  GLY 75  116 116 GLY GLY A . n 
A 1 76  VAL 76  117 117 VAL VAL A . n 
A 1 77  ASP 77  118 118 ASP ASP A . n 
A 1 78  ILE 78  119 119 ILE ILE A . n 
A 1 79  PRO 79  120 120 PRO PRO A . n 
A 1 80  ILE 80  121 121 ILE ILE A . n 
A 1 81  TYR 81  122 122 TYR TYR A . n 
A 1 82  ALA 82  123 123 ALA ALA A . n 
A 1 83  GLY 83  124 124 GLY GLY A . n 
A 1 84  THR 84  125 125 THR THR A . n 
A 1 85  SER 85  126 126 SER SER A . n 
A 1 86  GLU 86  127 127 GLU GLU A . n 
A 1 87  THR 87  128 128 THR THR A . n 
A 1 88  VAL 88  129 129 VAL VAL A . n 
A 1 89  LEU 89  130 130 LEU LEU A . n 
A 1 90  GLN 90  131 131 GLN GLN A . n 
A 1 91  LYS 91  132 132 LYS LYS A . n 
A 1 92  GLY 92  133 133 GLY GLY A . n 
A 1 93  SER 93  134 134 SER SER A . n 
A 1 94  GLY 94  135 135 GLY GLY A . n 
A 1 95  HIS 95  136 136 HIS HIS A . n 
A 1 96  LEU 96  137 137 LEU LEU A . n 
A 1 97  GLU 97  138 138 GLU GLU A . n 
A 1 98  GLY 98  139 139 GLY GLY A . n 
A 1 99  THR 99  140 140 THR THR A . n 
A 1 100 SER 100 141 141 SER SER A . n 
A 1 101 LEU 101 142 142 LEU LEU A . n 
A 1 102 PRO 102 143 143 PRO PRO A . n 
A 1 103 VAL 103 144 144 VAL VAL A . n 
A 1 104 GLY 104 145 145 GLY GLY A . n 
A 1 105 GLY 105 146 146 GLY GLY A . n 
A 1 106 LEU 106 147 147 LEU LEU A . n 
A 1 107 SER 107 148 148 SER SER A . n 
A 1 108 THR 108 149 149 THR THR A . n 
A 1 109 HIS 109 150 150 HIS HIS A . n 
A 1 110 SER 110 151 151 SER SER A . n 
A 1 111 VAL 111 152 152 VAL VAL A . n 
A 1 112 LEU 112 153 153 LEU LEU A . n 
A 1 113 THR 113 154 154 THR THR A . n 
A 1 114 ALA 114 155 155 ALA ALA A . n 
A 1 115 HIS 115 156 156 HIS HIS A . n 
A 1 116 ARG 116 157 157 ARG ARG A . n 
A 1 117 GLY 117 158 158 GLY GLY A . n 
A 1 118 LEU 118 159 159 LEU LEU A . n 
A 1 119 PRO 119 160 160 PRO PRO A . n 
A 1 120 THR 120 161 161 THR THR A . n 
A 1 121 ALA 121 162 162 ALA ALA A . n 
A 1 122 ARG 122 163 163 ARG ARG A . n 
A 1 123 LEU 123 164 164 LEU LEU A . n 
A 1 124 PHE 124 165 165 PHE PHE A . n 
A 1 125 THR 125 166 166 THR THR A . n 
A 1 126 ASP 126 167 167 ASP ASP A . n 
A 1 127 LEU 127 168 168 LEU LEU A . n 
A 1 128 ASN 128 169 169 ASN ASN A . n 
A 1 129 LYS 129 170 170 LYS LYS A . n 
A 1 130 VAL 130 171 171 VAL VAL A . n 
A 1 131 LYS 131 172 172 LYS LYS A . n 
A 1 132 LYS 132 173 173 LYS LYS A . n 
A 1 133 GLY 133 174 174 GLY GLY A . n 
A 1 134 GLN 134 175 175 GLN GLN A . n 
A 1 135 ILE 135 176 176 ILE ILE A . n 
A 1 136 PHE 136 177 177 PHE PHE A . n 
A 1 137 TYR 137 178 178 TYR TYR A . n 
A 1 138 VAL 138 179 179 VAL VAL A . n 
A 1 139 THR 139 180 180 THR THR A . n 
A 1 140 ASN 140 181 181 ASN ASN A . n 
A 1 141 ILE 141 182 182 ILE ILE A . n 
A 1 142 LYS 142 183 183 LYS LYS A . n 
A 1 143 GLU 143 184 184 GLU GLU A . n 
A 1 144 THR 144 185 185 THR THR A . n 
A 1 145 LEU 145 186 186 LEU LEU A . n 
A 1 146 ALA 146 187 187 ALA ALA A . n 
A 1 147 TYR 147 188 188 TYR TYR A . n 
A 1 148 LYS 148 189 189 LYS LYS A . n 
A 1 149 VAL 149 190 190 VAL VAL A . n 
A 1 150 VAL 150 191 191 VAL VAL A . n 
A 1 151 SER 151 192 192 SER SER A . n 
A 1 152 ILE 152 193 193 ILE ILE A . n 
A 1 153 LYS 153 194 194 LYS LYS A . n 
A 1 154 VAL 154 195 195 VAL VAL A . n 
A 1 155 VAL 155 196 196 VAL VAL A . n 
A 1 156 ASP 156 197 197 ASP ASP A . n 
A 1 157 PRO 157 198 198 PRO PRO A . n 
A 1 158 THR 158 199 199 THR THR A . n 
A 1 159 ALA 159 200 200 ALA ALA A . n 
A 1 160 LEU 160 201 201 LEU LEU A . n 
A 1 161 SER 161 202 202 SER SER A . n 
A 1 162 GLU 162 203 203 GLU GLU A . n 
A 1 163 VAL 163 204 204 VAL VAL A . n 
A 1 164 LYS 164 205 205 LYS LYS A . n 
A 1 165 ILE 165 206 206 ILE ILE A . n 
A 1 166 VAL 166 207 207 VAL VAL A . n 
A 1 167 ASN 167 208 208 ASN ASN A . n 
A 1 168 GLY 168 209 209 GLY GLY A . n 
A 1 169 LYS 169 210 210 LYS LYS A . n 
A 1 170 ASP 170 211 211 ASP ASP A . n 
A 1 171 TYR 171 212 212 TYR TYR A . n 
A 1 172 ILE 172 213 213 ILE ILE A . n 
A 1 173 THR 173 214 214 THR THR A . n 
A 1 174 LEU 174 215 215 LEU LEU A . n 
A 1 175 LEU 175 216 216 LEU LEU A . n 
A 1 176 THR 176 217 217 THR THR A . n 
A 1 177 CYS 177 218 218 CYS CYS A . n 
A 1 178 THR 178 219 219 THR THR A . n 
A 1 179 PRO 179 220 220 PRO PRO A . n 
A 1 180 TYR 180 221 221 TYR TYR A . n 
A 1 181 MET 181 222 222 MET MET A . n 
A 1 182 ILE 182 223 223 ILE ILE A . n 
A 1 183 ASN 183 224 224 ASN ASN A . n 
A 1 184 SER 184 225 225 SER SER A . n 
A 1 185 HIS 185 226 226 HIS HIS A . n 
A 1 186 ARG 186 227 227 ARG ARG A . n 
A 1 187 LEU 187 228 228 LEU LEU A . n 
A 1 188 LEU 188 229 229 LEU LEU A . n 
A 1 189 VAL 189 230 230 VAL VAL A . n 
A 1 190 LYS 190 231 231 LYS LYS A . n 
A 1 191 GLY 191 232 232 GLY GLY A . n 
A 1 192 GLU 192 233 233 GLU GLU A . n 
A 1 193 ARG 193 234 234 ARG ARG A . n 
A 1 194 ILE 194 235 235 ILE ILE A . n 
A 1 195 PRO 195 236 236 PRO PRO A . n 
A 1 196 TYR 196 237 ?   ?   ?   A . n 
A 1 197 ASP 197 238 ?   ?   ?   A . n 
A 1 198 SER 198 239 ?   ?   ?   A . n 
A 1 199 THR 199 240 ?   ?   ?   A . n 
A 1 200 GLU 200 241 ?   ?   ?   A . n 
A 1 201 ALA 201 242 ?   ?   ?   A . n 
A 1 202 GLU 202 243 ?   ?   ?   A . n 
A 1 203 LYS 203 244 ?   ?   ?   A . n 
A 1 204 HIS 204 245 ?   ?   ?   A . n 
A 1 205 LYS 205 246 ?   ?   ?   A . n 
A 1 206 GLU 206 247 ?   ?   ?   A . n 
A 1 207 GLN 207 248 ?   ?   ?   A . n 
A 1 208 THR 208 249 ?   ?   ?   A . n 
A 1 209 VAL 209 250 ?   ?   ?   A . n 
A 1 210 GLN 210 251 ?   ?   ?   A . n 
A 1 211 ASP 211 252 ?   ?   ?   A . n 
A 1 212 TYR 212 253 ?   ?   ?   A . n 
A 1 213 ARG 213 254 ?   ?   ?   A . n 
A 1 214 LEU 214 255 ?   ?   ?   A . n 
A 1 215 SER 215 256 ?   ?   ?   A . n 
# 
loop_
_pdbx_nonpoly_scheme.asym_id 
_pdbx_nonpoly_scheme.entity_id 
_pdbx_nonpoly_scheme.mon_id 
_pdbx_nonpoly_scheme.ndb_seq_num 
_pdbx_nonpoly_scheme.pdb_seq_num 
_pdbx_nonpoly_scheme.auth_seq_num 
_pdbx_nonpoly_scheme.pdb_mon_id 
_pdbx_nonpoly_scheme.auth_mon_id 
_pdbx_nonpoly_scheme.pdb_strand_id 
_pdbx_nonpoly_scheme.pdb_ins_code 
B 2 CA  1  301 1   CA  CA  A . 
C 3 HOH 1  401 2   HOH HOH A . 
C 3 HOH 2  402 3   HOH HOH A . 
C 3 HOH 3  403 4   HOH HOH A . 
C 3 HOH 4  404 5   HOH HOH A . 
C 3 HOH 5  405 6   HOH HOH A . 
C 3 HOH 6  406 7   HOH HOH A . 
C 3 HOH 7  407 8   HOH HOH A . 
C 3 HOH 8  408 9   HOH HOH A . 
C 3 HOH 9  409 10  HOH HOH A . 
C 3 HOH 10 410 11  HOH HOH A . 
C 3 HOH 11 411 12  HOH HOH A . 
C 3 HOH 12 412 13  HOH HOH A . 
C 3 HOH 13 413 14  HOH HOH A . 
C 3 HOH 14 414 15  HOH HOH A . 
C 3 HOH 15 415 16  HOH HOH A . 
C 3 HOH 16 416 17  HOH HOH A . 
C 3 HOH 17 417 18  HOH HOH A . 
C 3 HOH 18 418 19  HOH HOH A . 
C 3 HOH 19 419 20  HOH HOH A . 
C 3 HOH 20 420 22  HOH HOH A . 
C 3 HOH 21 421 23  HOH HOH A . 
C 3 HOH 22 422 24  HOH HOH A . 
C 3 HOH 23 423 25  HOH HOH A . 
C 3 HOH 24 424 26  HOH HOH A . 
C 3 HOH 25 425 27  HOH HOH A . 
C 3 HOH 26 426 28  HOH HOH A . 
C 3 HOH 27 427 29  HOH HOH A . 
C 3 HOH 28 428 30  HOH HOH A . 
C 3 HOH 29 429 31  HOH HOH A . 
C 3 HOH 30 430 32  HOH HOH A . 
C 3 HOH 31 431 33  HOH HOH A . 
C 3 HOH 32 432 34  HOH HOH A . 
C 3 HOH 33 433 35  HOH HOH A . 
C 3 HOH 34 434 36  HOH HOH A . 
C 3 HOH 35 435 37  HOH HOH A . 
C 3 HOH 36 436 38  HOH HOH A . 
C 3 HOH 37 437 39  HOH HOH A . 
C 3 HOH 38 438 40  HOH HOH A . 
C 3 HOH 39 439 41  HOH HOH A . 
C 3 HOH 40 440 257 HOH HOH A . 
C 3 HOH 41 441 258 HOH HOH A . 
C 3 HOH 42 442 259 HOH HOH A . 
C 3 HOH 43 443 260 HOH HOH A . 
C 3 HOH 44 444 261 HOH HOH A . 
C 3 HOH 45 445 262 HOH HOH A . 
C 3 HOH 46 446 263 HOH HOH A . 
C 3 HOH 47 447 264 HOH HOH A . 
C 3 HOH 48 448 265 HOH HOH A . 
C 3 HOH 49 449 266 HOH HOH A . 
C 3 HOH 50 450 267 HOH HOH A . 
C 3 HOH 51 451 268 HOH HOH A . 
C 3 HOH 52 452 269 HOH HOH A . 
C 3 HOH 53 453 270 HOH HOH A . 
C 3 HOH 54 454 271 HOH HOH A . 
C 3 HOH 55 455 272 HOH HOH A . 
C 3 HOH 56 456 273 HOH HOH A . 
C 3 HOH 57 457 274 HOH HOH A . 
C 3 HOH 58 458 275 HOH HOH A . 
C 3 HOH 59 459 276 HOH HOH A . 
C 3 HOH 60 460 277 HOH HOH A . 
C 3 HOH 61 461 278 HOH HOH A . 
C 3 HOH 62 462 279 HOH HOH A . 
C 3 HOH 63 463 280 HOH HOH A . 
C 3 HOH 64 464 281 HOH HOH A . 
C 3 HOH 65 465 282 HOH HOH A . 
C 3 HOH 66 466 283 HOH HOH A . 
C 3 HOH 67 467 284 HOH HOH A . 
C 3 HOH 68 468 285 HOH HOH A . 
C 3 HOH 69 469 286 HOH HOH A . 
C 3 HOH 70 470 287 HOH HOH A . 
C 3 HOH 71 471 288 HOH HOH A . 
C 3 HOH 72 472 289 HOH HOH A . 
C 3 HOH 73 473 290 HOH HOH A . 
C 3 HOH 74 474 291 HOH HOH A . 
C 3 HOH 75 475 292 HOH HOH A . 
C 3 HOH 76 476 293 HOH HOH A . 
C 3 HOH 77 477 294 HOH HOH A . 
C 3 HOH 78 478 295 HOH HOH A . 
C 3 HOH 79 479 296 HOH HOH A . 
C 3 HOH 80 480 297 HOH HOH A . 
C 3 HOH 81 481 298 HOH HOH A . 
C 3 HOH 82 482 299 HOH HOH A . 
C 3 HOH 83 483 300 HOH HOH A . 
C 3 HOH 84 484 301 HOH HOH A . 
C 3 HOH 85 485 302 HOH HOH A . 
C 3 HOH 86 486 303 HOH HOH A . 
C 3 HOH 87 487 304 HOH HOH A . 
C 3 HOH 88 488 305 HOH HOH A . 
C 3 HOH 89 489 306 HOH HOH A . 
C 3 HOH 90 490 307 HOH HOH A . 
C 3 HOH 91 491 308 HOH HOH A . 
# 
loop_
_software.name 
_software.classification 
_software.version 
_software.citation_id 
_software.pdbx_ordinal 
PHENIX   refinement       '(PHENIX.REFINE: 1.6.4_486)' ? 1 
HKL-2000 'data reduction' .                            ? 2 
HKL-2000 'data scaling'   .                            ? 3 
# 
_cell.entry_id           4G1H 
_cell.length_a           60.435 
_cell.length_b           60.435 
_cell.length_c           102.242 
_cell.angle_alpha        90.00 
_cell.angle_beta         90.00 
_cell.angle_gamma        90.00 
_cell.Z_PDB              8 
_cell.pdbx_unique_axis   ? 
_cell.length_a_esd       ? 
_cell.length_b_esd       ? 
_cell.length_c_esd       ? 
_cell.angle_alpha_esd    ? 
_cell.angle_beta_esd     ? 
_cell.angle_gamma_esd    ? 
# 
_symmetry.entry_id                         4G1H 
_symmetry.space_group_name_H-M             'P 41 21 2' 
_symmetry.pdbx_full_space_group_name_H-M   ? 
_symmetry.cell_setting                     ? 
_symmetry.Int_Tables_number                92 
_symmetry.space_group_name_Hall            ? 
# 
_exptl.entry_id          4G1H 
_exptl.method            'X-RAY DIFFRACTION' 
_exptl.crystals_number   1 
# 
_exptl_crystal.id                    1 
_exptl_crystal.density_meas          ? 
_exptl_crystal.density_Matthews      1.94 
_exptl_crystal.density_percent_sol   36.71 
_exptl_crystal.description           ? 
_exptl_crystal.F_000                 ? 
_exptl_crystal.preparation           ? 
# 
_diffrn.id                     1 
_diffrn.ambient_temp           100 
_diffrn.ambient_temp_details   ? 
_diffrn.crystal_id             1 
# 
_diffrn_detector.diffrn_id              1 
_diffrn_detector.detector               CCD 
_diffrn_detector.type                   'ADSC QUANTUM 315' 
_diffrn_detector.pdbx_collection_date   2010-10-18 
_diffrn_detector.details                ? 
# 
_diffrn_radiation.diffrn_id                        1 
_diffrn_radiation.wavelength_id                    1 
_diffrn_radiation.pdbx_monochromatic_or_laue_m_l   M 
_diffrn_radiation.monochromator                    'DOUBLE FLAT CRYSTAL, SI(111)' 
_diffrn_radiation.pdbx_diffrn_protocol             'SINGLE WAVELENGTH' 
_diffrn_radiation.pdbx_scattering_type             x-ray 
# 
_diffrn_radiation_wavelength.id           1 
_diffrn_radiation_wavelength.wavelength   1.115889 
_diffrn_radiation_wavelength.wt           1.0 
# 
_diffrn_source.diffrn_id                   1 
_diffrn_source.source                      SYNCHROTRON 
_diffrn_source.type                        'ALS BEAMLINE 8.3.1' 
_diffrn_source.pdbx_synchrotron_site       ALS 
_diffrn_source.pdbx_synchrotron_beamline   8.3.1 
_diffrn_source.pdbx_wavelength             ? 
_diffrn_source.pdbx_wavelength_list        1.115889 
# 
_reflns.entry_id                     4G1H 
_reflns.observed_criterion_sigma_I   ? 
_reflns.observed_criterion_sigma_F   ? 
_reflns.d_resolution_low             30.22 
_reflns.d_resolution_high            1.800 
_reflns.number_obs                   17711 
_reflns.number_all                   ? 
_reflns.percent_possible_obs         ? 
_reflns.pdbx_netI_over_sigmaI        ? 
_reflns.B_iso_Wilson_estimate        27.14 
_reflns.pdbx_redundancy              ? 
_reflns.R_free_details               ? 
_reflns.limit_h_max                  ? 
_reflns.limit_h_min                  ? 
_reflns.limit_k_max                  ? 
_reflns.limit_k_min                  ? 
_reflns.limit_l_max                  ? 
_reflns.limit_l_min                  ? 
_reflns.observed_criterion_F_max     ? 
_reflns.observed_criterion_F_min     ? 
_reflns.pdbx_chi_squared             ? 
_reflns.pdbx_scaling_rejects         ? 
_reflns.pdbx_Rmerge_I_obs            ? 
_reflns.pdbx_Rsym_value              ? 
_reflns.pdbx_ordinal                 1 
_reflns.pdbx_diffrn_id               1 
# 
_refine.entry_id                                 4G1H 
_refine.ls_number_reflns_obs                     17187 
_refine.ls_number_reflns_all                     ? 
_refine.pdbx_ls_sigma_I                          ? 
_refine.pdbx_ls_sigma_F                          0.000 
_refine.pdbx_data_cutoff_high_absF               ? 
_refine.pdbx_data_cutoff_low_absF                ? 
_refine.pdbx_data_cutoff_high_rms_absF           ? 
_refine.ls_d_res_low                             30.22 
_refine.ls_d_res_high                            1.80 
_refine.ls_percent_reflns_obs                    94.3 
_refine.ls_R_factor_obs                          0.216 
_refine.ls_R_factor_R_work                       0.212 
_refine.ls_R_factor_R_free                       0.251 
_refine.ls_R_factor_R_free_error                 ? 
_refine.ls_R_factor_R_free_error_details         ? 
_refine.ls_percent_reflns_R_free                 9.980 
_refine.ls_number_reflns_R_free                  1716 
_refine.ls_number_parameters                     ? 
_refine.ls_number_restraints                     ? 
_refine.occupancy_min                            ? 
_refine.occupancy_max                            ? 
_refine.correlation_coeff_Fo_to_Fc               ? 
_refine.correlation_coeff_Fo_to_Fc_free          ? 
_refine.B_iso_mean                               31.98 
_refine.aniso_B[1][1]                            -5.17350 
_refine.aniso_B[2][2]                            -5.17350 
_refine.aniso_B[3][3]                            10.34700 
_refine.aniso_B[1][2]                            -0.00000 
_refine.aniso_B[1][3]                            -0.00000 
_refine.aniso_B[2][3]                            0.00000 
_refine.solvent_model_details                    'FLAT BULK SOLVENT MODEL' 
_refine.solvent_model_param_ksol                 0.34 
_refine.solvent_model_param_bsol                 39.64 
_refine.pdbx_solvent_vdw_probe_radii             1.11 
_refine.pdbx_solvent_ion_probe_radii             ? 
_refine.pdbx_solvent_shrinkage_radii             0.90 
_refine.pdbx_ls_cross_valid_method               ? 
_refine.details                                  ? 
_refine.pdbx_starting_model                      ? 
_refine.pdbx_method_to_determine_struct          'MOLECULAR REPLACEMENT' 
_refine.pdbx_isotropic_thermal_model             ? 
_refine.pdbx_stereochemistry_target_values       ML 
_refine.pdbx_stereochem_target_val_spec_case     ? 
_refine.pdbx_R_Free_selection_details            ? 
_refine.pdbx_overall_ESU_R                       ? 
_refine.pdbx_overall_ESU_R_Free                  ? 
_refine.overall_SU_ML                            0.210 
_refine.pdbx_overall_phase_error                 ? 
_refine.overall_SU_B                             ? 
_refine.overall_SU_R_Cruickshank_DPI             ? 
_refine.ls_redundancy_reflns_obs                 ? 
_refine.B_iso_min                                ? 
_refine.B_iso_max                                ? 
_refine.overall_SU_R_free                        ? 
_refine.ls_wR_factor_R_free                      ? 
_refine.ls_wR_factor_R_work                      ? 
_refine.overall_FOM_free_R_set                   ? 
_refine.overall_FOM_work_R_set                   ? 
_refine.ls_R_factor_all                          ? 
_refine.pdbx_diffrn_id                           1 
_refine.pdbx_refine_id                           'X-RAY DIFFRACTION' 
_refine.pdbx_TLS_residual_ADP_flag               ? 
_refine.pdbx_overall_SU_R_free_Cruickshank_DPI   ? 
_refine.pdbx_overall_SU_R_Blow_DPI               ? 
_refine.pdbx_overall_SU_R_free_Blow_DPI          ? 
# 
_refine_hist.pdbx_refine_id                   'X-RAY DIFFRACTION' 
_refine_hist.cycle_id                         LAST 
_refine_hist.pdbx_number_atoms_protein        1364 
_refine_hist.pdbx_number_atoms_nucleic_acid   0 
_refine_hist.pdbx_number_atoms_ligand         1 
_refine_hist.number_atoms_solvent             91 
_refine_hist.number_atoms_total               1456 
_refine_hist.d_res_high                       1.80 
_refine_hist.d_res_low                        30.22 
# 
loop_
_refine_ls_restr.type 
_refine_ls_restr.dev_ideal 
_refine_ls_restr.dev_ideal_target 
_refine_ls_restr.weight 
_refine_ls_restr.number 
_refine_ls_restr.pdbx_restraint_function 
_refine_ls_restr.pdbx_refine_id 
f_bond_d           0.007  ? ? 1393 ? 'X-RAY DIFFRACTION' 
f_angle_d          1.088  ? ? 1894 ? 'X-RAY DIFFRACTION' 
f_dihedral_angle_d 11.595 ? ? 521  ? 'X-RAY DIFFRACTION' 
f_chiral_restr     0.070  ? ? 233  ? 'X-RAY DIFFRACTION' 
f_plane_restr      0.004  ? ? 237  ? 'X-RAY DIFFRACTION' 
# 
loop_
_refine_ls_shell.pdbx_total_number_of_bins_used 
_refine_ls_shell.d_res_high 
_refine_ls_shell.d_res_low 
_refine_ls_shell.number_reflns_R_work 
_refine_ls_shell.R_factor_R_work 
_refine_ls_shell.percent_reflns_obs 
_refine_ls_shell.R_factor_R_free 
_refine_ls_shell.R_factor_R_free_error 
_refine_ls_shell.percent_reflns_R_free 
_refine_ls_shell.number_reflns_R_free 
_refine_ls_shell.number_reflns_all 
_refine_ls_shell.R_factor_all 
_refine_ls_shell.number_reflns_obs 
_refine_ls_shell.redundancy_reflns_obs 
_refine_ls_shell.pdbx_refine_id 
. 1.80   1.8650 1197 0.2945 75.00  0.3241 . . 133 . . . . 'X-RAY DIFFRACTION' 
. 1.8650 1.9397 1411 0.2541 88.00  0.2945 . . 159 . . . . 'X-RAY DIFFRACTION' 
. 1.9397 2.0279 1477 0.2345 92.00  0.2910 . . 160 . . . . 'X-RAY DIFFRACTION' 
. 2.0279 2.1348 1535 0.2292 95.00  0.2729 . . 168 . . . . 'X-RAY DIFFRACTION' 
. 2.1348 2.2685 1571 0.2241 98.00  0.2930 . . 174 . . . . 'X-RAY DIFFRACTION' 
. 2.2685 2.4436 1589 0.2191 98.00  0.2640 . . 180 . . . . 'X-RAY DIFFRACTION' 
. 2.4436 2.6894 1622 0.2291 99.00  0.3073 . . 179 . . . . 'X-RAY DIFFRACTION' 
. 2.6894 3.0782 1642 0.2373 100.00 0.2761 . . 182 . . . . 'X-RAY DIFFRACTION' 
. 3.0782 3.8770 1668 0.2015 100.00 0.2372 . . 185 . . . . 'X-RAY DIFFRACTION' 
. 3.8770 30.22  1759 0.1827 99.00  0.2003 . . 196 . . . . 'X-RAY DIFFRACTION' 
# 
_struct.entry_id                  4G1H 
_struct.title                     'Group B Streptococcus Pilus Island 1 Sortase C2' 
_struct.pdbx_model_details        ? 
_struct.pdbx_CASP_flag            ? 
_struct.pdbx_model_type_details   ? 
# 
_struct_keywords.entry_id        4G1H 
_struct_keywords.pdbx_keywords   TRANSFERASE 
_struct_keywords.text            'CYSTEINE PROTEASE, EXTRACELLULAR, TRANSFERASE' 
# 
loop_
_struct_asym.id 
_struct_asym.pdbx_blank_PDB_chainid_flag 
_struct_asym.pdbx_modified 
_struct_asym.entity_id 
_struct_asym.details 
A N N 1 ? 
B N N 2 ? 
C N N 3 ? 
# 
_struct_ref.id                         1 
_struct_ref.db_name                    UNP 
_struct_ref.db_code                    Q8E0S6_STRA5 
_struct_ref.entity_id                  1 
_struct_ref.pdbx_seq_one_letter_code   
;ASHQNINQFKREVAKIDTNTVERRIALANAYNETLSRNPLLIDPFTSKQKEGLREYARMLEVHEQIGHVAIPSIGVDIPI
YAGTSETVLQKGSGHLEGTSLPVGGLSTHSVLTAHRGLPTARLFTDLNKVKKGQIFYVTNIKETLAYKVVSIKVVDPTAL
SEVKIVNGKDYITLLTCTPYMINSHRLLVKGERIPYDSTEAEKHKEQTVQDYRLS
;
_struct_ref.pdbx_align_begin           19 
_struct_ref.pdbx_db_accession          Q8E0S6 
_struct_ref.pdbx_db_isoform            ? 
# 
_struct_ref_seq.align_id                      1 
_struct_ref_seq.ref_id                        1 
_struct_ref_seq.pdbx_PDB_id_code              4G1H 
_struct_ref_seq.pdbx_strand_id                A 
_struct_ref_seq.seq_align_beg                 1 
_struct_ref_seq.pdbx_seq_align_beg_ins_code   ? 
_struct_ref_seq.seq_align_end                 215 
_struct_ref_seq.pdbx_seq_align_end_ins_code   ? 
_struct_ref_seq.pdbx_db_accession             Q8E0S6 
_struct_ref_seq.db_align_beg                  19 
_struct_ref_seq.pdbx_db_align_beg_ins_code    ? 
_struct_ref_seq.db_align_end                  233 
_struct_ref_seq.pdbx_db_align_end_ins_code    ? 
_struct_ref_seq.pdbx_auth_seq_align_beg       42 
_struct_ref_seq.pdbx_auth_seq_align_end       256 
# 
_pdbx_struct_assembly.id                   1 
_pdbx_struct_assembly.details              author_and_software_defined_assembly 
_pdbx_struct_assembly.method_details       PISA 
_pdbx_struct_assembly.oligomeric_details   monomeric 
_pdbx_struct_assembly.oligomeric_count     1 
# 
_pdbx_struct_assembly_gen.assembly_id       1 
_pdbx_struct_assembly_gen.oper_expression   1 
_pdbx_struct_assembly_gen.asym_id_list      A,B,C 
# 
_pdbx_struct_oper_list.id                   1 
_pdbx_struct_oper_list.type                 'identity operation' 
_pdbx_struct_oper_list.name                 1_555 
_pdbx_struct_oper_list.symmetry_operation   x,y,z 
_pdbx_struct_oper_list.matrix[1][1]         1.0000000000 
_pdbx_struct_oper_list.matrix[1][2]         0.0000000000 
_pdbx_struct_oper_list.matrix[1][3]         0.0000000000 
_pdbx_struct_oper_list.vector[1]            0.0000000000 
_pdbx_struct_oper_list.matrix[2][1]         0.0000000000 
_pdbx_struct_oper_list.matrix[2][2]         1.0000000000 
_pdbx_struct_oper_list.matrix[2][3]         0.0000000000 
_pdbx_struct_oper_list.vector[2]            0.0000000000 
_pdbx_struct_oper_list.matrix[3][1]         0.0000000000 
_pdbx_struct_oper_list.matrix[3][2]         0.0000000000 
_pdbx_struct_oper_list.matrix[3][3]         1.0000000000 
_pdbx_struct_oper_list.vector[3]            0.0000000000 
# 
_struct_biol.id        1 
_struct_biol.details   ? 
# 
loop_
_struct_conf.conf_type_id 
_struct_conf.id 
_struct_conf.pdbx_PDB_helix_id 
_struct_conf.beg_label_comp_id 
_struct_conf.beg_label_asym_id 
_struct_conf.beg_label_seq_id 
_struct_conf.pdbx_beg_PDB_ins_code 
_struct_conf.end_label_comp_id 
_struct_conf.end_label_asym_id 
_struct_conf.end_label_seq_id 
_struct_conf.pdbx_end_PDB_ins_code 
_struct_conf.beg_auth_comp_id 
_struct_conf.beg_auth_asym_id 
_struct_conf.beg_auth_seq_id 
_struct_conf.end_auth_comp_id 
_struct_conf.end_auth_asym_id 
_struct_conf.end_auth_seq_id 
_struct_conf.pdbx_PDB_helix_class 
_struct_conf.details 
_struct_conf.pdbx_PDB_helix_length 
HELX_P HELX_P1 1 ASP A 17  ? GLU A 33  ? ASP A 58  GLU A 74  1 ? 17 
HELX_P HELX_P2 2 ALA A 57  ? GLU A 61  ? ALA A 98  GLU A 102 5 ? 5  
HELX_P HELX_P3 3 PRO A 72  ? GLY A 75  ? PRO A 113 GLY A 116 5 ? 4  
HELX_P HELX_P4 4 SER A 85  ? GLY A 92  ? SER A 126 GLY A 133 1 ? 8  
HELX_P HELX_P5 5 ASP A 126 ? VAL A 130 ? ASP A 167 VAL A 171 5 ? 5  
HELX_P HELX_P6 6 ASP A 156 ? VAL A 163 ? ASP A 197 VAL A 204 5 ? 8  
# 
_struct_conf_type.id          HELX_P 
_struct_conf_type.criteria    ? 
_struct_conf_type.reference   ? 
# 
_struct_conn.id                            metalc1 
_struct_conn.conn_type_id                  metalc 
_struct_conn.pdbx_leaving_atom_flag        ? 
_struct_conn.pdbx_PDB_id                   ? 
_struct_conn.ptnr1_label_asym_id           B 
_struct_conn.ptnr1_label_comp_id           CA 
_struct_conn.ptnr1_label_seq_id            . 
_struct_conn.ptnr1_label_atom_id           CA 
_struct_conn.pdbx_ptnr1_label_alt_id       ? 
_struct_conn.pdbx_ptnr1_PDB_ins_code       ? 
_struct_conn.pdbx_ptnr1_standard_comp_id   ? 
_struct_conn.ptnr1_symmetry                1_555 
_struct_conn.ptnr2_label_asym_id           C 
_struct_conn.ptnr2_label_comp_id           HOH 
_struct_conn.ptnr2_label_seq_id            . 
_struct_conn.ptnr2_label_atom_id           O 
_struct_conn.pdbx_ptnr2_label_alt_id       ? 
_struct_conn.pdbx_ptnr2_PDB_ins_code       ? 
_struct_conn.ptnr1_auth_asym_id            A 
_struct_conn.ptnr1_auth_comp_id            CA 
_struct_conn.ptnr1_auth_seq_id             301 
_struct_conn.ptnr2_auth_asym_id            A 
_struct_conn.ptnr2_auth_comp_id            HOH 
_struct_conn.ptnr2_auth_seq_id             421 
_struct_conn.ptnr2_symmetry                1_555 
_struct_conn.pdbx_ptnr3_label_atom_id      ? 
_struct_conn.pdbx_ptnr3_label_seq_id       ? 
_struct_conn.pdbx_ptnr3_label_comp_id      ? 
_struct_conn.pdbx_ptnr3_label_asym_id      ? 
_struct_conn.pdbx_ptnr3_label_alt_id       ? 
_struct_conn.pdbx_ptnr3_PDB_ins_code       ? 
_struct_conn.details                       ? 
_struct_conn.pdbx_dist_value               3.137 
_struct_conn.pdbx_value_order              ? 
_struct_conn.pdbx_role                     ? 
# 
_struct_conn_type.id          metalc 
_struct_conn_type.criteria    ? 
_struct_conn_type.reference   ? 
# 
_struct_mon_prot_cis.pdbx_id                1 
_struct_mon_prot_cis.label_comp_id          THR 
_struct_mon_prot_cis.label_seq_id           178 
_struct_mon_prot_cis.label_asym_id          A 
_struct_mon_prot_cis.label_alt_id           . 
_struct_mon_prot_cis.pdbx_PDB_ins_code      ? 
_struct_mon_prot_cis.auth_comp_id           THR 
_struct_mon_prot_cis.auth_seq_id            219 
_struct_mon_prot_cis.auth_asym_id           A 
_struct_mon_prot_cis.pdbx_label_comp_id_2   PRO 
_struct_mon_prot_cis.pdbx_label_seq_id_2    179 
_struct_mon_prot_cis.pdbx_label_asym_id_2   A 
_struct_mon_prot_cis.pdbx_PDB_ins_code_2    ? 
_struct_mon_prot_cis.pdbx_auth_comp_id_2    PRO 
_struct_mon_prot_cis.pdbx_auth_seq_id_2     220 
_struct_mon_prot_cis.pdbx_auth_asym_id_2    A 
_struct_mon_prot_cis.pdbx_PDB_model_num     1 
_struct_mon_prot_cis.pdbx_omega_angle       -6.81 
# 
_struct_sheet.id               A 
_struct_sheet.type             ? 
_struct_sheet.number_strands   9 
_struct_sheet.details          ? 
# 
loop_
_struct_sheet_order.sheet_id 
_struct_sheet_order.range_id_1 
_struct_sheet_order.range_id_2 
_struct_sheet_order.offset 
_struct_sheet_order.sense 
A 1 2 ? anti-parallel 
A 2 3 ? parallel      
A 3 4 ? anti-parallel 
A 4 5 ? parallel      
A 5 6 ? anti-parallel 
A 6 7 ? anti-parallel 
A 7 8 ? anti-parallel 
A 8 9 ? anti-parallel 
# 
loop_
_struct_sheet_range.sheet_id 
_struct_sheet_range.id 
_struct_sheet_range.beg_label_comp_id 
_struct_sheet_range.beg_label_asym_id 
_struct_sheet_range.beg_label_seq_id 
_struct_sheet_range.pdbx_beg_PDB_ins_code 
_struct_sheet_range.end_label_comp_id 
_struct_sheet_range.end_label_asym_id 
_struct_sheet_range.end_label_seq_id 
_struct_sheet_range.pdbx_end_PDB_ins_code 
_struct_sheet_range.beg_auth_comp_id 
_struct_sheet_range.beg_auth_asym_id 
_struct_sheet_range.beg_auth_seq_id 
_struct_sheet_range.end_auth_comp_id 
_struct_sheet_range.end_auth_asym_id 
_struct_sheet_range.end_auth_seq_id 
A 1 GLY A 67  ? ILE A 71  ? GLY A 108 ILE A 112 
A 2 VAL A 76  ? ALA A 82  ? VAL A 117 ALA A 123 
A 3 SER A 93  ? HIS A 95  ? SER A 134 HIS A 136 
A 4 THR A 108 ? THR A 113 ? THR A 149 THR A 154 
A 5 ASP A 170 ? THR A 178 ? ASP A 211 THR A 219 
A 6 HIS A 185 ? ARG A 193 ? HIS A 226 ARG A 234 
A 7 THR A 144 ? VAL A 155 ? THR A 185 VAL A 196 
A 8 ILE A 135 ? THR A 139 ? ILE A 176 THR A 180 
A 9 GLY A 67  ? ILE A 71  ? GLY A 108 ILE A 112 
# 
loop_
_pdbx_struct_sheet_hbond.sheet_id 
_pdbx_struct_sheet_hbond.range_id_1 
_pdbx_struct_sheet_hbond.range_id_2 
_pdbx_struct_sheet_hbond.range_1_label_atom_id 
_pdbx_struct_sheet_hbond.range_1_label_comp_id 
_pdbx_struct_sheet_hbond.range_1_label_asym_id 
_pdbx_struct_sheet_hbond.range_1_label_seq_id 
_pdbx_struct_sheet_hbond.range_1_PDB_ins_code 
_pdbx_struct_sheet_hbond.range_1_auth_atom_id 
_pdbx_struct_sheet_hbond.range_1_auth_comp_id 
_pdbx_struct_sheet_hbond.range_1_auth_asym_id 
_pdbx_struct_sheet_hbond.range_1_auth_seq_id 
_pdbx_struct_sheet_hbond.range_2_label_atom_id 
_pdbx_struct_sheet_hbond.range_2_label_comp_id 
_pdbx_struct_sheet_hbond.range_2_label_asym_id 
_pdbx_struct_sheet_hbond.range_2_label_seq_id 
_pdbx_struct_sheet_hbond.range_2_PDB_ins_code 
_pdbx_struct_sheet_hbond.range_2_auth_atom_id 
_pdbx_struct_sheet_hbond.range_2_auth_comp_id 
_pdbx_struct_sheet_hbond.range_2_auth_asym_id 
_pdbx_struct_sheet_hbond.range_2_auth_seq_id 
A 1 2 N GLY A 67  ? N GLY A 108 O ILE A 80  ? O ILE A 121 
A 2 3 N PRO A 79  ? N PRO A 120 O SER A 93  ? O SER A 134 
A 3 4 N GLY A 94  ? N GLY A 135 O THR A 113 ? O THR A 154 
A 4 5 N LEU A 112 ? N LEU A 153 O LEU A 175 ? O LEU A 216 
A 5 6 N THR A 178 ? N THR A 219 O HIS A 185 ? O HIS A 226 
A 6 7 O LEU A 188 ? O LEU A 229 N LYS A 153 ? N LYS A 194 
A 7 8 O LEU A 145 ? O LEU A 186 N VAL A 138 ? N VAL A 179 
A 8 9 O TYR A 137 ? O TYR A 178 N ALA A 70  ? N ALA A 111 
# 
_struct_site.id                   AC1 
_struct_site.pdbx_evidence_code   Software 
_struct_site.pdbx_auth_asym_id    A 
_struct_site.pdbx_auth_comp_id    CA 
_struct_site.pdbx_auth_seq_id     301 
_struct_site.pdbx_auth_ins_code   ? 
_struct_site.pdbx_num_residues    3 
_struct_site.details              'BINDING SITE FOR RESIDUE CA A 301' 
# 
loop_
_struct_site_gen.id 
_struct_site_gen.site_id 
_struct_site_gen.pdbx_num_res 
_struct_site_gen.label_comp_id 
_struct_site_gen.label_asym_id 
_struct_site_gen.label_seq_id 
_struct_site_gen.pdbx_auth_ins_code 
_struct_site_gen.auth_comp_id 
_struct_site_gen.auth_asym_id 
_struct_site_gen.auth_seq_id 
_struct_site_gen.label_atom_id 
_struct_site_gen.label_alt_id 
_struct_site_gen.symmetry 
_struct_site_gen.details 
1 AC1 3 ARG A 54 ? ARG A 95 . ? 1_555 ? 
2 AC1 3 GLU A 55 ? GLU A 96 . ? 1_555 ? 
3 AC1 3 TYR A 56 ? TYR A 97 . ? 1_555 ? 
# 
_pdbx_validate_symm_contact.id                1 
_pdbx_validate_symm_contact.PDB_model_num     1 
_pdbx_validate_symm_contact.auth_atom_id_1    OH 
_pdbx_validate_symm_contact.auth_asym_id_1    A 
_pdbx_validate_symm_contact.auth_comp_id_1    TYR 
_pdbx_validate_symm_contact.auth_seq_id_1     178 
_pdbx_validate_symm_contact.PDB_ins_code_1    ? 
_pdbx_validate_symm_contact.label_alt_id_1    ? 
_pdbx_validate_symm_contact.site_symmetry_1   1_555 
_pdbx_validate_symm_contact.auth_atom_id_2    OH 
_pdbx_validate_symm_contact.auth_asym_id_2    A 
_pdbx_validate_symm_contact.auth_comp_id_2    TYR 
_pdbx_validate_symm_contact.auth_seq_id_2     178 
_pdbx_validate_symm_contact.PDB_ins_code_2    ? 
_pdbx_validate_symm_contact.label_alt_id_2    ? 
_pdbx_validate_symm_contact.site_symmetry_2   8_665 
_pdbx_validate_symm_contact.dist              1.97 
# 
loop_
_pdbx_validate_torsion.id 
_pdbx_validate_torsion.PDB_model_num 
_pdbx_validate_torsion.auth_comp_id 
_pdbx_validate_torsion.auth_asym_id 
_pdbx_validate_torsion.auth_seq_id 
_pdbx_validate_torsion.PDB_ins_code 
_pdbx_validate_torsion.label_alt_id 
_pdbx_validate_torsion.phi 
_pdbx_validate_torsion.psi 
1 1 GLU A 105 ? ? 72.63 -0.12   
2 1 LEU A 164 ? ? 45.88 -122.62 
# 
loop_
_pdbx_unobs_or_zero_occ_residues.id 
_pdbx_unobs_or_zero_occ_residues.PDB_model_num 
_pdbx_unobs_or_zero_occ_residues.polymer_flag 
_pdbx_unobs_or_zero_occ_residues.occupancy_flag 
_pdbx_unobs_or_zero_occ_residues.auth_asym_id 
_pdbx_unobs_or_zero_occ_residues.auth_comp_id 
_pdbx_unobs_or_zero_occ_residues.auth_seq_id 
_pdbx_unobs_or_zero_occ_residues.PDB_ins_code 
_pdbx_unobs_or_zero_occ_residues.label_asym_id 
_pdbx_unobs_or_zero_occ_residues.label_comp_id 
_pdbx_unobs_or_zero_occ_residues.label_seq_id 
1  1 Y 1 A ALA 42  ? A ALA 1   
2  1 Y 1 A SER 43  ? A SER 2   
3  1 Y 1 A HIS 44  ? A HIS 3   
4  1 Y 1 A GLN 45  ? A GLN 4   
5  1 Y 1 A ASN 46  ? A ASN 5   
6  1 Y 1 A ILE 47  ? A ILE 6   
7  1 Y 1 A ASN 48  ? A ASN 7   
8  1 Y 1 A GLN 49  ? A GLN 8   
9  1 Y 1 A PHE 50  ? A PHE 9   
10 1 Y 1 A LYS 51  ? A LYS 10  
11 1 Y 1 A ARG 52  ? A ARG 11  
12 1 Y 1 A GLU 53  ? A GLU 12  
13 1 Y 1 A VAL 54  ? A VAL 13  
14 1 Y 1 A ALA 55  ? A ALA 14  
15 1 Y 1 A LYS 56  ? A LYS 15  
16 1 Y 1 A GLN 90  ? A GLN 49  
17 1 Y 1 A LYS 91  ? A LYS 50  
18 1 Y 1 A GLU 92  ? A GLU 51  
19 1 Y 1 A GLY 93  ? A GLY 52  
20 1 Y 1 A TYR 237 ? A TYR 196 
21 1 Y 1 A ASP 238 ? A ASP 197 
22 1 Y 1 A SER 239 ? A SER 198 
23 1 Y 1 A THR 240 ? A THR 199 
24 1 Y 1 A GLU 241 ? A GLU 200 
25 1 Y 1 A ALA 242 ? A ALA 201 
26 1 Y 1 A GLU 243 ? A GLU 202 
27 1 Y 1 A LYS 244 ? A LYS 203 
28 1 Y 1 A HIS 245 ? A HIS 204 
29 1 Y 1 A LYS 246 ? A LYS 205 
30 1 Y 1 A GLU 247 ? A GLU 206 
31 1 Y 1 A GLN 248 ? A GLN 207 
32 1 Y 1 A THR 249 ? A THR 208 
33 1 Y 1 A VAL 250 ? A VAL 209 
34 1 Y 1 A GLN 251 ? A GLN 210 
35 1 Y 1 A ASP 252 ? A ASP 211 
36 1 Y 1 A TYR 253 ? A TYR 212 
37 1 Y 1 A ARG 254 ? A ARG 213 
38 1 Y 1 A LEU 255 ? A LEU 214 
39 1 Y 1 A SER 256 ? A SER 215 
# 
loop_
_chem_comp_atom.comp_id 
_chem_comp_atom.atom_id 
_chem_comp_atom.type_symbol 
_chem_comp_atom.pdbx_aromatic_flag 
_chem_comp_atom.pdbx_stereo_config 
_chem_comp_atom.pdbx_ordinal 
ALA N    N  N N 1   
ALA CA   C  N S 2   
ALA C    C  N N 3   
ALA O    O  N N 4   
ALA CB   C  N N 5   
ALA OXT  O  N N 6   
ALA H    H  N N 7   
ALA H2   H  N N 8   
ALA HA   H  N N 9   
ALA HB1  H  N N 10  
ALA HB2  H  N N 11  
ALA HB3  H  N N 12  
ALA HXT  H  N N 13  
ARG N    N  N N 14  
ARG CA   C  N S 15  
ARG C    C  N N 16  
ARG O    O  N N 17  
ARG CB   C  N N 18  
ARG CG   C  N N 19  
ARG CD   C  N N 20  
ARG NE   N  N N 21  
ARG CZ   C  N N 22  
ARG NH1  N  N N 23  
ARG NH2  N  N N 24  
ARG OXT  O  N N 25  
ARG H    H  N N 26  
ARG H2   H  N N 27  
ARG HA   H  N N 28  
ARG HB2  H  N N 29  
ARG HB3  H  N N 30  
ARG HG2  H  N N 31  
ARG HG3  H  N N 32  
ARG HD2  H  N N 33  
ARG HD3  H  N N 34  
ARG HE   H  N N 35  
ARG HH11 H  N N 36  
ARG HH12 H  N N 37  
ARG HH21 H  N N 38  
ARG HH22 H  N N 39  
ARG HXT  H  N N 40  
ASN N    N  N N 41  
ASN CA   C  N S 42  
ASN C    C  N N 43  
ASN O    O  N N 44  
ASN CB   C  N N 45  
ASN CG   C  N N 46  
ASN OD1  O  N N 47  
ASN ND2  N  N N 48  
ASN OXT  O  N N 49  
ASN H    H  N N 50  
ASN H2   H  N N 51  
ASN HA   H  N N 52  
ASN HB2  H  N N 53  
ASN HB3  H  N N 54  
ASN HD21 H  N N 55  
ASN HD22 H  N N 56  
ASN HXT  H  N N 57  
ASP N    N  N N 58  
ASP CA   C  N S 59  
ASP C    C  N N 60  
ASP O    O  N N 61  
ASP CB   C  N N 62  
ASP CG   C  N N 63  
ASP OD1  O  N N 64  
ASP OD2  O  N N 65  
ASP OXT  O  N N 66  
ASP H    H  N N 67  
ASP H2   H  N N 68  
ASP HA   H  N N 69  
ASP HB2  H  N N 70  
ASP HB3  H  N N 71  
ASP HD2  H  N N 72  
ASP HXT  H  N N 73  
CA  CA   CA N N 74  
CYS N    N  N N 75  
CYS CA   C  N R 76  
CYS C    C  N N 77  
CYS O    O  N N 78  
CYS CB   C  N N 79  
CYS SG   S  N N 80  
CYS OXT  O  N N 81  
CYS H    H  N N 82  
CYS H2   H  N N 83  
CYS HA   H  N N 84  
CYS HB2  H  N N 85  
CYS HB3  H  N N 86  
CYS HG   H  N N 87  
CYS HXT  H  N N 88  
GLN N    N  N N 89  
GLN CA   C  N S 90  
GLN C    C  N N 91  
GLN O    O  N N 92  
GLN CB   C  N N 93  
GLN CG   C  N N 94  
GLN CD   C  N N 95  
GLN OE1  O  N N 96  
GLN NE2  N  N N 97  
GLN OXT  O  N N 98  
GLN H    H  N N 99  
GLN H2   H  N N 100 
GLN HA   H  N N 101 
GLN HB2  H  N N 102 
GLN HB3  H  N N 103 
GLN HG2  H  N N 104 
GLN HG3  H  N N 105 
GLN HE21 H  N N 106 
GLN HE22 H  N N 107 
GLN HXT  H  N N 108 
GLU N    N  N N 109 
GLU CA   C  N S 110 
GLU C    C  N N 111 
GLU O    O  N N 112 
GLU CB   C  N N 113 
GLU CG   C  N N 114 
GLU CD   C  N N 115 
GLU OE1  O  N N 116 
GLU OE2  O  N N 117 
GLU OXT  O  N N 118 
GLU H    H  N N 119 
GLU H2   H  N N 120 
GLU HA   H  N N 121 
GLU HB2  H  N N 122 
GLU HB3  H  N N 123 
GLU HG2  H  N N 124 
GLU HG3  H  N N 125 
GLU HE2  H  N N 126 
GLU HXT  H  N N 127 
GLY N    N  N N 128 
GLY CA   C  N N 129 
GLY C    C  N N 130 
GLY O    O  N N 131 
GLY OXT  O  N N 132 
GLY H    H  N N 133 
GLY H2   H  N N 134 
GLY HA2  H  N N 135 
GLY HA3  H  N N 136 
GLY HXT  H  N N 137 
HIS N    N  N N 138 
HIS CA   C  N S 139 
HIS C    C  N N 140 
HIS O    O  N N 141 
HIS CB   C  N N 142 
HIS CG   C  Y N 143 
HIS ND1  N  Y N 144 
HIS CD2  C  Y N 145 
HIS CE1  C  Y N 146 
HIS NE2  N  Y N 147 
HIS OXT  O  N N 148 
HIS H    H  N N 149 
HIS H2   H  N N 150 
HIS HA   H  N N 151 
HIS HB2  H  N N 152 
HIS HB3  H  N N 153 
HIS HD1  H  N N 154 
HIS HD2  H  N N 155 
HIS HE1  H  N N 156 
HIS HE2  H  N N 157 
HIS HXT  H  N N 158 
HOH O    O  N N 159 
HOH H1   H  N N 160 
HOH H2   H  N N 161 
ILE N    N  N N 162 
ILE CA   C  N S 163 
ILE C    C  N N 164 
ILE O    O  N N 165 
ILE CB   C  N S 166 
ILE CG1  C  N N 167 
ILE CG2  C  N N 168 
ILE CD1  C  N N 169 
ILE OXT  O  N N 170 
ILE H    H  N N 171 
ILE H2   H  N N 172 
ILE HA   H  N N 173 
ILE HB   H  N N 174 
ILE HG12 H  N N 175 
ILE HG13 H  N N 176 
ILE HG21 H  N N 177 
ILE HG22 H  N N 178 
ILE HG23 H  N N 179 
ILE HD11 H  N N 180 
ILE HD12 H  N N 181 
ILE HD13 H  N N 182 
ILE HXT  H  N N 183 
LEU N    N  N N 184 
LEU CA   C  N S 185 
LEU C    C  N N 186 
LEU O    O  N N 187 
LEU CB   C  N N 188 
LEU CG   C  N N 189 
LEU CD1  C  N N 190 
LEU CD2  C  N N 191 
LEU OXT  O  N N 192 
LEU H    H  N N 193 
LEU H2   H  N N 194 
LEU HA   H  N N 195 
LEU HB2  H  N N 196 
LEU HB3  H  N N 197 
LEU HG   H  N N 198 
LEU HD11 H  N N 199 
LEU HD12 H  N N 200 
LEU HD13 H  N N 201 
LEU HD21 H  N N 202 
LEU HD22 H  N N 203 
LEU HD23 H  N N 204 
LEU HXT  H  N N 205 
LYS N    N  N N 206 
LYS CA   C  N S 207 
LYS C    C  N N 208 
LYS O    O  N N 209 
LYS CB   C  N N 210 
LYS CG   C  N N 211 
LYS CD   C  N N 212 
LYS CE   C  N N 213 
LYS NZ   N  N N 214 
LYS OXT  O  N N 215 
LYS H    H  N N 216 
LYS H2   H  N N 217 
LYS HA   H  N N 218 
LYS HB2  H  N N 219 
LYS HB3  H  N N 220 
LYS HG2  H  N N 221 
LYS HG3  H  N N 222 
LYS HD2  H  N N 223 
LYS HD3  H  N N 224 
LYS HE2  H  N N 225 
LYS HE3  H  N N 226 
LYS HZ1  H  N N 227 
LYS HZ2  H  N N 228 
LYS HZ3  H  N N 229 
LYS HXT  H  N N 230 
MET N    N  N N 231 
MET CA   C  N S 232 
MET C    C  N N 233 
MET O    O  N N 234 
MET CB   C  N N 235 
MET CG   C  N N 236 
MET SD   S  N N 237 
MET CE   C  N N 238 
MET OXT  O  N N 239 
MET H    H  N N 240 
MET H2   H  N N 241 
MET HA   H  N N 242 
MET HB2  H  N N 243 
MET HB3  H  N N 244 
MET HG2  H  N N 245 
MET HG3  H  N N 246 
MET HE1  H  N N 247 
MET HE2  H  N N 248 
MET HE3  H  N N 249 
MET HXT  H  N N 250 
PHE N    N  N N 251 
PHE CA   C  N S 252 
PHE C    C  N N 253 
PHE O    O  N N 254 
PHE CB   C  N N 255 
PHE CG   C  Y N 256 
PHE CD1  C  Y N 257 
PHE CD2  C  Y N 258 
PHE CE1  C  Y N 259 
PHE CE2  C  Y N 260 
PHE CZ   C  Y N 261 
PHE OXT  O  N N 262 
PHE H    H  N N 263 
PHE H2   H  N N 264 
PHE HA   H  N N 265 
PHE HB2  H  N N 266 
PHE HB3  H  N N 267 
PHE HD1  H  N N 268 
PHE HD2  H  N N 269 
PHE HE1  H  N N 270 
PHE HE2  H  N N 271 
PHE HZ   H  N N 272 
PHE HXT  H  N N 273 
PRO N    N  N N 274 
PRO CA   C  N S 275 
PRO C    C  N N 276 
PRO O    O  N N 277 
PRO CB   C  N N 278 
PRO CG   C  N N 279 
PRO CD   C  N N 280 
PRO OXT  O  N N 281 
PRO H    H  N N 282 
PRO HA   H  N N 283 
PRO HB2  H  N N 284 
PRO HB3  H  N N 285 
PRO HG2  H  N N 286 
PRO HG3  H  N N 287 
PRO HD2  H  N N 288 
PRO HD3  H  N N 289 
PRO HXT  H  N N 290 
SER N    N  N N 291 
SER CA   C  N S 292 
SER C    C  N N 293 
SER O    O  N N 294 
SER CB   C  N N 295 
SER OG   O  N N 296 
SER OXT  O  N N 297 
SER H    H  N N 298 
SER H2   H  N N 299 
SER HA   H  N N 300 
SER HB2  H  N N 301 
SER HB3  H  N N 302 
SER HG   H  N N 303 
SER HXT  H  N N 304 
THR N    N  N N 305 
THR CA   C  N S 306 
THR C    C  N N 307 
THR O    O  N N 308 
THR CB   C  N R 309 
THR OG1  O  N N 310 
THR CG2  C  N N 311 
THR OXT  O  N N 312 
THR H    H  N N 313 
THR H2   H  N N 314 
THR HA   H  N N 315 
THR HB   H  N N 316 
THR HG1  H  N N 317 
THR HG21 H  N N 318 
THR HG22 H  N N 319 
THR HG23 H  N N 320 
THR HXT  H  N N 321 
TYR N    N  N N 322 
TYR CA   C  N S 323 
TYR C    C  N N 324 
TYR O    O  N N 325 
TYR CB   C  N N 326 
TYR CG   C  Y N 327 
TYR CD1  C  Y N 328 
TYR CD2  C  Y N 329 
TYR CE1  C  Y N 330 
TYR CE2  C  Y N 331 
TYR CZ   C  Y N 332 
TYR OH   O  N N 333 
TYR OXT  O  N N 334 
TYR H    H  N N 335 
TYR H2   H  N N 336 
TYR HA   H  N N 337 
TYR HB2  H  N N 338 
TYR HB3  H  N N 339 
TYR HD1  H  N N 340 
TYR HD2  H  N N 341 
TYR HE1  H  N N 342 
TYR HE2  H  N N 343 
TYR HH   H  N N 344 
TYR HXT  H  N N 345 
VAL N    N  N N 346 
VAL CA   C  N S 347 
VAL C    C  N N 348 
VAL O    O  N N 349 
VAL CB   C  N N 350 
VAL CG1  C  N N 351 
VAL CG2  C  N N 352 
VAL OXT  O  N N 353 
VAL H    H  N N 354 
VAL H2   H  N N 355 
VAL HA   H  N N 356 
VAL HB   H  N N 357 
VAL HG11 H  N N 358 
VAL HG12 H  N N 359 
VAL HG13 H  N N 360 
VAL HG21 H  N N 361 
VAL HG22 H  N N 362 
VAL HG23 H  N N 363 
VAL HXT  H  N N 364 
# 
loop_
_chem_comp_bond.comp_id 
_chem_comp_bond.atom_id_1 
_chem_comp_bond.atom_id_2 
_chem_comp_bond.value_order 
_chem_comp_bond.pdbx_aromatic_flag 
_chem_comp_bond.pdbx_stereo_config 
_chem_comp_bond.pdbx_ordinal 
ALA N   CA   sing N N 1   
ALA N   H    sing N N 2   
ALA N   H2   sing N N 3   
ALA CA  C    sing N N 4   
ALA CA  CB   sing N N 5   
ALA CA  HA   sing N N 6   
ALA C   O    doub N N 7   
ALA C   OXT  sing N N 8   
ALA CB  HB1  sing N N 9   
ALA CB  HB2  sing N N 10  
ALA CB  HB3  sing N N 11  
ALA OXT HXT  sing N N 12  
ARG N   CA   sing N N 13  
ARG N   H    sing N N 14  
ARG N   H2   sing N N 15  
ARG CA  C    sing N N 16  
ARG CA  CB   sing N N 17  
ARG CA  HA   sing N N 18  
ARG C   O    doub N N 19  
ARG C   OXT  sing N N 20  
ARG CB  CG   sing N N 21  
ARG CB  HB2  sing N N 22  
ARG CB  HB3  sing N N 23  
ARG CG  CD   sing N N 24  
ARG CG  HG2  sing N N 25  
ARG CG  HG3  sing N N 26  
ARG CD  NE   sing N N 27  
ARG CD  HD2  sing N N 28  
ARG CD  HD3  sing N N 29  
ARG NE  CZ   sing N N 30  
ARG NE  HE   sing N N 31  
ARG CZ  NH1  sing N N 32  
ARG CZ  NH2  doub N N 33  
ARG NH1 HH11 sing N N 34  
ARG NH1 HH12 sing N N 35  
ARG NH2 HH21 sing N N 36  
ARG NH2 HH22 sing N N 37  
ARG OXT HXT  sing N N 38  
ASN N   CA   sing N N 39  
ASN N   H    sing N N 40  
ASN N   H2   sing N N 41  
ASN CA  C    sing N N 42  
ASN CA  CB   sing N N 43  
ASN CA  HA   sing N N 44  
ASN C   O    doub N N 45  
ASN C   OXT  sing N N 46  
ASN CB  CG   sing N N 47  
ASN CB  HB2  sing N N 48  
ASN CB  HB3  sing N N 49  
ASN CG  OD1  doub N N 50  
ASN CG  ND2  sing N N 51  
ASN ND2 HD21 sing N N 52  
ASN ND2 HD22 sing N N 53  
ASN OXT HXT  sing N N 54  
ASP N   CA   sing N N 55  
ASP N   H    sing N N 56  
ASP N   H2   sing N N 57  
ASP CA  C    sing N N 58  
ASP CA  CB   sing N N 59  
ASP CA  HA   sing N N 60  
ASP C   O    doub N N 61  
ASP C   OXT  sing N N 62  
ASP CB  CG   sing N N 63  
ASP CB  HB2  sing N N 64  
ASP CB  HB3  sing N N 65  
ASP CG  OD1  doub N N 66  
ASP CG  OD2  sing N N 67  
ASP OD2 HD2  sing N N 68  
ASP OXT HXT  sing N N 69  
CYS N   CA   sing N N 70  
CYS N   H    sing N N 71  
CYS N   H2   sing N N 72  
CYS CA  C    sing N N 73  
CYS CA  CB   sing N N 74  
CYS CA  HA   sing N N 75  
CYS C   O    doub N N 76  
CYS C   OXT  sing N N 77  
CYS CB  SG   sing N N 78  
CYS CB  HB2  sing N N 79  
CYS CB  HB3  sing N N 80  
CYS SG  HG   sing N N 81  
CYS OXT HXT  sing N N 82  
GLN N   CA   sing N N 83  
GLN N   H    sing N N 84  
GLN N   H2   sing N N 85  
GLN CA  C    sing N N 86  
GLN CA  CB   sing N N 87  
GLN CA  HA   sing N N 88  
GLN C   O    doub N N 89  
GLN C   OXT  sing N N 90  
GLN CB  CG   sing N N 91  
GLN CB  HB2  sing N N 92  
GLN CB  HB3  sing N N 93  
GLN CG  CD   sing N N 94  
GLN CG  HG2  sing N N 95  
GLN CG  HG3  sing N N 96  
GLN CD  OE1  doub N N 97  
GLN CD  NE2  sing N N 98  
GLN NE2 HE21 sing N N 99  
GLN NE2 HE22 sing N N 100 
GLN OXT HXT  sing N N 101 
GLU N   CA   sing N N 102 
GLU N   H    sing N N 103 
GLU N   H2   sing N N 104 
GLU CA  C    sing N N 105 
GLU CA  CB   sing N N 106 
GLU CA  HA   sing N N 107 
GLU C   O    doub N N 108 
GLU C   OXT  sing N N 109 
GLU CB  CG   sing N N 110 
GLU CB  HB2  sing N N 111 
GLU CB  HB3  sing N N 112 
GLU CG  CD   sing N N 113 
GLU CG  HG2  sing N N 114 
GLU CG  HG3  sing N N 115 
GLU CD  OE1  doub N N 116 
GLU CD  OE2  sing N N 117 
GLU OE2 HE2  sing N N 118 
GLU OXT HXT  sing N N 119 
GLY N   CA   sing N N 120 
GLY N   H    sing N N 121 
GLY N   H2   sing N N 122 
GLY CA  C    sing N N 123 
GLY CA  HA2  sing N N 124 
GLY CA  HA3  sing N N 125 
GLY C   O    doub N N 126 
GLY C   OXT  sing N N 127 
GLY OXT HXT  sing N N 128 
HIS N   CA   sing N N 129 
HIS N   H    sing N N 130 
HIS N   H2   sing N N 131 
HIS CA  C    sing N N 132 
HIS CA  CB   sing N N 133 
HIS CA  HA   sing N N 134 
HIS C   O    doub N N 135 
HIS C   OXT  sing N N 136 
HIS CB  CG   sing N N 137 
HIS CB  HB2  sing N N 138 
HIS CB  HB3  sing N N 139 
HIS CG  ND1  sing Y N 140 
HIS CG  CD2  doub Y N 141 
HIS ND1 CE1  doub Y N 142 
HIS ND1 HD1  sing N N 143 
HIS CD2 NE2  sing Y N 144 
HIS CD2 HD2  sing N N 145 
HIS CE1 NE2  sing Y N 146 
HIS CE1 HE1  sing N N 147 
HIS NE2 HE2  sing N N 148 
HIS OXT HXT  sing N N 149 
HOH O   H1   sing N N 150 
HOH O   H2   sing N N 151 
ILE N   CA   sing N N 152 
ILE N   H    sing N N 153 
ILE N   H2   sing N N 154 
ILE CA  C    sing N N 155 
ILE CA  CB   sing N N 156 
ILE CA  HA   sing N N 157 
ILE C   O    doub N N 158 
ILE C   OXT  sing N N 159 
ILE CB  CG1  sing N N 160 
ILE CB  CG2  sing N N 161 
ILE CB  HB   sing N N 162 
ILE CG1 CD1  sing N N 163 
ILE CG1 HG12 sing N N 164 
ILE CG1 HG13 sing N N 165 
ILE CG2 HG21 sing N N 166 
ILE CG2 HG22 sing N N 167 
ILE CG2 HG23 sing N N 168 
ILE CD1 HD11 sing N N 169 
ILE CD1 HD12 sing N N 170 
ILE CD1 HD13 sing N N 171 
ILE OXT HXT  sing N N 172 
LEU N   CA   sing N N 173 
LEU N   H    sing N N 174 
LEU N   H2   sing N N 175 
LEU CA  C    sing N N 176 
LEU CA  CB   sing N N 177 
LEU CA  HA   sing N N 178 
LEU C   O    doub N N 179 
LEU C   OXT  sing N N 180 
LEU CB  CG   sing N N 181 
LEU CB  HB2  sing N N 182 
LEU CB  HB3  sing N N 183 
LEU CG  CD1  sing N N 184 
LEU CG  CD2  sing N N 185 
LEU CG  HG   sing N N 186 
LEU CD1 HD11 sing N N 187 
LEU CD1 HD12 sing N N 188 
LEU CD1 HD13 sing N N 189 
LEU CD2 HD21 sing N N 190 
LEU CD2 HD22 sing N N 191 
LEU CD2 HD23 sing N N 192 
LEU OXT HXT  sing N N 193 
LYS N   CA   sing N N 194 
LYS N   H    sing N N 195 
LYS N   H2   sing N N 196 
LYS CA  C    sing N N 197 
LYS CA  CB   sing N N 198 
LYS CA  HA   sing N N 199 
LYS C   O    doub N N 200 
LYS C   OXT  sing N N 201 
LYS CB  CG   sing N N 202 
LYS CB  HB2  sing N N 203 
LYS CB  HB3  sing N N 204 
LYS CG  CD   sing N N 205 
LYS CG  HG2  sing N N 206 
LYS CG  HG3  sing N N 207 
LYS CD  CE   sing N N 208 
LYS CD  HD2  sing N N 209 
LYS CD  HD3  sing N N 210 
LYS CE  NZ   sing N N 211 
LYS CE  HE2  sing N N 212 
LYS CE  HE3  sing N N 213 
LYS NZ  HZ1  sing N N 214 
LYS NZ  HZ2  sing N N 215 
LYS NZ  HZ3  sing N N 216 
LYS OXT HXT  sing N N 217 
MET N   CA   sing N N 218 
MET N   H    sing N N 219 
MET N   H2   sing N N 220 
MET CA  C    sing N N 221 
MET CA  CB   sing N N 222 
MET CA  HA   sing N N 223 
MET C   O    doub N N 224 
MET C   OXT  sing N N 225 
MET CB  CG   sing N N 226 
MET CB  HB2  sing N N 227 
MET CB  HB3  sing N N 228 
MET CG  SD   sing N N 229 
MET CG  HG2  sing N N 230 
MET CG  HG3  sing N N 231 
MET SD  CE   sing N N 232 
MET CE  HE1  sing N N 233 
MET CE  HE2  sing N N 234 
MET CE  HE3  sing N N 235 
MET OXT HXT  sing N N 236 
PHE N   CA   sing N N 237 
PHE N   H    sing N N 238 
PHE N   H2   sing N N 239 
PHE CA  C    sing N N 240 
PHE CA  CB   sing N N 241 
PHE CA  HA   sing N N 242 
PHE C   O    doub N N 243 
PHE C   OXT  sing N N 244 
PHE CB  CG   sing N N 245 
PHE CB  HB2  sing N N 246 
PHE CB  HB3  sing N N 247 
PHE CG  CD1  doub Y N 248 
PHE CG  CD2  sing Y N 249 
PHE CD1 CE1  sing Y N 250 
PHE CD1 HD1  sing N N 251 
PHE CD2 CE2  doub Y N 252 
PHE CD2 HD2  sing N N 253 
PHE CE1 CZ   doub Y N 254 
PHE CE1 HE1  sing N N 255 
PHE CE2 CZ   sing Y N 256 
PHE CE2 HE2  sing N N 257 
PHE CZ  HZ   sing N N 258 
PHE OXT HXT  sing N N 259 
PRO N   CA   sing N N 260 
PRO N   CD   sing N N 261 
PRO N   H    sing N N 262 
PRO CA  C    sing N N 263 
PRO CA  CB   sing N N 264 
PRO CA  HA   sing N N 265 
PRO C   O    doub N N 266 
PRO C   OXT  sing N N 267 
PRO CB  CG   sing N N 268 
PRO CB  HB2  sing N N 269 
PRO CB  HB3  sing N N 270 
PRO CG  CD   sing N N 271 
PRO CG  HG2  sing N N 272 
PRO CG  HG3  sing N N 273 
PRO CD  HD2  sing N N 274 
PRO CD  HD3  sing N N 275 
PRO OXT HXT  sing N N 276 
SER N   CA   sing N N 277 
SER N   H    sing N N 278 
SER N   H2   sing N N 279 
SER CA  C    sing N N 280 
SER CA  CB   sing N N 281 
SER CA  HA   sing N N 282 
SER C   O    doub N N 283 
SER C   OXT  sing N N 284 
SER CB  OG   sing N N 285 
SER CB  HB2  sing N N 286 
SER CB  HB3  sing N N 287 
SER OG  HG   sing N N 288 
SER OXT HXT  sing N N 289 
THR N   CA   sing N N 290 
THR N   H    sing N N 291 
THR N   H2   sing N N 292 
THR CA  C    sing N N 293 
THR CA  CB   sing N N 294 
THR CA  HA   sing N N 295 
THR C   O    doub N N 296 
THR C   OXT  sing N N 297 
THR CB  OG1  sing N N 298 
THR CB  CG2  sing N N 299 
THR CB  HB   sing N N 300 
THR OG1 HG1  sing N N 301 
THR CG2 HG21 sing N N 302 
THR CG2 HG22 sing N N 303 
THR CG2 HG23 sing N N 304 
THR OXT HXT  sing N N 305 
TYR N   CA   sing N N 306 
TYR N   H    sing N N 307 
TYR N   H2   sing N N 308 
TYR CA  C    sing N N 309 
TYR CA  CB   sing N N 310 
TYR CA  HA   sing N N 311 
TYR C   O    doub N N 312 
TYR C   OXT  sing N N 313 
TYR CB  CG   sing N N 314 
TYR CB  HB2  sing N N 315 
TYR CB  HB3  sing N N 316 
TYR CG  CD1  doub Y N 317 
TYR CG  CD2  sing Y N 318 
TYR CD1 CE1  sing Y N 319 
TYR CD1 HD1  sing N N 320 
TYR CD2 CE2  doub Y N 321 
TYR CD2 HD2  sing N N 322 
TYR CE1 CZ   doub Y N 323 
TYR CE1 HE1  sing N N 324 
TYR CE2 CZ   sing Y N 325 
TYR CE2 HE2  sing N N 326 
TYR CZ  OH   sing N N 327 
TYR OH  HH   sing N N 328 
TYR OXT HXT  sing N N 329 
VAL N   CA   sing N N 330 
VAL N   H    sing N N 331 
VAL N   H2   sing N N 332 
VAL CA  C    sing N N 333 
VAL CA  CB   sing N N 334 
VAL CA  HA   sing N N 335 
VAL C   O    doub N N 336 
VAL C   OXT  sing N N 337 
VAL CB  CG1  sing N N 338 
VAL CB  CG2  sing N N 339 
VAL CB  HB   sing N N 340 
VAL CG1 HG11 sing N N 341 
VAL CG1 HG12 sing N N 342 
VAL CG1 HG13 sing N N 343 
VAL CG2 HG21 sing N N 344 
VAL CG2 HG22 sing N N 345 
VAL CG2 HG23 sing N N 346 
VAL OXT HXT  sing N N 347 
# 
_atom_sites.entry_id                    4G1H 
_atom_sites.fract_transf_matrix[1][1]   0.00798662 
_atom_sites.fract_transf_matrix[1][2]   -0.01370112 
_atom_sites.fract_transf_matrix[1][3]   -0.00472191 
_atom_sites.fract_transf_matrix[2][1]   0.00458239 
_atom_sites.fract_transf_matrix[2][2]   -0.00272731 
_atom_sites.fract_transf_matrix[2][3]   0.01566419 
_atom_sites.fract_transf_matrix[3][1]   -0.00812674 
_atom_sites.fract_transf_matrix[3][2]   -0.00524201 
_atom_sites.fract_transf_matrix[3][3]   0.00146470 
_atom_sites.fract_transf_vector[1]      0.666401 
_atom_sites.fract_transf_vector[2]      0.713635 
_atom_sites.fract_transf_vector[3]      0.310547 
# 
loop_
_atom_type.symbol 
C  
CA 
N  
O  
S  
# 
loop_
_atom_site.group_PDB 
_atom_site.id 
_atom_site.type_symbol 
_atom_site.label_atom_id 
_atom_site.label_alt_id 
_atom_site.label_comp_id 
_atom_site.label_asym_id 
_atom_site.label_entity_id 
_atom_site.label_seq_id 
_atom_site.pdbx_PDB_ins_code 
_atom_site.Cartn_x 
_atom_site.Cartn_y 
_atom_site.Cartn_z 
_atom_site.occupancy 
_atom_site.B_iso_or_equiv 
_atom_site.pdbx_formal_charge 
_atom_site.auth_seq_id 
_atom_site.auth_comp_id 
_atom_site.auth_asym_id 
_atom_site.auth_atom_id 
_atom_site.pdbx_PDB_model_num 
ATOM   1    N  N   . ILE A 1 16  ? 13.918  -1.261  -18.636 1.00 50.35 ? 57  ILE A N   1 
ATOM   2    C  CA  . ILE A 1 16  ? 13.489  -2.602  -19.037 1.00 49.11 ? 57  ILE A CA  1 
ATOM   3    C  C   . ILE A 1 16  ? 12.546  -2.534  -20.226 1.00 47.86 ? 57  ILE A C   1 
ATOM   4    O  O   . ILE A 1 16  ? 11.749  -1.603  -20.341 1.00 49.40 ? 57  ILE A O   1 
ATOM   5    C  CB  . ILE A 1 16  ? 12.765  -3.332  -17.895 1.00 47.38 ? 57  ILE A CB  1 
ATOM   6    C  CG1 . ILE A 1 16  ? 13.637  -3.349  -16.641 1.00 49.12 ? 57  ILE A CG1 1 
ATOM   7    C  CG2 . ILE A 1 16  ? 12.384  -4.752  -18.323 1.00 42.53 ? 57  ILE A CG2 1 
ATOM   8    C  CD1 . ILE A 1 16  ? 12.915  -3.855  -15.414 1.00 55.41 ? 57  ILE A CD1 1 
ATOM   9    N  N   . ASP A 1 17  ? 12.621  -3.533  -21.101 1.00 46.57 ? 58  ASP A N   1 
ATOM   10   C  CA  . ASP A 1 17  ? 11.855  -3.488  -22.340 1.00 45.30 ? 58  ASP A CA  1 
ATOM   11   C  C   . ASP A 1 17  ? 10.374  -3.808  -22.135 1.00 45.20 ? 58  ASP A C   1 
ATOM   12   O  O   . ASP A 1 17  ? 10.000  -4.552  -21.227 1.00 40.10 ? 58  ASP A O   1 
ATOM   13   C  CB  . ASP A 1 17  ? 12.485  -4.375  -23.423 1.00 46.68 ? 58  ASP A CB  1 
ATOM   14   C  CG  . ASP A 1 17  ? 12.265  -5.856  -23.181 1.00 46.02 ? 58  ASP A CG  1 
ATOM   15   O  OD1 . ASP A 1 17  ? 13.219  -6.535  -22.751 1.00 43.47 ? 58  ASP A OD1 1 
ATOM   16   O  OD2 . ASP A 1 17  ? 11.142  -6.345  -23.439 1.00 47.13 ? 58  ASP A OD2 1 
ATOM   17   N  N   . THR A 1 18  ? 9.544   -3.235  -23.003 1.00 43.13 ? 59  THR A N   1 
ATOM   18   C  CA  . THR A 1 18  ? 8.091   -3.336  -22.913 1.00 44.94 ? 59  THR A CA  1 
ATOM   19   C  C   . THR A 1 18  ? 7.560   -4.759  -22.810 1.00 39.42 ? 59  THR A C   1 
ATOM   20   O  O   . THR A 1 18  ? 6.632   -5.021  -22.053 1.00 39.98 ? 59  THR A O   1 
ATOM   21   C  CB  . THR A 1 18  ? 7.416   -2.649  -24.117 1.00 50.24 ? 59  THR A CB  1 
ATOM   22   O  OG1 . THR A 1 18  ? 7.721   -1.249  -24.101 1.00 56.58 ? 59  THR A OG1 1 
ATOM   23   C  CG2 . THR A 1 18  ? 5.902   -2.840  -24.070 1.00 48.94 ? 59  THR A CG2 1 
ATOM   24   N  N   . ASN A 1 19  ? 8.128   -5.682  -23.577 1.00 42.68 ? 60  ASN A N   1 
ATOM   25   C  CA  . ASN A 1 19  ? 7.641   -7.057  -23.547 1.00 40.92 ? 60  ASN A CA  1 
ATOM   26   C  C   . ASN A 1 19  ? 7.961   -7.755  -22.229 1.00 40.77 ? 60  ASN A C   1 
ATOM   27   O  O   . ASN A 1 19  ? 7.195   -8.606  -21.762 1.00 37.80 ? 60  ASN A O   1 
ATOM   28   C  CB  . ASN A 1 19  ? 8.176   -7.857  -24.739 1.00 43.96 ? 60  ASN A CB  1 
ATOM   29   C  CG  . ASN A 1 19  ? 7.645   -7.342  -26.073 1.00 56.02 ? 60  ASN A CG  1 
ATOM   30   O  OD1 . ASN A 1 19  ? 8.189   -6.394  -26.644 1.00 59.68 ? 60  ASN A OD1 1 
ATOM   31   N  ND2 . ASN A 1 19  ? 6.578   -7.963  -26.571 1.00 55.27 ? 60  ASN A ND2 1 
ATOM   32   N  N   . THR A 1 20  ? 9.089   -7.384  -21.631 1.00 37.09 ? 61  THR A N   1 
ATOM   33   C  CA  . THR A 1 20  ? 9.485   -7.922  -20.332 1.00 35.49 ? 61  THR A CA  1 
ATOM   34   C  C   . THR A 1 20  ? 8.582   -7.365  -19.237 1.00 31.51 ? 61  THR A C   1 
ATOM   35   O  O   . THR A 1 20  ? 8.149   -8.102  -18.342 1.00 31.59 ? 61  THR A O   1 
ATOM   36   C  CB  . THR A 1 20  ? 10.948  -7.589  -19.985 1.00 35.19 ? 61  THR A CB  1 
ATOM   37   O  OG1 . THR A 1 20  ? 11.809  -8.045  -21.035 1.00 38.61 ? 61  THR A OG1 1 
ATOM   38   C  CG2 . THR A 1 20  ? 11.352  -8.285  -18.683 1.00 34.13 ? 61  THR A CG2 1 
ATOM   39   N  N   . VAL A 1 21  ? 8.311   -6.065  -19.306 1.00 29.68 ? 62  VAL A N   1 
ATOM   40   C  CA  . VAL A 1 21  ? 7.437   -5.430  -18.328 1.00 32.82 ? 62  VAL A CA  1 
ATOM   41   C  C   . VAL A 1 21  ? 6.092   -6.128  -18.332 1.00 31.37 ? 62  VAL A C   1 
ATOM   42   O  O   . VAL A 1 21  ? 5.560   -6.464  -17.281 1.00 30.85 ? 62  VAL A O   1 
ATOM   43   C  CB  . VAL A 1 21  ? 7.255   -3.932  -18.587 1.00 31.35 ? 62  VAL A CB  1 
ATOM   44   C  CG1 . VAL A 1 21  ? 6.052   -3.409  -17.822 1.00 34.30 ? 62  VAL A CG1 1 
ATOM   45   C  CG2 . VAL A 1 21  ? 8.515   -3.175  -18.190 1.00 32.93 ? 62  VAL A CG2 1 
ATOM   46   N  N   . GLU A 1 22  ? 5.548   -6.383  -19.518 1.00 34.70 ? 63  GLU A N   1 
ATOM   47   C  CA  . GLU A 1 22  ? 4.219   -6.968  -19.587 1.00 33.99 ? 63  GLU A CA  1 
ATOM   48   C  C   . GLU A 1 22  ? 4.168   -8.391  -19.053 1.00 34.09 ? 63  GLU A C   1 
ATOM   49   O  O   . GLU A 1 22  ? 3.169   -8.785  -18.447 1.00 30.00 ? 63  GLU A O   1 
ATOM   50   C  CB  . GLU A 1 22  ? 3.627   -6.874  -21.003 1.00 39.20 ? 63  GLU A CB  1 
ATOM   51   C  CG  . GLU A 1 22  ? 3.395   -5.436  -21.478 1.00 39.98 ? 63  GLU A CG  1 
ATOM   52   C  CD  . GLU A 1 22  ? 2.385   -4.653  -20.626 1.00 46.38 ? 63  GLU A CD  1 
ATOM   53   O  OE1 . GLU A 1 22  ? 2.378   -3.406  -20.725 1.00 48.14 ? 63  GLU A OE1 1 
ATOM   54   O  OE2 . GLU A 1 22  ? 1.599   -5.270  -19.865 1.00 42.72 ? 63  GLU A OE2 1 
ATOM   55   N  N   . ARG A 1 23  ? 5.227   -9.172  -19.262 1.00 31.90 ? 64  ARG A N   1 
ATOM   56   C  CA  . ARG A 1 23  ? 5.248   -10.510 -18.689 1.00 34.80 ? 64  ARG A CA  1 
ATOM   57   C  C   . ARG A 1 23  ? 5.237   -10.431 -17.155 1.00 27.07 ? 64  ARG A C   1 
ATOM   58   O  O   . ARG A 1 23  ? 4.533   -11.187 -16.489 1.00 26.19 ? 64  ARG A O   1 
ATOM   59   C  CB  . ARG A 1 23  ? 6.456   -11.317 -19.183 1.00 36.36 ? 64  ARG A CB  1 
ATOM   60   C  CG  . ARG A 1 23  ? 6.411   -12.793 -18.791 1.00 50.30 ? 64  ARG A CG  1 
ATOM   61   C  CD  . ARG A 1 23  ? 6.820   -13.705 -19.957 1.00 56.21 ? 64  ARG A CD  1 
ATOM   62   N  NE  . ARG A 1 23  ? 8.255   -13.981 -19.973 1.00 55.78 ? 64  ARG A NE  1 
ATOM   63   C  CZ  . ARG A 1 23  ? 8.801   -15.138 -19.599 1.00 58.63 ? 64  ARG A CZ  1 
ATOM   64   N  NH1 . ARG A 1 23  ? 8.027   -16.136 -19.187 1.00 59.03 ? 64  ARG A NH1 1 
ATOM   65   N  NH2 . ARG A 1 23  ? 10.121  -15.303 -19.643 1.00 53.79 ? 64  ARG A NH2 1 
ATOM   66   N  N   . ARG A 1 24  ? 6.025   -9.515  -16.605 1.00 26.31 ? 65  ARG A N   1 
ATOM   67   C  CA  . ARG A 1 24  ? 6.096   -9.348  -15.160 1.00 28.01 ? 65  ARG A CA  1 
ATOM   68   C  C   . ARG A 1 24  ? 4.764   -8.851  -14.607 1.00 26.13 ? 65  ARG A C   1 
ATOM   69   O  O   . ARG A 1 24  ? 4.318   -9.297  -13.550 1.00 21.70 ? 65  ARG A O   1 
ATOM   70   C  CB  . ARG A 1 24  ? 7.242   -8.406  -14.790 1.00 26.56 ? 65  ARG A CB  1 
ATOM   71   C  CG  . ARG A 1 24  ? 8.587   -8.985  -15.196 1.00 31.66 ? 65  ARG A CG  1 
ATOM   72   C  CD  . ARG A 1 24  ? 9.672   -7.947  -15.189 1.00 29.63 ? 65  ARG A CD  1 
ATOM   73   N  NE  . ARG A 1 24  ? 9.893   -7.420  -13.856 1.00 36.43 ? 65  ARG A NE  1 
ATOM   74   C  CZ  . ARG A 1 24  ? 11.086  -7.086  -13.379 1.00 38.60 ? 65  ARG A CZ  1 
ATOM   75   N  NH1 . ARG A 1 24  ? 12.159  -7.233  -14.140 1.00 42.54 ? 65  ARG A NH1 1 
ATOM   76   N  NH2 . ARG A 1 24  ? 11.204  -6.610  -12.146 1.00 29.47 ? 65  ARG A NH2 1 
ATOM   77   N  N   . ILE A 1 25  ? 4.115   -7.942  -15.329 1.00 22.85 ? 66  ILE A N   1 
ATOM   78   C  CA  . ILE A 1 25  ? 2.817   -7.457  -14.864 1.00 24.99 ? 66  ILE A CA  1 
ATOM   79   C  C   . ILE A 1 25  ? 1.788   -8.586  -14.933 1.00 23.47 ? 66  ILE A C   1 
ATOM   80   O  O   . ILE A 1 25  ? 0.922   -8.704  -14.071 1.00 22.03 ? 66  ILE A O   1 
ATOM   81   C  CB  . ILE A 1 25  ? 2.341   -6.224  -15.649 1.00 25.39 ? 66  ILE A CB  1 
ATOM   82   C  CG1 . ILE A 1 25  ? 3.242   -5.011  -15.355 1.00 27.88 ? 66  ILE A CG1 1 
ATOM   83   C  CG2 . ILE A 1 25  ? 0.878   -5.920  -15.324 1.00 27.65 ? 66  ILE A CG2 1 
ATOM   84   C  CD1 . ILE A 1 25  ? 3.150   -4.453  -13.939 1.00 25.39 ? 66  ILE A CD1 1 
ATOM   85   N  N   . ALA A 1 26  ? 1.889   -9.421  -15.958 1.00 24.64 ? 67  ALA A N   1 
ATOM   86   C  CA  . ALA A 1 26  ? 0.982   -10.563 -16.105 1.00 25.52 ? 67  ALA A CA  1 
ATOM   87   C  C   . ALA A 1 26  ? 1.133   -11.515 -14.929 1.00 26.71 ? 67  ALA A C   1 
ATOM   88   O  O   . ALA A 1 26  ? 0.175   -12.147 -14.483 1.00 23.94 ? 67  ALA A O   1 
ATOM   89   C  CB  . ALA A 1 26  ? 1.257   -11.297 -17.422 1.00 29.58 ? 67  ALA A CB  1 
ATOM   90   N  N   . LEU A 1 27  ? 2.358   -11.614 -14.426 1.00 25.26 ? 68  LEU A N   1 
ATOM   91   C  CA  . LEU A 1 27  ? 2.653   -12.435 -13.267 1.00 24.41 ? 68  LEU A CA  1 
ATOM   92   C  C   . LEU A 1 27  ? 1.997   -11.813 -12.025 1.00 22.33 ? 68  LEU A C   1 
ATOM   93   O  O   . LEU A 1 27  ? 1.390   -12.504 -11.202 1.00 22.32 ? 68  LEU A O   1 
ATOM   94   C  CB  . LEU A 1 27  ? 4.159   -12.479 -13.065 1.00 24.40 ? 68  LEU A CB  1 
ATOM   95   C  CG  . LEU A 1 27  ? 4.717   -13.774 -12.498 1.00 36.55 ? 68  LEU A CG  1 
ATOM   96   C  CD1 . LEU A 1 27  ? 3.829   -14.310 -11.399 1.00 33.19 ? 68  LEU A CD1 1 
ATOM   97   C  CD2 . LEU A 1 27  ? 4.856   -14.772 -13.623 1.00 36.11 ? 68  LEU A CD2 1 
ATOM   98   N  N   . ALA A 1 28  ? 2.155   -10.506 -11.885 1.00 22.42 ? 69  ALA A N   1 
ATOM   99   C  CA  . ALA A 1 28  ? 1.555   -9.808  -10.751 1.00 21.05 ? 69  ALA A CA  1 
ATOM   100  C  C   . ALA A 1 28  ? 0.030   -9.972  -10.768 1.00 20.30 ? 69  ALA A C   1 
ATOM   101  O  O   . ALA A 1 28  ? -0.590  -10.219 -9.725  1.00 20.97 ? 69  ALA A O   1 
ATOM   102  C  CB  . ALA A 1 28  ? 1.934   -8.350  -10.772 1.00 22.92 ? 69  ALA A CB  1 
ATOM   103  N  N   . ASN A 1 29  ? -0.567  -9.840  -11.949 1.00 21.41 ? 70  ASN A N   1 
ATOM   104  C  CA  . ASN A 1 29  ? -2.012  -10.015 -12.084 1.00 23.13 ? 70  ASN A CA  1 
ATOM   105  C  C   . ASN A 1 29  ? -2.417  -11.423 -11.682 1.00 22.36 ? 70  ASN A C   1 
ATOM   106  O  O   . ASN A 1 29  ? -3.400  -11.617 -10.984 1.00 24.04 ? 70  ASN A O   1 
ATOM   107  C  CB  . ASN A 1 29  ? -2.478  -9.745  -13.513 1.00 23.29 ? 70  ASN A CB  1 
ATOM   108  C  CG  . ASN A 1 29  ? -2.373  -8.285  -13.905 1.00 26.37 ? 70  ASN A CG  1 
ATOM   109  O  OD1 . ASN A 1 29  ? -2.401  -7.379  -13.063 1.00 27.13 ? 70  ASN A OD1 1 
ATOM   110  N  ND2 . ASN A 1 29  ? -2.259  -8.049  -15.201 1.00 26.09 ? 70  ASN A ND2 1 
ATOM   111  N  N   . ALA A 1 30  ? -1.660  -12.418 -12.128 1.00 23.91 ? 71  ALA A N   1 
ATOM   112  C  CA  . ALA A 1 30  ? -1.982  -13.796 -11.768 1.00 25.49 ? 71  ALA A CA  1 
ATOM   113  C  C   . ALA A 1 30  ? -1.903  -13.979 -10.255 1.00 25.12 ? 71  ALA A C   1 
ATOM   114  O  O   . ALA A 1 30  ? -2.753  -14.635 -9.641  1.00 23.26 ? 71  ALA A O   1 
ATOM   115  C  CB  . ALA A 1 30  ? -1.056  -14.779 -12.494 1.00 26.54 ? 71  ALA A CB  1 
ATOM   116  N  N   . TYR A 1 31  ? -0.895  -13.369 -9.644  1.00 22.74 ? 72  TYR A N   1 
ATOM   117  C  CA  . TYR A 1 31  ? -0.751  -13.427 -8.199  1.00 22.47 ? 72  TYR A CA  1 
ATOM   118  C  C   . TYR A 1 31  ? -1.984  -12.809 -7.527  1.00 22.57 ? 72  TYR A C   1 
ATOM   119  O  O   . TYR A 1 31  ? -2.608  -13.421 -6.656  1.00 23.43 ? 72  TYR A O   1 
ATOM   120  C  CB  . TYR A 1 31  ? 0.522   -12.695 -7.766  1.00 21.34 ? 72  TYR A CB  1 
ATOM   121  C  CG  . TYR A 1 31  ? 0.700   -12.620 -6.269  1.00 21.46 ? 72  TYR A CG  1 
ATOM   122  C  CD1 . TYR A 1 31  ? 1.383   -13.624 -5.575  1.00 18.83 ? 72  TYR A CD1 1 
ATOM   123  C  CD2 . TYR A 1 31  ? 0.196   -11.548 -5.549  1.00 20.28 ? 72  TYR A CD2 1 
ATOM   124  C  CE1 . TYR A 1 31  ? 1.554   -13.551 -4.197  1.00 21.54 ? 72  TYR A CE1 1 
ATOM   125  C  CE2 . TYR A 1 31  ? 0.352   -11.467 -4.181  1.00 20.33 ? 72  TYR A CE2 1 
ATOM   126  C  CZ  . TYR A 1 31  ? 1.026   -12.466 -3.503  1.00 22.41 ? 72  TYR A CZ  1 
ATOM   127  O  OH  . TYR A 1 31  ? 1.168   -12.362 -2.145  1.00 21.12 ? 72  TYR A OH  1 
ATOM   128  N  N   . ASN A 1 32  ? -2.336  -11.603 -7.956  1.00 23.00 ? 73  ASN A N   1 
ATOM   129  C  CA  . ASN A 1 32  ? -3.514  -10.907 -7.432  1.00 22.79 ? 73  ASN A CA  1 
ATOM   130  C  C   . ASN A 1 32  ? -4.814  -11.710 -7.573  1.00 23.66 ? 73  ASN A C   1 
ATOM   131  O  O   . ASN A 1 32  ? -5.655  -11.723 -6.664  1.00 25.33 ? 73  ASN A O   1 
ATOM   132  C  CB  . ASN A 1 32  ? -3.658  -9.537  -8.117  1.00 23.88 ? 73  ASN A CB  1 
ATOM   133  C  CG  . ASN A 1 32  ? -2.738  -8.484  -7.501  1.00 18.91 ? 73  ASN A CG  1 
ATOM   134  O  OD1 . ASN A 1 32  ? -2.036  -8.770  -6.537  1.00 20.45 ? 73  ASN A OD1 1 
ATOM   135  N  ND2 . ASN A 1 32  ? -2.751  -7.277  -8.052  1.00 21.58 ? 73  ASN A ND2 1 
ATOM   136  N  N   . GLU A 1 33  ? -4.964  -12.391 -8.703  1.00 26.43 ? 74  GLU A N   1 
ATOM   137  C  CA  . GLU A 1 33  ? -6.174  -13.165 -8.966  1.00 25.87 ? 74  GLU A CA  1 
ATOM   138  C  C   . GLU A 1 33  ? -6.154  -14.512 -8.274  1.00 28.37 ? 74  GLU A C   1 
ATOM   139  O  O   . GLU A 1 33  ? -7.114  -15.278 -8.372  1.00 31.79 ? 74  GLU A O   1 
ATOM   140  C  CB  . GLU A 1 33  ? -6.363  -13.358 -10.471 1.00 27.02 ? 74  GLU A CB  1 
ATOM   141  C  CG  . GLU A 1 33  ? -6.551  -12.055 -11.239 1.00 30.29 ? 74  GLU A CG  1 
ATOM   142  C  CD  . GLU A 1 33  ? -6.248  -12.206 -12.714 1.00 37.38 ? 74  GLU A CD  1 
ATOM   143  O  OE1 . GLU A 1 33  ? -6.481  -13.307 -13.269 1.00 42.15 ? 74  GLU A OE1 1 
ATOM   144  O  OE2 . GLU A 1 33  ? -5.757  -11.227 -13.315 1.00 37.71 ? 74  GLU A OE2 1 
ATOM   145  N  N   . THR A 1 34  ? -5.047  -14.807 -7.596  1.00 25.70 ? 75  THR A N   1 
ATOM   146  C  CA  . THR A 1 34  ? -4.912  -16.026 -6.800  1.00 28.13 ? 75  THR A CA  1 
ATOM   147  C  C   . THR A 1 34  ? -5.252  -15.771 -5.341  1.00 28.52 ? 75  THR A C   1 
ATOM   148  O  O   . THR A 1 34  ? -5.715  -16.662 -4.631  1.00 27.41 ? 75  THR A O   1 
ATOM   149  C  CB  . THR A 1 34  ? -3.465  -16.584 -6.866  1.00 22.59 ? 75  THR A CB  1 
ATOM   150  O  OG1 . THR A 1 34  ? -3.131  -16.880 -8.218  1.00 24.62 ? 75  THR A OG1 1 
ATOM   151  C  CG2 . THR A 1 34  ? -3.327  -17.846 -6.032  1.00 28.53 ? 75  THR A CG2 1 
ATOM   152  N  N   . LEU A 1 35  ? -5.012  -14.542 -4.887  1.00 30.84 ? 76  LEU A N   1 
ATOM   153  C  CA  . LEU A 1 35  ? -5.192  -14.197 -3.481  1.00 31.45 ? 76  LEU A CA  1 
ATOM   154  C  C   . LEU A 1 35  ? -6.562  -14.591 -2.935  1.00 29.06 ? 76  LEU A C   1 
ATOM   155  O  O   . LEU A 1 35  ? -7.587  -14.376 -3.574  1.00 30.84 ? 76  LEU A O   1 
ATOM   156  C  CB  . LEU A 1 35  ? -4.979  -12.689 -3.259  1.00 28.00 ? 76  LEU A CB  1 
ATOM   157  C  CG  . LEU A 1 35  ? -3.533  -12.202 -3.338  1.00 28.09 ? 76  LEU A CG  1 
ATOM   158  C  CD1 . LEU A 1 35  ? -3.485  -10.679 -3.272  1.00 30.72 ? 76  LEU A CD1 1 
ATOM   159  C  CD2 . LEU A 1 35  ? -2.703  -12.822 -2.234  1.00 27.58 ? 76  LEU A CD2 1 
ATOM   160  N  N   . SER A 1 36  ? -6.567  -15.162 -1.739  1.00 32.69 ? 77  SER A N   1 
ATOM   161  C  CA  . SER A 1 36  ? -7.807  -15.342 -1.006  1.00 37.09 ? 77  SER A CA  1 
ATOM   162  C  C   . SER A 1 36  ? -8.425  -13.968 -0.789  1.00 40.39 ? 77  SER A C   1 
ATOM   163  O  O   . SER A 1 36  ? -7.720  -13.001 -0.482  1.00 39.60 ? 77  SER A O   1 
ATOM   164  C  CB  . SER A 1 36  ? -7.525  -16.019 0.330   1.00 33.96 ? 77  SER A CB  1 
ATOM   165  O  OG  . SER A 1 36  ? -8.564  -15.781 1.259   1.00 39.23 ? 77  SER A OG  1 
ATOM   166  N  N   . ARG A 1 37  ? -9.736  -13.862 -0.966  1.00 39.27 ? 78  ARG A N   1 
ATOM   167  C  CA  . ARG A 1 37  ? -10.383 -12.569 -0.813  1.00 41.99 ? 78  ARG A CA  1 
ATOM   168  C  C   . ARG A 1 37  ? -10.492 -12.180 0.665   1.00 38.64 ? 78  ARG A C   1 
ATOM   169  O  O   . ARG A 1 37  ? -11.012 -11.113 0.988   1.00 38.37 ? 78  ARG A O   1 
ATOM   170  C  CB  . ARG A 1 37  ? -11.765 -12.551 -1.487  1.00 38.04 ? 78  ARG A CB  1 
ATOM   171  C  CG  . ARG A 1 37  ? -11.737 -12.823 -2.994  1.00 45.89 ? 78  ARG A CG  1 
ATOM   172  C  CD  . ARG A 1 37  ? -11.015 -11.717 -3.748  1.00 40.86 ? 78  ARG A CD  1 
ATOM   173  N  NE  . ARG A 1 37  ? -10.899 -11.976 -5.181  1.00 42.63 ? 78  ARG A NE  1 
ATOM   174  C  CZ  . ARG A 1 37  ? -11.849 -11.695 -6.069  1.00 45.52 ? 78  ARG A CZ  1 
ATOM   175  N  NH1 . ARG A 1 37  ? -12.996 -11.157 -5.667  1.00 46.46 ? 78  ARG A NH1 1 
ATOM   176  N  NH2 . ARG A 1 37  ? -11.657 -11.959 -7.358  1.00 48.56 ? 78  ARG A NH2 1 
ATOM   177  N  N   . ASN A 1 38  ? -9.970  -13.022 1.557   1.00 37.80 ? 79  ASN A N   1 
ATOM   178  C  CA  A ASN A 1 38  ? -10.103 -12.776 2.990   0.49 40.30 ? 79  ASN A CA  1 
ATOM   179  C  CA  B ASN A 1 38  ? -10.106 -12.780 2.990   0.51 40.16 ? 79  ASN A CA  1 
ATOM   180  C  C   . ASN A 1 38  ? -8.872  -13.131 3.811   1.00 36.90 ? 79  ASN A C   1 
ATOM   181  O  O   . ASN A 1 38  ? -8.859  -14.116 4.553   1.00 33.19 ? 79  ASN A O   1 
ATOM   182  C  CB  A ASN A 1 38  ? -11.334 -13.492 3.516   0.49 42.44 ? 79  ASN A CB  1 
ATOM   183  C  CB  B ASN A 1 38  ? -11.328 -13.516 3.513   0.51 42.43 ? 79  ASN A CB  1 
ATOM   184  C  CG  A ASN A 1 38  ? -12.541 -13.237 2.651   0.49 43.64 ? 79  ASN A CG  1 
ATOM   185  C  CG  B ASN A 1 38  ? -12.523 -13.325 2.614   0.51 43.44 ? 79  ASN A CG  1 
ATOM   186  O  OD1 A ASN A 1 38  ? -12.790 -13.962 1.685   0.49 43.70 ? 79  ASN A OD1 1 
ATOM   187  O  OD1 B ASN A 1 38  ? -12.753 -14.112 1.692   0.51 43.63 ? 79  ASN A OD1 1 
ATOM   188  N  ND2 A ASN A 1 38  ? -13.283 -12.182 2.967   0.49 43.90 ? 79  ASN A ND2 1 
ATOM   189  N  ND2 B ASN A 1 38  ? -13.278 -12.259 2.854   0.51 43.90 ? 79  ASN A ND2 1 
ATOM   190  N  N   . PRO A 1 39  ? -7.832  -12.309 3.685   1.00 34.60 ? 80  PRO A N   1 
ATOM   191  C  CA  . PRO A 1 39  ? -6.561  -12.451 4.384   1.00 33.22 ? 80  PRO A CA  1 
ATOM   192  C  C   . PRO A 1 39  ? -6.777  -12.280 5.873   1.00 35.52 ? 80  PRO A C   1 
ATOM   193  O  O   . PRO A 1 39  ? -7.795  -11.735 6.306   1.00 39.65 ? 80  PRO A O   1 
ATOM   194  C  CB  . PRO A 1 39  ? -5.748  -11.265 3.853   1.00 31.26 ? 80  PRO A CB  1 
ATOM   195  C  CG  . PRO A 1 39  ? -6.777  -10.248 3.493   1.00 38.38 ? 80  PRO A CG  1 
ATOM   196  C  CD  . PRO A 1 39  ? -7.902  -11.054 2.916   1.00 38.17 ? 80  PRO A CD  1 
ATOM   197  N  N   . LEU A 1 40  ? -5.827  -12.755 6.657   1.00 33.36 ? 81  LEU A N   1 
ATOM   198  C  CA  . LEU A 1 40  ? -5.787  -12.370 8.048   1.00 35.76 ? 81  LEU A CA  1 
ATOM   199  C  C   . LEU A 1 40  ? -4.567  -11.485 8.178   1.00 33.25 ? 81  LEU A C   1 
ATOM   200  O  O   . LEU A 1 40  ? -3.437  -11.961 8.198   1.00 35.83 ? 81  LEU A O   1 
ATOM   201  C  CB  . LEU A 1 40  ? -5.705  -13.578 8.974   1.00 37.40 ? 81  LEU A CB  1 
ATOM   202  C  CG  . LEU A 1 40  ? -6.174  -13.201 10.387  1.00 43.67 ? 81  LEU A CG  1 
ATOM   203  C  CD1 . LEU A 1 40  ? -6.946  -14.336 11.063  1.00 39.58 ? 81  LEU A CD1 1 
ATOM   204  C  CD2 . LEU A 1 40  ? -4.999  -12.764 11.238  1.00 37.20 ? 81  LEU A CD2 1 
ATOM   205  N  N   . LEU A 1 41  ? -4.807  -10.182 8.203   1.00 30.97 ? 82  LEU A N   1 
ATOM   206  C  CA  . LEU A 1 41  ? -3.718  -9.223  8.244   1.00 31.93 ? 82  LEU A CA  1 
ATOM   207  C  C   . LEU A 1 41  ? -3.397  -8.889  9.687   1.00 31.88 ? 82  LEU A C   1 
ATOM   208  O  O   . LEU A 1 41  ? -4.276  -8.470  10.435  1.00 33.67 ? 82  LEU A O   1 
ATOM   209  C  CB  . LEU A 1 41  ? -4.123  -7.961  7.492   1.00 25.93 ? 82  LEU A CB  1 
ATOM   210  C  CG  . LEU A 1 41  ? -4.600  -8.236  6.055   1.00 26.78 ? 82  LEU A CG  1 
ATOM   211  C  CD1 . LEU A 1 41  ? -5.184  -6.990  5.406   1.00 31.69 ? 82  LEU A CD1 1 
ATOM   212  C  CD2 . LEU A 1 41  ? -3.466  -8.800  5.207   1.00 29.73 ? 82  LEU A CD2 1 
ATOM   213  N  N   . ILE A 1 42  ? -2.140  -9.085  10.072  1.00 25.61 ? 83  ILE A N   1 
ATOM   214  C  CA  . ILE A 1 42  ? -1.692  -8.763  11.416  1.00 31.83 ? 83  ILE A CA  1 
ATOM   215  C  C   . ILE A 1 42  ? -1.017  -7.405  11.391  1.00 29.91 ? 83  ILE A C   1 
ATOM   216  O  O   . ILE A 1 42  ? -0.304  -7.084  10.439  1.00 29.56 ? 83  ILE A O   1 
ATOM   217  C  CB  . ILE A 1 42  ? -0.679  -9.801  11.927  1.00 34.90 ? 83  ILE A CB  1 
ATOM   218  C  CG1 . ILE A 1 42  ? -1.292  -11.199 11.882  1.00 40.88 ? 83  ILE A CG1 1 
ATOM   219  C  CG2 . ILE A 1 42  ? -0.235  -9.458  13.342  1.00 41.20 ? 83  ILE A CG2 1 
ATOM   220  C  CD1 . ILE A 1 42  ? -2.483  -11.351 12.798  1.00 40.85 ? 83  ILE A CD1 1 
ATOM   221  N  N   . ASP A 1 43  ? -1.244  -6.614  12.433  1.00 29.72 ? 84  ASP A N   1 
ATOM   222  C  CA  . ASP A 1 43  ? -0.682  -5.274  12.517  1.00 27.40 ? 84  ASP A CA  1 
ATOM   223  C  C   . ASP A 1 43  ? 0.821   -5.314  12.308  1.00 29.56 ? 84  ASP A C   1 
ATOM   224  O  O   . ASP A 1 43  ? 1.541   -5.942  13.085  1.00 27.54 ? 84  ASP A O   1 
ATOM   225  C  CB  . ASP A 1 43  ? -0.964  -4.667  13.883  1.00 29.98 ? 84  ASP A CB  1 
ATOM   226  C  CG  . ASP A 1 43  ? -0.305  -3.318  14.059  1.00 30.25 ? 84  ASP A CG  1 
ATOM   227  O  OD1 . ASP A 1 43  ? -0.342  -2.513  13.102  1.00 32.79 ? 84  ASP A OD1 1 
ATOM   228  O  OD2 . ASP A 1 43  ? 0.248   -3.064  15.143  1.00 32.79 ? 84  ASP A OD2 1 
ATOM   229  N  N   . PRO A 1 44  ? 1.311   -4.636  11.265  1.00 27.53 ? 85  PRO A N   1 
ATOM   230  C  CA  . PRO A 1 44  ? 2.751   -4.697  10.996  1.00 32.62 ? 85  PRO A CA  1 
ATOM   231  C  C   . PRO A 1 44  ? 3.593   -3.975  12.048  1.00 30.02 ? 85  PRO A C   1 
ATOM   232  O  O   . PRO A 1 44  ? 4.761   -4.320  12.217  1.00 35.20 ? 85  PRO A O   1 
ATOM   233  C  CB  . PRO A 1 44  ? 2.885   -4.018  9.624   1.00 29.56 ? 85  PRO A CB  1 
ATOM   234  C  CG  . PRO A 1 44  ? 1.693   -3.146  9.520   1.00 31.86 ? 85  PRO A CG  1 
ATOM   235  C  CD  . PRO A 1 44  ? 0.587   -3.848  10.254  1.00 30.60 ? 85  PRO A CD  1 
ATOM   236  N  N   . PHE A 1 45  ? 3.021   -3.013  12.761  1.00 27.58 ? 86  PHE A N   1 
ATOM   237  C  CA  . PHE A 1 45  ? 3.813   -2.219  13.706  1.00 28.30 ? 86  PHE A CA  1 
ATOM   238  C  C   . PHE A 1 45  ? 4.075   -2.917  15.042  1.00 37.73 ? 86  PHE A C   1 
ATOM   239  O  O   . PHE A 1 45  ? 5.049   -2.612  15.733  1.00 39.54 ? 86  PHE A O   1 
ATOM   240  C  CB  . PHE A 1 45  ? 3.186   -0.828  13.897  1.00 29.76 ? 86  PHE A CB  1 
ATOM   241  C  CG  . PHE A 1 45  ? 3.050   -0.069  12.608  1.00 30.03 ? 86  PHE A CG  1 
ATOM   242  C  CD1 . PHE A 1 45  ? 4.146   0.568   12.052  1.00 32.03 ? 86  PHE A CD1 1 
ATOM   243  C  CD2 . PHE A 1 45  ? 1.842   -0.029  11.931  1.00 27.68 ? 86  PHE A CD2 1 
ATOM   244  C  CE1 . PHE A 1 45  ? 4.037   1.248   10.861  1.00 30.11 ? 86  PHE A CE1 1 
ATOM   245  C  CE2 . PHE A 1 45  ? 1.725   0.648   10.730  1.00 30.05 ? 86  PHE A CE2 1 
ATOM   246  C  CZ  . PHE A 1 45  ? 2.823   1.287   10.193  1.00 31.17 ? 86  PHE A CZ  1 
ATOM   247  N  N   . THR A 1 46  ? 3.220   -3.862  15.404  1.00 33.26 ? 87  THR A N   1 
ATOM   248  C  CA  . THR A 1 46  ? 3.371   -4.527  16.692  1.00 35.06 ? 87  THR A CA  1 
ATOM   249  C  C   . THR A 1 46  ? 3.768   -5.985  16.539  1.00 38.81 ? 87  THR A C   1 
ATOM   250  O  O   . THR A 1 46  ? 3.839   -6.716  17.520  1.00 46.99 ? 87  THR A O   1 
ATOM   251  C  CB  . THR A 1 46  ? 2.091   -4.431  17.530  1.00 37.80 ? 87  THR A CB  1 
ATOM   252  O  OG1 . THR A 1 46  ? 0.976   -4.930  16.774  1.00 37.83 ? 87  THR A OG1 1 
ATOM   253  C  CG2 . THR A 1 46  ? 1.825   -2.978  17.935  1.00 39.05 ? 87  THR A CG2 1 
ATOM   254  N  N   . SER A 1 47  ? 4.036   -6.406  15.308  1.00 38.91 ? 88  SER A N   1 
ATOM   255  C  CA  . SER A 1 47  ? 4.364   -7.804  15.050  1.00 48.29 ? 88  SER A CA  1 
ATOM   256  C  C   . SER A 1 47  ? 5.862   -8.013  14.846  1.00 53.01 ? 88  SER A C   1 
ATOM   257  O  O   . SER A 1 47  ? 6.618   -7.049  14.702  1.00 55.45 ? 88  SER A O   1 
ATOM   258  C  CB  . SER A 1 47  ? 3.594   -8.319  13.834  1.00 45.33 ? 88  SER A CB  1 
ATOM   259  O  OG  . SER A 1 47  ? 3.986   -7.618  12.665  1.00 46.12 ? 88  SER A OG  1 
ATOM   260  N  N   . LYS A 1 48  ? 6.283   -9.276  14.835  1.00 58.01 ? 89  LYS A N   1 
ATOM   261  C  CA  . LYS A 1 48  ? 7.684   -9.620  14.609  1.00 61.63 ? 89  LYS A CA  1 
ATOM   262  C  C   . LYS A 1 48  ? 7.942   -9.983  13.150  1.00 56.80 ? 89  LYS A C   1 
ATOM   263  O  O   . LYS A 1 48  ? 9.079   -9.928  12.678  1.00 61.68 ? 89  LYS A O   1 
ATOM   264  C  CB  . LYS A 1 48  ? 8.111   -10.772 15.521  1.00 60.06 ? 89  LYS A CB  1 
ATOM   265  C  CG  . LYS A 1 48  ? 7.354   -12.068 15.283  1.00 63.87 ? 89  LYS A CG  1 
ATOM   266  C  CD  . LYS A 1 48  ? 8.016   -13.228 16.019  1.00 66.30 ? 89  LYS A CD  1 
ATOM   267  C  CE  . LYS A 1 48  ? 7.278   -14.535 15.781  1.00 66.15 ? 89  LYS A CE  1 
ATOM   268  N  NZ  . LYS A 1 48  ? 7.277   -14.919 14.341  1.00 69.03 ? 89  LYS A NZ  1 
ATOM   269  N  N   . LEU A 1 53  ? 13.105  -12.747 4.401   1.00 49.62 ? 94  LEU A N   1 
ATOM   270  C  CA  . LEU A 1 53  ? 13.234  -11.970 3.172   1.00 50.64 ? 94  LEU A CA  1 
ATOM   271  C  C   . LEU A 1 53  ? 12.215  -12.407 2.129   1.00 51.55 ? 94  LEU A C   1 
ATOM   272  O  O   . LEU A 1 53  ? 12.134  -13.591 1.788   1.00 43.13 ? 94  LEU A O   1 
ATOM   273  C  CB  . LEU A 1 53  ? 14.643  -12.109 2.601   1.00 50.22 ? 94  LEU A CB  1 
ATOM   274  C  CG  . LEU A 1 53  ? 15.068  -11.279 1.387   1.00 52.53 ? 94  LEU A CG  1 
ATOM   275  C  CD1 . LEU A 1 53  ? 14.201  -10.069 1.151   1.00 45.83 ? 94  LEU A CD1 1 
ATOM   276  C  CD2 . LEU A 1 53  ? 16.537  -10.865 1.579   1.00 49.61 ? 94  LEU A CD2 1 
ATOM   277  N  N   . ARG A 1 54  ? 11.463  -11.443 1.600   1.00 45.13 ? 95  ARG A N   1 
ATOM   278  C  CA  . ARG A 1 54  ? 10.292  -11.762 0.788   1.00 40.76 ? 95  ARG A CA  1 
ATOM   279  C  C   . ARG A 1 54  ? 10.571  -11.869 -0.714  1.00 35.37 ? 95  ARG A C   1 
ATOM   280  O  O   . ARG A 1 54  ? 11.241  -11.022 -1.309  1.00 34.44 ? 95  ARG A O   1 
ATOM   281  C  CB  . ARG A 1 54  ? 9.171   -10.742 1.040   1.00 37.61 ? 95  ARG A CB  1 
ATOM   282  C  CG  . ARG A 1 54  ? 8.925   -10.410 2.514   1.00 42.49 ? 95  ARG A CG  1 
ATOM   283  C  CD  . ARG A 1 54  ? 9.059   -11.645 3.381   1.00 47.08 ? 95  ARG A CD  1 
ATOM   284  N  NE  . ARG A 1 54  ? 8.021   -12.644 3.127   1.00 47.97 ? 95  ARG A NE  1 
ATOM   285  C  CZ  . ARG A 1 54  ? 8.096   -13.912 3.534   1.00 50.06 ? 95  ARG A CZ  1 
ATOM   286  N  NH1 . ARG A 1 54  ? 7.103   -14.757 3.282   1.00 42.72 ? 95  ARG A NH1 1 
ATOM   287  N  NH2 . ARG A 1 54  ? 9.169   -14.340 4.196   1.00 52.07 ? 95  ARG A NH2 1 
ATOM   288  N  N   . GLU A 1 55  ? 10.014  -12.912 -1.318  1.00 30.72 ? 96  GLU A N   1 
ATOM   289  C  CA  . GLU A 1 55  ? 10.134  -13.125 -2.753  1.00 30.62 ? 96  GLU A CA  1 
ATOM   290  C  C   . GLU A 1 55  ? 8.808   -13.001 -3.476  1.00 26.73 ? 96  GLU A C   1 
ATOM   291  O  O   . GLU A 1 55  ? 8.774   -13.035 -4.701  1.00 23.33 ? 96  GLU A O   1 
ATOM   292  C  CB  . GLU A 1 55  ? 10.741  -14.498 -3.055  1.00 40.90 ? 96  GLU A CB  1 
ATOM   293  C  CG  . GLU A 1 55  ? 12.209  -14.608 -2.705  1.00 45.22 ? 96  GLU A CG  1 
ATOM   294  C  CD  . GLU A 1 55  ? 12.752  -16.021 -2.887  1.00 59.82 ? 96  GLU A CD  1 
ATOM   295  O  OE1 . GLU A 1 55  ? 11.960  -16.992 -2.805  1.00 54.40 ? 96  GLU A OE1 1 
ATOM   296  O  OE2 . GLU A 1 55  ? 13.973  -16.156 -3.116  1.00 64.34 ? 96  GLU A OE2 1 
ATOM   297  N  N   . TYR A 1 56  ? 7.723   -12.844 -2.723  1.00 28.47 ? 97  TYR A N   1 
ATOM   298  C  CA  . TYR A 1 56  ? 6.391   -12.874 -3.312  1.00 25.69 ? 97  TYR A CA  1 
ATOM   299  C  C   . TYR A 1 56  ? 6.154   -11.773 -4.350  1.00 24.41 ? 97  TYR A C   1 
ATOM   300  O  O   . TYR A 1 56  ? 5.320   -11.936 -5.234  1.00 24.15 ? 97  TYR A O   1 
ATOM   301  C  CB  . TYR A 1 56  ? 5.311   -12.831 -2.222  1.00 22.81 ? 97  TYR A CB  1 
ATOM   302  C  CG  . TYR A 1 56  ? 5.142   -11.475 -1.571  1.00 21.82 ? 97  TYR A CG  1 
ATOM   303  C  CD1 . TYR A 1 56  ? 4.230   -10.547 -2.078  1.00 22.16 ? 97  TYR A CD1 1 
ATOM   304  C  CD2 . TYR A 1 56  ? 5.879   -11.119 -0.456  1.00 23.05 ? 97  TYR A CD2 1 
ATOM   305  C  CE1 . TYR A 1 56  ? 4.062   -9.284  -1.476  1.00 23.34 ? 97  TYR A CE1 1 
ATOM   306  C  CE2 . TYR A 1 56  ? 5.725   -9.881  0.145   1.00 23.41 ? 97  TYR A CE2 1 
ATOM   307  C  CZ  . TYR A 1 56  ? 4.817   -8.967  -0.369  1.00 22.50 ? 97  TYR A CZ  1 
ATOM   308  O  OH  . TYR A 1 56  ? 4.684   -7.744  0.242   1.00 21.93 ? 97  TYR A OH  1 
ATOM   309  N  N   . ALA A 1 57  ? 6.883   -10.659 -4.259  1.00 22.18 ? 98  ALA A N   1 
ATOM   310  C  CA  . ALA A 1 57  ? 6.689   -9.572  -5.218  1.00 21.58 ? 98  ALA A CA  1 
ATOM   311  C  C   . ALA A 1 57  ? 7.868   -9.386  -6.169  1.00 23.96 ? 98  ALA A C   1 
ATOM   312  O  O   . ALA A 1 57  ? 8.044   -8.321  -6.740  1.00 23.13 ? 98  ALA A O   1 
ATOM   313  C  CB  . ALA A 1 57  ? 6.381   -8.253  -4.481  1.00 21.64 ? 98  ALA A CB  1 
ATOM   314  N  N   . ARG A 1 58  ? 8.685   -10.424 -6.315  1.00 25.85 ? 99  ARG A N   1 
ATOM   315  C  CA  . ARG A 1 58  ? 9.910   -10.326 -7.101  1.00 26.71 ? 99  ARG A CA  1 
ATOM   316  C  C   . ARG A 1 58  ? 9.682   -9.812  -8.519  1.00 23.79 ? 99  ARG A C   1 
ATOM   317  O  O   . ARG A 1 58  ? 10.506  -9.059  -9.054  1.00 21.63 ? 99  ARG A O   1 
ATOM   318  C  CB  . ARG A 1 58  ? 10.621  -11.680 -7.149  1.00 31.24 ? 99  ARG A CB  1 
ATOM   319  C  CG  . ARG A 1 58  ? 12.088  -11.577 -7.497  1.00 44.00 ? 99  ARG A CG  1 
ATOM   320  C  CD  . ARG A 1 58  ? 12.634  -12.880 -8.088  1.00 47.95 ? 99  ARG A CD  1 
ATOM   321  N  NE  . ARG A 1 58  ? 12.586  -14.010 -7.159  1.00 58.29 ? 99  ARG A NE  1 
ATOM   322  C  CZ  . ARG A 1 58  ? 11.721  -15.017 -7.252  1.00 60.75 ? 99  ARG A CZ  1 
ATOM   323  N  NH1 . ARG A 1 58  ? 10.822  -15.036 -8.230  1.00 59.26 ? 99  ARG A NH1 1 
ATOM   324  N  NH2 . ARG A 1 58  ? 11.752  -16.006 -6.364  1.00 54.50 ? 99  ARG A NH2 1 
ATOM   325  N  N   . MET A 1 59  ? 8.568   -10.208 -9.129  1.00 21.84 ? 100 MET A N   1 
ATOM   326  C  CA  . MET A 1 59  ? 8.258   -9.767  -10.483 1.00 25.20 ? 100 MET A CA  1 
ATOM   327  C  C   . MET A 1 59  ? 8.144   -8.234  -10.588 1.00 24.89 ? 100 MET A C   1 
ATOM   328  O  O   . MET A 1 59  ? 8.301   -7.668  -11.664 1.00 25.49 ? 100 MET A O   1 
ATOM   329  C  CB  . MET A 1 59  ? 6.987   -10.459 -11.006 1.00 24.44 ? 100 MET A CB  1 
ATOM   330  C  CG  . MET A 1 59  ? 5.670   -9.827  -10.524 1.00 22.48 ? 100 MET A CG  1 
ATOM   331  S  SD  . MET A 1 59  ? 5.326   -9.992  -8.753  1.00 23.97 ? 100 MET A SD  1 
ATOM   332  C  CE  . MET A 1 59  ? 4.590   -11.632 -8.665  1.00 23.40 ? 100 MET A CE  1 
ATOM   333  N  N   . LEU A 1 60  ? 7.869   -7.553  -9.479  1.00 22.41 ? 101 LEU A N   1 
ATOM   334  C  CA  . LEU A 1 60  ? 7.721   -6.100  -9.540  1.00 21.84 ? 101 LEU A CA  1 
ATOM   335  C  C   . LEU A 1 60  ? 9.002   -5.377  -9.156  1.00 22.53 ? 101 LEU A C   1 
ATOM   336  O  O   . LEU A 1 60  ? 9.080   -4.157  -9.247  1.00 25.46 ? 101 LEU A O   1 
ATOM   337  C  CB  . LEU A 1 60  ? 6.565   -5.611  -8.645  1.00 24.90 ? 101 LEU A CB  1 
ATOM   338  C  CG  . LEU A 1 60  ? 5.164   -6.070  -9.053  1.00 20.88 ? 101 LEU A CG  1 
ATOM   339  C  CD1 . LEU A 1 60  ? 4.119   -5.510  -8.084  1.00 21.02 ? 101 LEU A CD1 1 
ATOM   340  C  CD2 . LEU A 1 60  ? 4.869   -5.673  -10.507 1.00 22.67 ? 101 LEU A CD2 1 
ATOM   341  N  N   . GLU A 1 61  ? 10.014  -6.124  -8.732  1.00 24.92 ? 102 GLU A N   1 
ATOM   342  C  CA  . GLU A 1 61  ? 11.159  -5.493  -8.081  1.00 26.20 ? 102 GLU A CA  1 
ATOM   343  C  C   . GLU A 1 61  ? 12.209  -4.928  -9.036  1.00 29.47 ? 102 GLU A C   1 
ATOM   344  O  O   . GLU A 1 61  ? 12.661  -5.609  -9.946  1.00 29.62 ? 102 GLU A O   1 
ATOM   345  C  CB  . GLU A 1 61  ? 11.803  -6.459  -7.079  1.00 27.88 ? 102 GLU A CB  1 
ATOM   346  C  CG  . GLU A 1 61  ? 10.929  -6.693  -5.847  1.00 29.74 ? 102 GLU A CG  1 
ATOM   347  C  CD  . GLU A 1 61  ? 11.544  -7.656  -4.841  1.00 34.22 ? 102 GLU A CD  1 
ATOM   348  O  OE1 . GLU A 1 61  ? 11.062  -7.687  -3.688  1.00 31.02 ? 102 GLU A OE1 1 
ATOM   349  O  OE2 . GLU A 1 61  ? 12.495  -8.385  -5.204  1.00 36.17 ? 102 GLU A OE2 1 
ATOM   350  N  N   . VAL A 1 62  ? 12.580  -3.671  -8.817  1.00 29.81 ? 103 VAL A N   1 
ATOM   351  C  CA  . VAL A 1 62  ? 13.731  -3.075  -9.487  1.00 33.97 ? 103 VAL A CA  1 
ATOM   352  C  C   . VAL A 1 62  ? 14.628  -2.461  -8.421  1.00 39.21 ? 103 VAL A C   1 
ATOM   353  O  O   . VAL A 1 62  ? 14.235  -1.513  -7.738  1.00 35.36 ? 103 VAL A O   1 
ATOM   354  C  CB  . VAL A 1 62  ? 13.318  -2.019  -10.530 1.00 36.42 ? 103 VAL A CB  1 
ATOM   355  C  CG1 . VAL A 1 62  ? 14.547  -1.300  -11.079 1.00 43.90 ? 103 VAL A CG1 1 
ATOM   356  C  CG2 . VAL A 1 62  ? 12.547  -2.680  -11.658 1.00 35.81 ? 103 VAL A CG2 1 
ATOM   357  N  N   . HIS A 1 63  ? 15.816  -3.034  -8.253  1.00 41.72 ? 104 HIS A N   1 
ATOM   358  C  CA  . HIS A 1 63  ? 16.700  -2.651  -7.156  1.00 45.57 ? 104 HIS A CA  1 
ATOM   359  C  C   . HIS A 1 63  ? 15.931  -2.704  -5.845  1.00 43.37 ? 104 HIS A C   1 
ATOM   360  O  O   . HIS A 1 63  ? 15.979  -1.780  -5.030  1.00 39.40 ? 104 HIS A O   1 
ATOM   361  C  CB  . HIS A 1 63  ? 17.319  -1.275  -7.398  1.00 43.28 ? 104 HIS A CB  1 
ATOM   362  C  CG  . HIS A 1 63  ? 18.142  -1.208  -8.646  1.00 54.69 ? 104 HIS A CG  1 
ATOM   363  N  ND1 . HIS A 1 63  ? 18.186  -0.089  -9.452  1.00 60.48 ? 104 HIS A ND1 1 
ATOM   364  C  CD2 . HIS A 1 63  ? 18.939  -2.129  -9.236  1.00 55.48 ? 104 HIS A CD2 1 
ATOM   365  C  CE1 . HIS A 1 63  ? 18.980  -0.324  -10.482 1.00 66.45 ? 104 HIS A CE1 1 
ATOM   366  N  NE2 . HIS A 1 63  ? 19.451  -1.554  -10.375 1.00 60.30 ? 104 HIS A NE2 1 
ATOM   367  N  N   . GLU A 1 64  ? 15.198  -3.799  -5.685  1.00 41.59 ? 105 GLU A N   1 
ATOM   368  C  CA  . GLU A 1 64  ? 14.535  -4.138  -4.434  1.00 41.24 ? 105 GLU A CA  1 
ATOM   369  C  C   . GLU A 1 64  ? 13.310  -3.290  -4.077  1.00 36.27 ? 105 GLU A C   1 
ATOM   370  O  O   . GLU A 1 64  ? 12.697  -3.521  -3.030  1.00 36.82 ? 105 GLU A O   1 
ATOM   371  C  CB  . GLU A 1 64  ? 15.543  -4.135  -3.279  1.00 52.79 ? 105 GLU A CB  1 
ATOM   372  C  CG  . GLU A 1 64  ? 16.658  -5.170  -3.423  1.00 59.23 ? 105 GLU A CG  1 
ATOM   373  C  CD  . GLU A 1 64  ? 17.631  -5.153  -2.251  1.00 68.83 ? 105 GLU A CD  1 
ATOM   374  O  OE1 . GLU A 1 64  ? 18.401  -6.131  -2.097  1.00 69.05 ? 105 GLU A OE1 1 
ATOM   375  O  OE2 . GLU A 1 64  ? 17.625  -4.161  -1.484  1.00 69.65 ? 105 GLU A OE2 1 
ATOM   376  N  N   . GLN A 1 65  ? 12.956  -2.323  -4.927  1.00 31.13 ? 106 GLN A N   1 
ATOM   377  C  CA  . GLN A 1 65  ? 11.751  -1.521  -4.731  1.00 31.17 ? 106 GLN A CA  1 
ATOM   378  C  C   . GLN A 1 65  ? 10.651  -2.019  -5.647  1.00 28.45 ? 106 GLN A C   1 
ATOM   379  O  O   . GLN A 1 65  ? 10.904  -2.325  -6.811  1.00 31.70 ? 106 GLN A O   1 
ATOM   380  C  CB  . GLN A 1 65  ? 12.015  -0.039  -5.026  1.00 34.73 ? 106 GLN A CB  1 
ATOM   381  C  CG  . GLN A 1 65  ? 13.152  0.541   -4.212  1.00 38.25 ? 106 GLN A CG  1 
ATOM   382  C  CD  . GLN A 1 65  ? 13.294  2.035   -4.373  1.00 37.90 ? 106 GLN A CD  1 
ATOM   383  O  OE1 . GLN A 1 65  ? 12.588  2.663   -5.170  1.00 45.65 ? 106 GLN A OE1 1 
ATOM   384  N  NE2 . GLN A 1 65  ? 14.212  2.620   -3.610  1.00 41.76 ? 106 GLN A NE2 1 
ATOM   385  N  N   . ILE A 1 66  ? 9.426   -2.098  -5.141  1.00 23.84 ? 107 ILE A N   1 
ATOM   386  C  CA  . ILE A 1 66  ? 8.313   -2.471  -6.011  1.00 25.71 ? 107 ILE A CA  1 
ATOM   387  C  C   . ILE A 1 66  ? 7.533   -1.275  -6.561  1.00 27.96 ? 107 ILE A C   1 
ATOM   388  O  O   . ILE A 1 66  ? 6.617   -1.449  -7.378  1.00 26.78 ? 107 ILE A O   1 
ATOM   389  C  CB  . ILE A 1 66  ? 7.356   -3.502  -5.360  1.00 27.05 ? 107 ILE A CB  1 
ATOM   390  C  CG1 . ILE A 1 66  ? 6.688   -2.932  -4.107  1.00 28.25 ? 107 ILE A CG1 1 
ATOM   391  C  CG2 . ILE A 1 66  ? 8.097   -4.782  -5.042  1.00 26.99 ? 107 ILE A CG2 1 
ATOM   392  C  CD1 . ILE A 1 66  ? 5.593   -3.831  -3.566  1.00 25.64 ? 107 ILE A CD1 1 
ATOM   393  N  N   . GLY A 1 67  ? 7.895   -0.067  -6.130  1.00 27.17 ? 108 GLY A N   1 
ATOM   394  C  CA  . GLY A 1 67  ? 7.222   1.134   -6.606  1.00 25.66 ? 108 GLY A CA  1 
ATOM   395  C  C   . GLY A 1 67  ? 7.459   2.394   -5.801  1.00 28.31 ? 108 GLY A C   1 
ATOM   396  O  O   . GLY A 1 67  ? 8.380   2.472   -4.990  1.00 28.99 ? 108 GLY A O   1 
ATOM   397  N  N   . HIS A 1 68  ? 6.612   3.390   -6.038  1.00 24.55 ? 109 HIS A N   1 
ATOM   398  C  CA  . HIS A 1 68  ? 6.664   4.643   -5.321  1.00 26.28 ? 109 HIS A CA  1 
ATOM   399  C  C   . HIS A 1 68  ? 5.238   5.101   -5.110  1.00 24.34 ? 109 HIS A C   1 
ATOM   400  O  O   . HIS A 1 68  ? 4.381   4.875   -5.958  1.00 23.45 ? 109 HIS A O   1 
ATOM   401  C  CB  . HIS A 1 68  ? 7.439   5.691   -6.125  1.00 28.63 ? 109 HIS A CB  1 
ATOM   402  C  CG  . HIS A 1 68  ? 8.923   5.490   -6.101  1.00 36.84 ? 109 HIS A CG  1 
ATOM   403  N  ND1 . HIS A 1 68  ? 9.769   6.280   -5.353  1.00 43.43 ? 109 HIS A ND1 1 
ATOM   404  C  CD2 . HIS A 1 68  ? 9.711   4.579   -6.724  1.00 39.22 ? 109 HIS A CD2 1 
ATOM   405  C  CE1 . HIS A 1 68  ? 11.016  5.869   -5.518  1.00 39.93 ? 109 HIS A CE1 1 
ATOM   406  N  NE2 . HIS A 1 68  ? 11.007  4.837   -6.341  1.00 45.69 ? 109 HIS A NE2 1 
ATOM   407  N  N   . VAL A 1 69  ? 4.980   5.720   -3.967  1.00 23.35 ? 110 VAL A N   1 
ATOM   408  C  CA  . VAL A 1 69  ? 3.663   6.260   -3.686  1.00 24.60 ? 110 VAL A CA  1 
ATOM   409  C  C   . VAL A 1 69  ? 3.787   7.746   -3.407  1.00 24.50 ? 110 VAL A C   1 
ATOM   410  O  O   . VAL A 1 69  ? 4.534   8.155   -2.518  1.00 27.89 ? 110 VAL A O   1 
ATOM   411  C  CB  . VAL A 1 69  ? 2.961   5.528   -2.509  1.00 25.10 ? 110 VAL A CB  1 
ATOM   412  C  CG1 . VAL A 1 69  ? 3.850   5.489   -1.266  1.00 23.84 ? 110 VAL A CG1 1 
ATOM   413  C  CG2 . VAL A 1 69  ? 1.600   6.170   -2.223  1.00 24.38 ? 110 VAL A CG2 1 
ATOM   414  N  N   . ALA A 1 70  ? 3.056   8.543   -4.188  1.00 22.29 ? 111 ALA A N   1 
ATOM   415  C  CA  . ALA A 1 70  ? 3.086   9.999   -4.089  1.00 27.04 ? 111 ALA A CA  1 
ATOM   416  C  C   . ALA A 1 70  ? 1.728   10.521  -3.653  1.00 22.89 ? 111 ALA A C   1 
ATOM   417  O  O   . ALA A 1 70  ? 0.690   10.132  -4.197  1.00 25.03 ? 111 ALA A O   1 
ATOM   418  C  CB  . ALA A 1 70  ? 3.475   10.614  -5.431  1.00 31.30 ? 111 ALA A CB  1 
ATOM   419  N  N   . ILE A 1 71  ? 1.746   11.392  -2.652  1.00 23.92 ? 112 ILE A N   1 
ATOM   420  C  CA  . ILE A 1 71  ? 0.546   12.045  -2.179  1.00 25.73 ? 112 ILE A CA  1 
ATOM   421  C  C   . ILE A 1 71  ? 0.869   13.539  -2.192  1.00 26.66 ? 112 ILE A C   1 
ATOM   422  O  O   . ILE A 1 71  ? 1.222   14.095  -1.167  1.00 26.90 ? 112 ILE A O   1 
ATOM   423  C  CB  . ILE A 1 71  ? 0.209   11.596  -0.738  1.00 23.60 ? 112 ILE A CB  1 
ATOM   424  C  CG1 . ILE A 1 71  ? 0.472   10.095  -0.570  1.00 21.77 ? 112 ILE A CG1 1 
ATOM   425  C  CG2 . ILE A 1 71  ? -1.233  11.918  -0.408  1.00 25.27 ? 112 ILE A CG2 1 
ATOM   426  C  CD1 . ILE A 1 71  ? 0.437   9.628   0.872   1.00 23.72 ? 112 ILE A CD1 1 
ATOM   427  N  N   . PRO A 1 72  ? 0.801   14.171  -3.376  1.00 31.42 ? 113 PRO A N   1 
ATOM   428  C  CA  . PRO A 1 72  ? 1.173   15.583  -3.545  1.00 28.46 ? 113 PRO A CA  1 
ATOM   429  C  C   . PRO A 1 72  ? 0.316   16.475  -2.662  1.00 31.49 ? 113 PRO A C   1 
ATOM   430  O  O   . PRO A 1 72  ? 0.760   17.536  -2.231  1.00 33.10 ? 113 PRO A O   1 
ATOM   431  C  CB  . PRO A 1 72  ? 0.894   15.851  -5.035  1.00 33.84 ? 113 PRO A CB  1 
ATOM   432  C  CG  . PRO A 1 72  ? -0.050  14.751  -5.459  1.00 35.47 ? 113 PRO A CG  1 
ATOM   433  C  CD  . PRO A 1 72  ? 0.326   13.563  -4.631  1.00 30.04 ? 113 PRO A CD  1 
ATOM   434  N  N   . SER A 1 73  ? -0.899  16.030  -2.377  1.00 34.32 ? 114 SER A N   1 
ATOM   435  C  CA  . SER A 1 73  ? -1.741  16.712  -1.422  1.00 34.63 ? 114 SER A CA  1 
ATOM   436  C  C   . SER A 1 73  ? -0.988  17.091  -0.127  1.00 37.13 ? 114 SER A C   1 
ATOM   437  O  O   . SER A 1 73  ? -1.266  18.127  0.496   1.00 33.29 ? 114 SER A O   1 
ATOM   438  C  CB  . SER A 1 73  ? -2.966  15.849  -1.124  1.00 34.81 ? 114 SER A CB  1 
ATOM   439  O  OG  . SER A 1 73  ? -3.395  16.051  0.210   1.00 41.07 ? 114 SER A OG  1 
ATOM   440  N  N   . ILE A 1 74  ? -0.027  16.256  0.269   1.00 34.13 ? 115 ILE A N   1 
ATOM   441  C  CA  . ILE A 1 74  ? 0.800   16.521  1.451   1.00 25.02 ? 115 ILE A CA  1 
ATOM   442  C  C   . ILE A 1 74  ? 2.324   16.434  1.208   1.00 28.34 ? 115 ILE A C   1 
ATOM   443  O  O   . ILE A 1 74  ? 3.096   16.286  2.155   1.00 31.70 ? 115 ILE A O   1 
ATOM   444  C  CB  . ILE A 1 74  ? 0.453   15.571  2.635   1.00 29.42 ? 115 ILE A CB  1 
ATOM   445  C  CG1 . ILE A 1 74  ? 0.701   14.112  2.231   1.00 27.96 ? 115 ILE A CG1 1 
ATOM   446  C  CG2 . ILE A 1 74  ? -0.976  15.790  3.087   1.00 34.90 ? 115 ILE A CG2 1 
ATOM   447  C  CD1 . ILE A 1 74  ? 0.387   13.112  3.325   1.00 27.33 ? 115 ILE A CD1 1 
ATOM   448  N  N   . GLY A 1 75  ? 2.752   16.516  -0.048  1.00 28.64 ? 116 GLY A N   1 
ATOM   449  C  CA  . GLY A 1 75  ? 4.174   16.617  -0.359  1.00 32.13 ? 116 GLY A CA  1 
ATOM   450  C  C   . GLY A 1 75  ? 5.005   15.383  -0.049  1.00 34.33 ? 116 GLY A C   1 
ATOM   451  O  O   . GLY A 1 75  ? 6.185   15.472  0.306   1.00 38.34 ? 116 GLY A O   1 
ATOM   452  N  N   . VAL A 1 76  ? 4.375   14.222  -0.194  1.00 32.19 ? 117 VAL A N   1 
ATOM   453  C  CA  . VAL A 1 76  ? 5.015   12.937  0.059   1.00 34.14 ? 117 VAL A CA  1 
ATOM   454  C  C   . VAL A 1 76  ? 5.221   12.169  -1.240  1.00 28.67 ? 117 VAL A C   1 
ATOM   455  O  O   . VAL A 1 76  ? 4.339   12.142  -2.101  1.00 29.36 ? 117 VAL A O   1 
ATOM   456  C  CB  . VAL A 1 76  ? 4.148   12.079  1.015   1.00 30.08 ? 117 VAL A CB  1 
ATOM   457  C  CG1 . VAL A 1 76  ? 4.497   10.600  0.899   1.00 31.17 ? 117 VAL A CG1 1 
ATOM   458  C  CG2 . VAL A 1 76  ? 4.288   12.572  2.441   1.00 32.64 ? 117 VAL A CG2 1 
ATOM   459  N  N   . ASP A 1 77  ? 6.400   11.564  -1.373  1.00 31.49 ? 118 ASP A N   1 
ATOM   460  C  CA  . ASP A 1 77  ? 6.736   10.688  -2.490  1.00 31.69 ? 118 ASP A CA  1 
ATOM   461  C  C   . ASP A 1 77  ? 7.803   9.732   -1.964  1.00 35.56 ? 118 ASP A C   1 
ATOM   462  O  O   . ASP A 1 77  ? 8.952   10.126  -1.752  1.00 35.45 ? 118 ASP A O   1 
ATOM   463  C  CB  . ASP A 1 77  ? 7.278   11.504  -3.671  1.00 37.01 ? 118 ASP A CB  1 
ATOM   464  C  CG  . ASP A 1 77  ? 7.512   10.662  -4.928  1.00 38.76 ? 118 ASP A CG  1 
ATOM   465  O  OD1 . ASP A 1 77  ? 7.560   9.411   -4.840  1.00 37.22 ? 118 ASP A OD1 1 
ATOM   466  O  OD2 . ASP A 1 77  ? 7.654   11.261  -6.016  1.00 43.05 ? 118 ASP A OD2 1 
ATOM   467  N  N   . ILE A 1 78  ? 7.422   8.487   -1.705  1.00 27.37 ? 119 ILE A N   1 
ATOM   468  C  CA  . ILE A 1 78  ? 8.342   7.560   -1.045  1.00 30.56 ? 119 ILE A CA  1 
ATOM   469  C  C   . ILE A 1 78  ? 8.295   6.185   -1.694  1.00 30.92 ? 119 ILE A C   1 
ATOM   470  O  O   . ILE A 1 78  ? 7.266   5.792   -2.241  1.00 28.61 ? 119 ILE A O   1 
ATOM   471  C  CB  . ILE A 1 78  ? 8.032   7.422   0.456   1.00 33.25 ? 119 ILE A CB  1 
ATOM   472  C  CG1 . ILE A 1 78  ? 6.588   6.958   0.647   1.00 29.42 ? 119 ILE A CG1 1 
ATOM   473  C  CG2 . ILE A 1 78  ? 8.317   8.740   1.194   1.00 33.92 ? 119 ILE A CG2 1 
ATOM   474  C  CD1 . ILE A 1 78  ? 6.077   7.085   2.066   1.00 34.47 ? 119 ILE A CD1 1 
ATOM   475  N  N   . PRO A 1 79  ? 9.418   5.456   -1.634  1.00 27.54 ? 120 PRO A N   1 
ATOM   476  C  CA  . PRO A 1 79  ? 9.586   4.134   -2.248  1.00 28.13 ? 120 PRO A CA  1 
ATOM   477  C  C   . PRO A 1 79  ? 8.712   3.085   -1.562  1.00 27.64 ? 120 PRO A C   1 
ATOM   478  O  O   . PRO A 1 79  ? 8.462   3.213   -0.362  1.00 27.55 ? 120 PRO A O   1 
ATOM   479  C  CB  . PRO A 1 79  ? 11.061  3.817   -1.989  1.00 31.16 ? 120 PRO A CB  1 
ATOM   480  C  CG  . PRO A 1 79  ? 11.690  5.111   -1.607  1.00 37.00 ? 120 PRO A CG  1 
ATOM   481  C  CD  . PRO A 1 79  ? 10.639  5.908   -0.948  1.00 33.07 ? 120 PRO A CD  1 
ATOM   482  N  N   . ILE A 1 80  ? 8.253   2.082   -2.314  1.00 25.42 ? 121 ILE A N   1 
ATOM   483  C  CA  . ILE A 1 80  ? 7.494   0.963   -1.757  1.00 29.01 ? 121 ILE A CA  1 
ATOM   484  C  C   . ILE A 1 80  ? 8.315   -0.326  -1.835  1.00 26.16 ? 121 ILE A C   1 
ATOM   485  O  O   . ILE A 1 80  ? 8.878   -0.638  -2.882  1.00 26.18 ? 121 ILE A O   1 
ATOM   486  C  CB  . ILE A 1 80  ? 6.169   0.716   -2.521  1.00 26.81 ? 121 ILE A CB  1 
ATOM   487  C  CG1 . ILE A 1 80  ? 5.302   1.985   -2.548  1.00 28.00 ? 121 ILE A CG1 1 
ATOM   488  C  CG2 . ILE A 1 80  ? 5.405   -0.464  -1.892  1.00 24.20 ? 121 ILE A CG2 1 
ATOM   489  C  CD1 . ILE A 1 80  ? 4.079   1.890   -3.467  1.00 23.81 ? 121 ILE A CD1 1 
ATOM   490  N  N   . TYR A 1 81  ? 8.373   -1.067  -0.729  1.00 24.55 ? 122 TYR A N   1 
ATOM   491  C  CA  . TYR A 1 81  ? 9.130   -2.309  -0.667  1.00 26.67 ? 122 TYR A CA  1 
ATOM   492  C  C   . TYR A 1 81  ? 8.210   -3.468  -0.323  1.00 24.75 ? 122 TYR A C   1 
ATOM   493  O  O   . TYR A 1 81  ? 7.176   -3.266  0.302   1.00 24.57 ? 122 TYR A O   1 
ATOM   494  C  CB  . TYR A 1 81  ? 10.221  -2.210  0.399   1.00 29.01 ? 122 TYR A CB  1 
ATOM   495  C  CG  . TYR A 1 81  ? 11.252  -1.141  0.128   1.00 32.16 ? 122 TYR A CG  1 
ATOM   496  C  CD1 . TYR A 1 81  ? 12.406  -1.429  -0.582  1.00 31.87 ? 122 TYR A CD1 1 
ATOM   497  C  CD2 . TYR A 1 81  ? 11.077  0.152   0.595   1.00 27.28 ? 122 TYR A CD2 1 
ATOM   498  C  CE1 . TYR A 1 81  ? 13.357  -0.456  -0.828  1.00 35.98 ? 122 TYR A CE1 1 
ATOM   499  C  CE2 . TYR A 1 81  ? 12.026  1.134   0.356   1.00 31.41 ? 122 TYR A CE2 1 
ATOM   500  C  CZ  . TYR A 1 81  ? 13.162  0.823   -0.358  1.00 35.22 ? 122 TYR A CZ  1 
ATOM   501  O  OH  . TYR A 1 81  ? 14.106  1.798   -0.608  1.00 35.21 ? 122 TYR A OH  1 
ATOM   502  N  N   . ALA A 1 82  ? 8.581   -4.683  -0.730  1.00 22.59 ? 123 ALA A N   1 
ATOM   503  C  CA  . ALA A 1 82  ? 7.819   -5.871  -0.326  1.00 23.23 ? 123 ALA A CA  1 
ATOM   504  C  C   . ALA A 1 82  ? 7.896   -6.145  1.186   1.00 29.35 ? 123 ALA A C   1 
ATOM   505  O  O   . ALA A 1 82  ? 8.960   -6.033  1.804   1.00 26.71 ? 123 ALA A O   1 
ATOM   506  C  CB  . ALA A 1 82  ? 8.259   -7.102  -1.134  1.00 24.18 ? 123 ALA A CB  1 
ATOM   507  N  N   . GLY A 1 83  ? 6.755   -6.478  1.785   1.00 23.18 ? 124 GLY A N   1 
ATOM   508  C  CA  . GLY A 1 83  ? 6.705   -6.797  3.199   1.00 24.44 ? 124 GLY A CA  1 
ATOM   509  C  C   . GLY A 1 83  ? 6.768   -5.579  4.109   1.00 25.87 ? 124 GLY A C   1 
ATOM   510  O  O   . GLY A 1 83  ? 6.892   -4.423  3.661   1.00 24.74 ? 124 GLY A O   1 
ATOM   511  N  N   . THR A 1 84  ? 6.684   -5.840  5.405   1.00 26.53 ? 125 THR A N   1 
ATOM   512  C  CA  . THR A 1 84  ? 6.644   -4.773  6.391   1.00 27.51 ? 125 THR A CA  1 
ATOM   513  C  C   . THR A 1 84  ? 7.658   -4.977  7.521   1.00 33.10 ? 125 THR A C   1 
ATOM   514  O  O   . THR A 1 84  ? 7.408   -4.592  8.669   1.00 31.85 ? 125 THR A O   1 
ATOM   515  C  CB  . THR A 1 84  ? 5.230   -4.627  6.968   1.00 27.50 ? 125 THR A CB  1 
ATOM   516  O  OG1 . THR A 1 84  ? 4.722   -5.928  7.291   1.00 28.67 ? 125 THR A OG1 1 
ATOM   517  C  CG2 . THR A 1 84  ? 4.308   -3.992  5.944   1.00 30.94 ? 125 THR A CG2 1 
ATOM   518  N  N   . SER A 1 85  ? 8.801   -5.568  7.189   1.00 30.36 ? 126 SER A N   1 
ATOM   519  C  CA  . SER A 1 85  ? 9.891   -5.713  8.158   1.00 35.12 ? 126 SER A CA  1 
ATOM   520  C  C   . SER A 1 85  ? 10.305  -4.339  8.682   1.00 34.09 ? 126 SER A C   1 
ATOM   521  O  O   . SER A 1 85  ? 10.061  -3.330  8.041   1.00 30.64 ? 126 SER A O   1 
ATOM   522  C  CB  . SER A 1 85  ? 11.094  -6.389  7.505   1.00 36.30 ? 126 SER A CB  1 
ATOM   523  O  OG  . SER A 1 85  ? 11.795  -5.468  6.688   1.00 36.52 ? 126 SER A OG  1 
ATOM   524  N  N   . GLU A 1 86  ? 10.949  -4.280  9.843   1.00 37.04 ? 127 GLU A N   1 
ATOM   525  C  CA  . GLU A 1 86  ? 11.330  -2.970  10.358  1.00 35.90 ? 127 GLU A CA  1 
ATOM   526  C  C   . GLU A 1 86  ? 12.410  -2.335  9.498   1.00 31.65 ? 127 GLU A C   1 
ATOM   527  O  O   . GLU A 1 86  ? 12.567  -1.123  9.499   1.00 34.69 ? 127 GLU A O   1 
ATOM   528  C  CB  . GLU A 1 86  ? 11.768  -3.026  11.831  1.00 43.89 ? 127 GLU A CB  1 
ATOM   529  C  CG  . GLU A 1 86  ? 11.964  -1.633  12.472  1.00 50.48 ? 127 GLU A CG  1 
ATOM   530  C  CD  . GLU A 1 86  ? 10.730  -0.719  12.353  1.00 52.40 ? 127 GLU A CD  1 
ATOM   531  O  OE1 . GLU A 1 86  ? 10.900  0.486   12.038  1.00 46.99 ? 127 GLU A OE1 1 
ATOM   532  O  OE2 . GLU A 1 86  ? 9.592   -1.200  12.581  1.00 54.38 ? 127 GLU A OE2 1 
ATOM   533  N  N   . THR A 1 87  ? 13.160  -3.150  8.763   1.00 36.81 ? 128 THR A N   1 
ATOM   534  C  CA  . THR A 1 87  ? 14.166  -2.594  7.865   1.00 35.63 ? 128 THR A CA  1 
ATOM   535  C  C   . THR A 1 87  ? 13.486  -1.779  6.765   1.00 36.60 ? 128 THR A C   1 
ATOM   536  O  O   . THR A 1 87  ? 13.918  -0.677  6.431   1.00 34.48 ? 128 THR A O   1 
ATOM   537  C  CB  . THR A 1 87  ? 15.027  -3.677  7.229   1.00 37.22 ? 128 THR A CB  1 
ATOM   538  O  OG1 . THR A 1 87  ? 15.858  -4.265  8.234   1.00 46.86 ? 128 THR A OG1 1 
ATOM   539  C  CG2 . THR A 1 87  ? 15.912  -3.068  6.159   1.00 42.11 ? 128 THR A CG2 1 
ATOM   540  N  N   . VAL A 1 88  ? 12.410  -2.330  6.220   1.00 36.06 ? 129 VAL A N   1 
ATOM   541  C  CA  . VAL A 1 88  ? 11.638  -1.637  5.193   1.00 32.94 ? 129 VAL A CA  1 
ATOM   542  C  C   . VAL A 1 88  ? 10.978  -0.368  5.721   1.00 32.38 ? 129 VAL A C   1 
ATOM   543  O  O   . VAL A 1 88  ? 11.075  0.690   5.105   1.00 34.10 ? 129 VAL A O   1 
ATOM   544  C  CB  . VAL A 1 88  ? 10.573  -2.564  4.594   1.00 29.68 ? 129 VAL A CB  1 
ATOM   545  C  CG1 . VAL A 1 88  ? 9.606   -1.769  3.719   1.00 31.46 ? 129 VAL A CG1 1 
ATOM   546  C  CG2 . VAL A 1 88  ? 11.245  -3.664  3.802   1.00 34.24 ? 129 VAL A CG2 1 
ATOM   547  N  N   . LEU A 1 89  ? 10.322  -0.464  6.873   1.00 30.91 ? 130 LEU A N   1 
ATOM   548  C  CA  . LEU A 1 89  ? 9.569   0.661   7.392   1.00 30.69 ? 130 LEU A CA  1 
ATOM   549  C  C   . LEU A 1 89  ? 10.471  1.807   7.835   1.00 34.17 ? 130 LEU A C   1 
ATOM   550  O  O   . LEU A 1 89  ? 10.009  2.926   7.988   1.00 33.42 ? 130 LEU A O   1 
ATOM   551  C  CB  . LEU A 1 89  ? 8.637   0.220   8.520   1.00 32.43 ? 130 LEU A CB  1 
ATOM   552  C  CG  . LEU A 1 89  ? 7.551   -0.765  8.059   1.00 28.42 ? 130 LEU A CG  1 
ATOM   553  C  CD1 . LEU A 1 89  ? 6.672   -1.181  9.213   1.00 34.77 ? 130 LEU A CD1 1 
ATOM   554  C  CD2 . LEU A 1 89  ? 6.706   -0.155  6.938   1.00 29.33 ? 130 LEU A CD2 1 
ATOM   555  N  N   . GLN A 1 90  ? 11.757  1.527   8.030   1.00 39.79 ? 131 GLN A N   1 
ATOM   556  C  CA  . GLN A 1 90  ? 12.713  2.578   8.370   1.00 40.00 ? 131 GLN A CA  1 
ATOM   557  C  C   . GLN A 1 90  ? 13.036  3.456   7.161   1.00 39.34 ? 131 GLN A C   1 
ATOM   558  O  O   . GLN A 1 90  ? 13.428  4.612   7.316   1.00 39.04 ? 131 GLN A O   1 
ATOM   559  C  CB  . GLN A 1 90  ? 14.007  1.976   8.934   1.00 39.94 ? 131 GLN A CB  1 
ATOM   560  C  CG  . GLN A 1 90  ? 13.942  1.617   10.413  1.00 47.64 ? 131 GLN A CG  1 
ATOM   561  C  CD  . GLN A 1 90  ? 13.726  2.836   11.291  1.00 51.10 ? 131 GLN A CD  1 
ATOM   562  O  OE1 . GLN A 1 90  ? 14.404  3.855   11.133  1.00 55.94 ? 131 GLN A OE1 1 
ATOM   563  N  NE2 . GLN A 1 90  ? 12.768  2.745   12.212  1.00 46.06 ? 131 GLN A NE2 1 
ATOM   564  N  N   . LYS A 1 91  ? 12.849  2.909   5.961   1.00 36.97 ? 132 LYS A N   1 
ATOM   565  C  CA  . LYS A 1 91  ? 13.315  3.564   4.731   1.00 39.84 ? 132 LYS A CA  1 
ATOM   566  C  C   . LYS A 1 91  ? 12.234  3.937   3.708   1.00 38.41 ? 132 LYS A C   1 
ATOM   567  O  O   . LYS A 1 91  ? 12.524  4.603   2.715   1.00 37.17 ? 132 LYS A O   1 
ATOM   568  C  CB  . LYS A 1 91  ? 14.397  2.708   4.050   1.00 38.74 ? 132 LYS A CB  1 
ATOM   569  C  CG  . LYS A 1 91  ? 13.993  1.257   3.762   1.00 37.98 ? 132 LYS A CG  1 
ATOM   570  C  CD  . LYS A 1 91  ? 15.028  0.534   2.869   1.00 37.41 ? 132 LYS A CD  1 
ATOM   571  C  CE  . LYS A 1 91  ? 14.637  -0.925  2.606   1.00 42.27 ? 132 LYS A CE  1 
ATOM   572  N  NZ  . LYS A 1 91  ? 15.571  -1.664  1.691   1.00 47.03 ? 132 LYS A NZ  1 
ATOM   573  N  N   . GLY A 1 92  ? 10.994  3.520   3.938   1.00 32.59 ? 133 GLY A N   1 
ATOM   574  C  CA  . GLY A 1 92  ? 9.936   3.823   2.989   1.00 28.88 ? 133 GLY A CA  1 
ATOM   575  C  C   . GLY A 1 92  ? 8.600   3.219   3.374   1.00 28.76 ? 133 GLY A C   1 
ATOM   576  O  O   . GLY A 1 92  ? 8.333   2.981   4.555   1.00 28.97 ? 133 GLY A O   1 
ATOM   577  N  N   . SER A 1 93  ? 7.749   2.992   2.378   1.00 27.19 ? 134 SER A N   1 
ATOM   578  C  CA  . SER A 1 93  ? 6.475   2.318   2.615   1.00 22.99 ? 134 SER A CA  1 
ATOM   579  C  C   . SER A 1 93  ? 6.669   0.822   2.472   1.00 23.83 ? 134 SER A C   1 
ATOM   580  O  O   . SER A 1 93  ? 7.460   0.379   1.661   1.00 26.90 ? 134 SER A O   1 
ATOM   581  C  CB  . SER A 1 93  ? 5.417   2.759   1.602   1.00 25.09 ? 134 SER A CB  1 
ATOM   582  O  OG  . SER A 1 93  ? 4.181   2.135   1.912   1.00 30.27 ? 134 SER A OG  1 
ATOM   583  N  N   . GLY A 1 94  ? 5.911   0.052   3.242   1.00 20.92 ? 135 GLY A N   1 
ATOM   584  C  CA  . GLY A 1 94  ? 5.951   -1.392  3.172   1.00 21.14 ? 135 GLY A CA  1 
ATOM   585  C  C   . GLY A 1 94  ? 4.624   -1.936  2.686   1.00 23.90 ? 135 GLY A C   1 
ATOM   586  O  O   . GLY A 1 94  ? 3.571   -1.488  3.137   1.00 23.08 ? 135 GLY A O   1 
ATOM   587  N  N   . HIS A 1 95  ? 4.668   -2.893  1.766   1.00 19.94 ? 136 HIS A N   1 
ATOM   588  C  CA  . HIS A 1 95  ? 3.453   -3.510  1.244   1.00 18.87 ? 136 HIS A CA  1 
ATOM   589  C  C   . HIS A 1 95  ? 3.022   -4.658  2.154   1.00 19.02 ? 136 HIS A C   1 
ATOM   590  O  O   . HIS A 1 95  ? 3.823   -5.542  2.521   1.00 22.72 ? 136 HIS A O   1 
ATOM   591  C  CB  . HIS A 1 95  ? 3.622   -3.993  -0.197  1.00 21.73 ? 136 HIS A CB  1 
ATOM   592  C  CG  . HIS A 1 95  ? 2.498   -4.868  -0.666  1.00 21.88 ? 136 HIS A CG  1 
ATOM   593  N  ND1 . HIS A 1 95  ? 2.570   -6.246  -0.647  1.00 18.61 ? 136 HIS A ND1 1 
ATOM   594  C  CD2 . HIS A 1 95  ? 1.255   -4.563  -1.110  1.00 20.70 ? 136 HIS A CD2 1 
ATOM   595  C  CE1 . HIS A 1 95  ? 1.428   -6.751  -1.085  1.00 23.63 ? 136 HIS A CE1 1 
ATOM   596  N  NE2 . HIS A 1 95  ? 0.615   -5.750  -1.373  1.00 22.35 ? 136 HIS A NE2 1 
ATOM   597  N  N   . LEU A 1 96  ? 1.753   -4.643  2.538   1.00 18.03 ? 137 LEU A N   1 
ATOM   598  C  CA  . LEU A 1 96  ? 1.244   -5.635  3.471   1.00 22.42 ? 137 LEU A CA  1 
ATOM   599  C  C   . LEU A 1 96  ? 1.009   -6.943  2.728   1.00 23.87 ? 137 LEU A C   1 
ATOM   600  O  O   . LEU A 1 96  ? 0.066   -7.059  1.925   1.00 19.67 ? 137 LEU A O   1 
ATOM   601  C  CB  . LEU A 1 96  ? -0.048  -5.138  4.126   1.00 21.53 ? 137 LEU A CB  1 
ATOM   602  C  CG  . LEU A 1 96  ? -0.479  -5.697  5.486   1.00 28.48 ? 137 LEU A CG  1 
ATOM   603  C  CD1 . LEU A 1 96  ? 0.640   -5.651  6.514   1.00 29.60 ? 137 LEU A CD1 1 
ATOM   604  C  CD2 . LEU A 1 96  ? -1.680  -4.901  6.015   1.00 24.13 ? 137 LEU A CD2 1 
ATOM   605  N  N   . GLU A 1 97  ? 1.868   -7.932  2.979   1.00 22.00 ? 138 GLU A N   1 
ATOM   606  C  CA  . GLU A 1 97  ? 1.683   -9.219  2.324   1.00 20.22 ? 138 GLU A CA  1 
ATOM   607  C  C   . GLU A 1 97  ? 0.323   -9.809  2.692   1.00 18.60 ? 138 GLU A C   1 
ATOM   608  O  O   . GLU A 1 97  ? -0.114  -9.737  3.846   1.00 23.14 ? 138 GLU A O   1 
ATOM   609  C  CB  . GLU A 1 97  ? 2.791   -10.206 2.696   1.00 21.02 ? 138 GLU A CB  1 
ATOM   610  C  CG  . GLU A 1 97  ? 2.726   -11.458 1.833   1.00 23.93 ? 138 GLU A CG  1 
ATOM   611  C  CD  . GLU A 1 97  ? 3.860   -12.415 2.117   1.00 30.04 ? 138 GLU A CD  1 
ATOM   612  O  OE1 . GLU A 1 97  ? 4.711   -12.080 2.952   1.00 25.04 ? 138 GLU A OE1 1 
ATOM   613  O  OE2 . GLU A 1 97  ? 3.894   -13.493 1.495   1.00 26.89 ? 138 GLU A OE2 1 
ATOM   614  N  N   . GLY A 1 98  ? -0.362  -10.356 1.703   1.00 19.75 ? 139 GLY A N   1 
ATOM   615  C  CA  . GLY A 1 98  ? -1.704  -10.872 1.903   1.00 19.96 ? 139 GLY A CA  1 
ATOM   616  C  C   . GLY A 1 98  ? -2.698  -9.955  1.223   1.00 22.31 ? 139 GLY A C   1 
ATOM   617  O  O   . GLY A 1 98  ? -3.843  -10.332 0.994   1.00 24.35 ? 139 GLY A O   1 
ATOM   618  N  N   . THR A 1 99  ? -2.247  -8.746  0.896   1.00 19.09 ? 140 THR A N   1 
ATOM   619  C  CA  . THR A 1 99  ? -3.050  -7.812  0.092   1.00 19.26 ? 140 THR A CA  1 
ATOM   620  C  C   . THR A 1 99  ? -2.578  -7.796  -1.367  1.00 22.24 ? 140 THR A C   1 
ATOM   621  O  O   . THR A 1 99  ? -1.484  -8.265  -1.683  1.00 21.19 ? 140 THR A O   1 
ATOM   622  C  CB  . THR A 1 99  ? -3.051  -6.387  0.704   1.00 19.77 ? 140 THR A CB  1 
ATOM   623  O  OG1 . THR A 1 99  ? -1.789  -5.740  0.471   1.00 18.17 ? 140 THR A OG1 1 
ATOM   624  C  CG2 . THR A 1 99  ? -3.285  -6.484  2.201   1.00 22.75 ? 140 THR A CG2 1 
ATOM   625  N  N   . SER A 1 100 ? -3.416  -7.284  -2.259  1.00 20.46 ? 141 SER A N   1 
ATOM   626  C  CA  . SER A 1 100 ? -3.088  -7.231  -3.686  1.00 19.70 ? 141 SER A CA  1 
ATOM   627  C  C   . SER A 1 100 ? -1.798  -6.451  -3.948  1.00 20.79 ? 141 SER A C   1 
ATOM   628  O  O   . SER A 1 100 ? -1.493  -5.492  -3.242  1.00 17.35 ? 141 SER A O   1 
ATOM   629  C  CB  . SER A 1 100 ? -4.239  -6.577  -4.444  1.00 21.07 ? 141 SER A CB  1 
ATOM   630  O  OG  . SER A 1 100 ? -5.453  -7.235  -4.132  1.00 20.10 ? 141 SER A OG  1 
ATOM   631  N  N   . LEU A 1 101 ? -1.031  -6.881  -4.948  1.00 18.39 ? 142 LEU A N   1 
ATOM   632  C  CA  . LEU A 1 101 ? 0.148   -6.134  -5.364  1.00 20.95 ? 142 LEU A CA  1 
ATOM   633  C  C   . LEU A 1 101 ? -0.354  -4.883  -6.074  1.00 20.87 ? 142 LEU A C   1 
ATOM   634  O  O   . LEU A 1 101 ? -1.416  -4.922  -6.698  1.00 20.74 ? 142 LEU A O   1 
ATOM   635  C  CB  . LEU A 1 101 ? 1.003   -6.982  -6.315  1.00 19.17 ? 142 LEU A CB  1 
ATOM   636  C  CG  . LEU A 1 101 ? 1.587   -8.280  -5.775  1.00 15.82 ? 142 LEU A CG  1 
ATOM   637  C  CD1 . LEU A 1 101 ? 2.246   -9.040  -6.933  1.00 19.66 ? 142 LEU A CD1 1 
ATOM   638  C  CD2 . LEU A 1 101 ? 2.584   -8.026  -4.640  1.00 18.26 ? 142 LEU A CD2 1 
ATOM   639  N  N   . PRO A 1 102 ? 0.400   -3.770  -5.966  1.00 21.28 ? 143 PRO A N   1 
ATOM   640  C  CA  . PRO A 1 102 ? -0.012  -2.456  -6.464  1.00 22.17 ? 143 PRO A CA  1 
ATOM   641  C  C   . PRO A 1 102 ? 0.126   -2.303  -7.978  1.00 20.08 ? 143 PRO A C   1 
ATOM   642  O  O   . PRO A 1 102 ? 0.917   -1.490  -8.460  1.00 22.32 ? 143 PRO A O   1 
ATOM   643  C  CB  . PRO A 1 102 ? 0.931   -1.498  -5.724  1.00 23.74 ? 143 PRO A CB  1 
ATOM   644  C  CG  . PRO A 1 102 ? 2.184   -2.305  -5.559  1.00 21.43 ? 143 PRO A CG  1 
ATOM   645  C  CD  . PRO A 1 102 ? 1.680   -3.701  -5.237  1.00 19.37 ? 143 PRO A CD  1 
ATOM   646  N  N   . VAL A 1 103 ? -0.663  -3.073  -8.719  1.00 18.69 ? 144 VAL A N   1 
ATOM   647  C  CA  . VAL A 1 103 ? -0.703  -2.956  -10.175 1.00 20.44 ? 144 VAL A CA  1 
ATOM   648  C  C   . VAL A 1 103 ? -2.119  -2.678  -10.668 1.00 22.03 ? 144 VAL A C   1 
ATOM   649  O  O   . VAL A 1 103 ? -2.378  -2.693  -11.874 1.00 24.04 ? 144 VAL A O   1 
ATOM   650  C  CB  . VAL A 1 103 ? -0.153  -4.228  -10.886 1.00 22.59 ? 144 VAL A CB  1 
ATOM   651  C  CG1 . VAL A 1 103 ? 1.334   -4.413  -10.582 1.00 24.29 ? 144 VAL A CG1 1 
ATOM   652  C  CG2 . VAL A 1 103 ? -0.964  -5.469  -10.485 1.00 18.72 ? 144 VAL A CG2 1 
ATOM   653  N  N   . GLY A 1 104 ? -3.035  -2.427  -9.736  1.00 23.18 ? 145 GLY A N   1 
ATOM   654  C  CA  . GLY A 1 104 ? -4.415  -2.143  -10.093 1.00 23.79 ? 145 GLY A CA  1 
ATOM   655  C  C   . GLY A 1 104 ? -5.150  -3.326  -10.690 1.00 28.81 ? 145 GLY A C   1 
ATOM   656  O  O   . GLY A 1 104 ? -4.580  -4.415  -10.854 1.00 27.49 ? 145 GLY A O   1 
ATOM   657  N  N   . GLY A 1 105 ? -6.423  -3.103  -11.022 1.00 27.44 ? 146 GLY A N   1 
ATOM   658  C  CA  . GLY A 1 105 ? -7.272  -4.129  -11.595 1.00 28.73 ? 146 GLY A CA  1 
ATOM   659  C  C   . GLY A 1 105 ? -8.532  -4.307  -10.771 1.00 26.60 ? 146 GLY A C   1 
ATOM   660  O  O   . GLY A 1 105 ? -8.566  -3.971  -9.585  1.00 25.99 ? 146 GLY A O   1 
ATOM   661  N  N   . LEU A 1 106 ? -9.583  -4.834  -11.385 1.00 27.05 ? 147 LEU A N   1 
ATOM   662  C  CA  . LEU A 1 106 ? -10.800 -5.129  -10.625 1.00 30.93 ? 147 LEU A CA  1 
ATOM   663  C  C   . LEU A 1 106 ? -10.550 -6.226  -9.592  1.00 30.85 ? 147 LEU A C   1 
ATOM   664  O  O   . LEU A 1 106 ? -9.712  -7.099  -9.805  1.00 31.63 ? 147 LEU A O   1 
ATOM   665  C  CB  . LEU A 1 106 ? -11.948 -5.508  -11.567 1.00 35.24 ? 147 LEU A CB  1 
ATOM   666  C  CG  . LEU A 1 106 ? -12.409 -4.370  -12.485 1.00 39.63 ? 147 LEU A CG  1 
ATOM   667  C  CD1 . LEU A 1 106 ? -13.712 -4.736  -13.183 1.00 41.88 ? 147 LEU A CD1 1 
ATOM   668  C  CD2 . LEU A 1 106 ? -12.562 -3.059  -11.709 1.00 35.29 ? 147 LEU A CD2 1 
ATOM   669  N  N   . SER A 1 107 ? -11.283 -6.177  -8.483  1.00 30.55 ? 148 SER A N   1 
ATOM   670  C  CA  . SER A 1 107 ? -11.072 -7.072  -7.350  1.00 24.47 ? 148 SER A CA  1 
ATOM   671  C  C   . SER A 1 107 ? -9.613  -7.055  -6.889  1.00 24.72 ? 148 SER A C   1 
ATOM   672  O  O   . SER A 1 107 ? -8.976  -8.110  -6.775  1.00 21.51 ? 148 SER A O   1 
ATOM   673  C  CB  . SER A 1 107 ? -11.503 -8.510  -7.682  1.00 32.29 ? 148 SER A CB  1 
ATOM   674  O  OG  . SER A 1 107 ? -12.837 -8.561  -8.173  1.00 27.94 ? 148 SER A OG  1 
ATOM   675  N  N   . THR A 1 108 ? -9.083  -5.856  -6.668  1.00 22.41 ? 149 THR A N   1 
ATOM   676  C  CA  . THR A 1 108 ? -7.788  -5.700  -6.015  1.00 24.62 ? 149 THR A CA  1 
ATOM   677  C  C   . THR A 1 108 ? -7.887  -4.677  -4.881  1.00 22.86 ? 149 THR A C   1 
ATOM   678  O  O   . THR A 1 108 ? -8.654  -3.696  -4.949  1.00 21.51 ? 149 THR A O   1 
ATOM   679  C  CB  . THR A 1 108 ? -6.668  -5.293  -7.005  1.00 25.90 ? 149 THR A CB  1 
ATOM   680  O  OG1 . THR A 1 108 ? -6.928  -3.986  -7.532  1.00 25.81 ? 149 THR A OG1 1 
ATOM   681  C  CG2 . THR A 1 108 ? -6.565  -6.289  -8.151  1.00 25.29 ? 149 THR A CG2 1 
ATOM   682  N  N   . HIS A 1 109 ? -7.136  -4.939  -3.819  1.00 22.56 ? 150 HIS A N   1 
ATOM   683  C  CA  . HIS A 1 109 ? -7.071  -4.032  -2.695  1.00 22.56 ? 150 HIS A CA  1 
ATOM   684  C  C   . HIS A 1 109 ? -5.685  -4.168  -2.088  1.00 21.49 ? 150 HIS A C   1 
ATOM   685  O  O   . HIS A 1 109 ? -5.387  -5.129  -1.370  1.00 25.23 ? 150 HIS A O   1 
ATOM   686  C  CB  . HIS A 1 109 ? -8.188  -4.312  -1.681  1.00 23.77 ? 150 HIS A CB  1 
ATOM   687  C  CG  . HIS A 1 109 ? -8.334  -3.244  -0.634  1.00 25.35 ? 150 HIS A CG  1 
ATOM   688  N  ND1 . HIS A 1 109 ? -9.347  -3.249  0.301   1.00 26.96 ? 150 HIS A ND1 1 
ATOM   689  C  CD2 . HIS A 1 109 ? -7.608  -2.123  -0.397  1.00 24.25 ? 150 HIS A CD2 1 
ATOM   690  C  CE1 . HIS A 1 109 ? -9.229  -2.187  1.081   1.00 32.60 ? 150 HIS A CE1 1 
ATOM   691  N  NE2 . HIS A 1 109 ? -8.178  -1.491  0.685   1.00 26.93 ? 150 HIS A NE2 1 
ATOM   692  N  N   . SER A 1 110 ? -4.824  -3.216  -2.443  1.00 20.40 ? 151 SER A N   1 
ATOM   693  C  CA  . SER A 1 110 ? -3.450  -3.195  -1.962  1.00 21.20 ? 151 SER A CA  1 
ATOM   694  C  C   . SER A 1 110 ? -3.375  -2.324  -0.712  1.00 21.60 ? 151 SER A C   1 
ATOM   695  O  O   . SER A 1 110 ? -3.989  -1.254  -0.665  1.00 21.75 ? 151 SER A O   1 
ATOM   696  C  CB  . SER A 1 110 ? -2.526  -2.632  -3.051  1.00 21.52 ? 151 SER A CB  1 
ATOM   697  O  OG  . SER A 1 110 ? -1.154  -2.869  -2.717  1.00 23.63 ? 151 SER A OG  1 
ATOM   698  N  N   . VAL A 1 111 ? -2.635  -2.769  0.299   1.00 18.26 ? 152 VAL A N   1 
ATOM   699  C  CA  . VAL A 1 111 ? -2.443  -1.967  1.509   1.00 19.99 ? 152 VAL A CA  1 
ATOM   700  C  C   . VAL A 1 111 ? -0.975  -1.565  1.600   1.00 21.98 ? 152 VAL A C   1 
ATOM   701  O  O   . VAL A 1 111 ? -0.095  -2.428  1.586   1.00 21.14 ? 152 VAL A O   1 
ATOM   702  C  CB  . VAL A 1 111 ? -2.859  -2.738  2.783   1.00 21.45 ? 152 VAL A CB  1 
ATOM   703  C  CG1 . VAL A 1 111 ? -2.526  -1.924  4.028   1.00 22.77 ? 152 VAL A CG1 1 
ATOM   704  C  CG2 . VAL A 1 111 ? -4.354  -3.052  2.748   1.00 22.75 ? 152 VAL A CG2 1 
ATOM   705  N  N   . LEU A 1 112 ? -0.716  -0.261  1.628   1.00 17.79 ? 153 LEU A N   1 
ATOM   706  C  CA  . LEU A 1 112 ? 0.636   0.275   1.762   1.00 20.86 ? 153 LEU A CA  1 
ATOM   707  C  C   . LEU A 1 112 ? 0.782   0.950   3.130   1.00 22.84 ? 153 LEU A C   1 
ATOM   708  O  O   . LEU A 1 112 ? -0.064  1.745   3.540   1.00 21.00 ? 153 LEU A O   1 
ATOM   709  C  CB  . LEU A 1 112 ? 0.917   1.262   0.633   1.00 21.18 ? 153 LEU A CB  1 
ATOM   710  C  CG  . LEU A 1 112 ? 0.664   0.760   -0.793  1.00 24.01 ? 153 LEU A CG  1 
ATOM   711  C  CD1 . LEU A 1 112 ? 0.855   1.889   -1.805  1.00 23.71 ? 153 LEU A CD1 1 
ATOM   712  C  CD2 . LEU A 1 112 ? 1.568   -0.422  -1.136  1.00 20.89 ? 153 LEU A CD2 1 
ATOM   713  N  N   . THR A 1 113 ? 1.860   0.636   3.839   1.00 20.40 ? 154 THR A N   1 
ATOM   714  C  CA  . THR A 1 113 ? 1.990   1.055   5.221   1.00 20.33 ? 154 THR A CA  1 
ATOM   715  C  C   . THR A 1 113 ? 3.218   1.943   5.419   1.00 22.23 ? 154 THR A C   1 
ATOM   716  O  O   . THR A 1 113 ? 4.236   1.753   4.775   1.00 22.71 ? 154 THR A O   1 
ATOM   717  C  CB  . THR A 1 113 ? 2.089   -0.177  6.160   1.00 26.79 ? 154 THR A CB  1 
ATOM   718  O  OG1 . THR A 1 113 ? 3.403   -0.746  6.094   1.00 33.74 ? 154 THR A OG1 1 
ATOM   719  C  CG2 . THR A 1 113 ? 1.087   -1.256  5.745   1.00 28.62 ? 154 THR A CG2 1 
ATOM   720  N  N   . ALA A 1 114 ? 3.138   2.897   6.332   1.00 23.10 ? 155 ALA A N   1 
ATOM   721  C  CA  . ALA A 1 114 ? 4.333   3.658   6.680   1.00 24.61 ? 155 ALA A CA  1 
ATOM   722  C  C   . ALA A 1 114 ? 4.185   4.264   8.055   1.00 25.90 ? 155 ALA A C   1 
ATOM   723  O  O   . ALA A 1 114 ? 3.073   4.507   8.507   1.00 24.24 ? 155 ALA A O   1 
ATOM   724  C  CB  . ALA A 1 114 ? 4.598   4.750   5.643   1.00 26.15 ? 155 ALA A CB  1 
ATOM   725  N  N   . HIS A 1 115 ? 5.319   4.505   8.709   1.00 27.07 ? 156 HIS A N   1 
ATOM   726  C  CA  . HIS A 1 115 ? 5.334   5.141   10.017  1.00 28.31 ? 156 HIS A CA  1 
ATOM   727  C  C   . HIS A 1 115 ? 4.667   6.497   9.998   1.00 30.77 ? 156 HIS A C   1 
ATOM   728  O  O   . HIS A 1 115 ? 4.684   7.211   8.987   1.00 29.18 ? 156 HIS A O   1 
ATOM   729  C  CB  . HIS A 1 115 ? 6.768   5.300   10.523  1.00 30.12 ? 156 HIS A CB  1 
ATOM   730  C  CG  . HIS A 1 115 ? 7.341   4.050   11.109  1.00 31.50 ? 156 HIS A CG  1 
ATOM   731  N  ND1 . HIS A 1 115 ? 6.800   3.437   12.218  1.00 32.67 ? 156 HIS A ND1 1 
ATOM   732  C  CD2 . HIS A 1 115 ? 8.406   3.300   10.742  1.00 30.85 ? 156 HIS A CD2 1 
ATOM   733  C  CE1 . HIS A 1 115 ? 7.508   2.357   12.508  1.00 29.60 ? 156 HIS A CE1 1 
ATOM   734  N  NE2 . HIS A 1 115 ? 8.482   2.250   11.625  1.00 33.59 ? 156 HIS A NE2 1 
ATOM   735  N  N   . ARG A 1 116 ? 4.068   6.849   11.130  1.00 28.66 ? 157 ARG A N   1 
ATOM   736  C  CA  . ARG A 1 116 ? 3.491   8.159   11.306  1.00 26.27 ? 157 ARG A CA  1 
ATOM   737  C  C   . ARG A 1 116 ? 4.645   9.083   11.662  1.00 34.63 ? 157 ARG A C   1 
ATOM   738  O  O   . ARG A 1 116 ? 4.658   9.700   12.730  1.00 39.30 ? 157 ARG A O   1 
ATOM   739  C  CB  . ARG A 1 116 ? 2.453   8.121   12.437  1.00 31.24 ? 157 ARG A CB  1 
ATOM   740  C  CG  . ARG A 1 116 ? 1.615   9.375   12.583  1.00 28.82 ? 157 ARG A CG  1 
ATOM   741  C  CD  . ARG A 1 116 ? 0.605   9.528   11.468  1.00 28.54 ? 157 ARG A CD  1 
ATOM   742  N  NE  . ARG A 1 116 ? -0.082  10.810  11.573  1.00 33.04 ? 157 ARG A NE  1 
ATOM   743  C  CZ  . ARG A 1 116 ? -1.200  11.012  12.266  1.00 32.44 ? 157 ARG A CZ  1 
ATOM   744  N  NH1 . ARG A 1 116 ? -1.774  10.012  12.922  1.00 29.56 ? 157 ARG A NH1 1 
ATOM   745  N  NH2 . ARG A 1 116 ? -1.747  12.224  12.304  1.00 34.37 ? 157 ARG A NH2 1 
ATOM   746  N  N   . GLY A 1 117 ? 5.632   9.148   10.773  1.00 33.17 ? 158 GLY A N   1 
ATOM   747  C  CA  . GLY A 1 117 ? 6.818   9.956   10.996  1.00 40.37 ? 158 GLY A CA  1 
ATOM   748  C  C   . GLY A 1 117 ? 8.005   9.228   11.606  1.00 40.71 ? 158 GLY A C   1 
ATOM   749  O  O   . GLY A 1 117 ? 7.857   8.370   12.480  1.00 42.41 ? 158 GLY A O   1 
ATOM   750  N  N   . LEU A 1 118 ? 9.199   9.567   11.136  1.00 46.67 ? 159 LEU A N   1 
ATOM   751  C  CA  . LEU A 1 118 ? 10.431  9.107   11.770  1.00 48.32 ? 159 LEU A CA  1 
ATOM   752  C  C   . LEU A 1 118 ? 11.297  10.325  12.096  1.00 57.48 ? 159 LEU A C   1 
ATOM   753  O  O   . LEU A 1 118 ? 10.964  11.450  11.698  1.00 55.72 ? 159 LEU A O   1 
ATOM   754  C  CB  . LEU A 1 118 ? 11.180  8.122   10.875  1.00 47.91 ? 159 LEU A CB  1 
ATOM   755  C  CG  . LEU A 1 118 ? 10.696  6.669   10.866  1.00 41.82 ? 159 LEU A CG  1 
ATOM   756  C  CD1 . LEU A 1 118 ? 11.422  5.864   9.793   1.00 43.44 ? 159 LEU A CD1 1 
ATOM   757  C  CD2 . LEU A 1 118 ? 10.879  6.009   12.223  1.00 44.59 ? 159 LEU A CD2 1 
ATOM   758  N  N   . PRO A 1 119 ? 12.389  10.112  12.850  1.00 61.62 ? 160 PRO A N   1 
ATOM   759  C  CA  . PRO A 1 119 ? 13.306  11.206  13.182  1.00 64.03 ? 160 PRO A CA  1 
ATOM   760  C  C   . PRO A 1 119 ? 13.606  12.096  11.976  1.00 62.54 ? 160 PRO A C   1 
ATOM   761  O  O   . PRO A 1 119 ? 13.368  13.307  12.033  1.00 64.52 ? 160 PRO A O   1 
ATOM   762  C  CB  . PRO A 1 119 ? 14.565  10.464  13.625  1.00 61.21 ? 160 PRO A CB  1 
ATOM   763  C  CG  . PRO A 1 119 ? 14.028  9.234   14.284  1.00 58.90 ? 160 PRO A CG  1 
ATOM   764  C  CD  . PRO A 1 119 ? 12.776  8.856   13.520  1.00 58.80 ? 160 PRO A CD  1 
ATOM   765  N  N   . THR A 1 120 ? 14.090  11.493  10.894  1.00 61.21 ? 161 THR A N   1 
ATOM   766  C  CA  . THR A 1 120 ? 14.507  12.247  9.713   1.00 63.22 ? 161 THR A CA  1 
ATOM   767  C  C   . THR A 1 120 ? 13.484  12.305  8.560   1.00 58.01 ? 161 THR A C   1 
ATOM   768  O  O   . THR A 1 120 ? 13.676  13.053  7.599   1.00 54.15 ? 161 THR A O   1 
ATOM   769  C  CB  . THR A 1 120 ? 15.846  11.699  9.165   1.00 67.64 ? 161 THR A CB  1 
ATOM   770  O  OG1 . THR A 1 120 ? 16.189  12.377  7.949   1.00 71.11 ? 161 THR A OG1 1 
ATOM   771  C  CG2 . THR A 1 120 ? 15.741  10.205  8.896   1.00 66.46 ? 161 THR A CG2 1 
ATOM   772  N  N   . ALA A 1 121 ? 12.402  11.534  8.649   1.00 53.29 ? 162 ALA A N   1 
ATOM   773  C  CA  . ALA A 1 121 ? 11.494  11.396  7.509   1.00 42.86 ? 162 ALA A CA  1 
ATOM   774  C  C   . ALA A 1 121 ? 10.023  11.621  7.840   1.00 39.99 ? 162 ALA A C   1 
ATOM   775  O  O   . ALA A 1 121 ? 9.518   11.137  8.860   1.00 39.58 ? 162 ALA A O   1 
ATOM   776  C  CB  . ALA A 1 121 ? 11.678  10.034  6.857   1.00 46.60 ? 162 ALA A CB  1 
ATOM   777  N  N   . ARG A 1 122 ? 9.341   12.342  6.955   1.00 33.42 ? 163 ARG A N   1 
ATOM   778  C  CA  . ARG A 1 122 ? 7.925   12.647  7.137   1.00 35.37 ? 163 ARG A CA  1 
ATOM   779  C  C   . ARG A 1 122 ? 7.064   11.389  6.955   1.00 34.47 ? 163 ARG A C   1 
ATOM   780  O  O   . ARG A 1 122 ? 6.123   11.146  7.719   1.00 31.87 ? 163 ARG A O   1 
ATOM   781  C  CB  . ARG A 1 122 ? 7.480   13.738  6.155   1.00 39.01 ? 163 ARG A CB  1 
ATOM   782  C  CG  . ARG A 1 122 ? 7.408   15.125  6.758   1.00 43.36 ? 163 ARG A CG  1 
ATOM   783  C  CD  . ARG A 1 122 ? 7.018   16.170  5.721   1.00 41.94 ? 163 ARG A CD  1 
ATOM   784  N  NE  . ARG A 1 122 ? 8.183   16.636  4.976   1.00 47.60 ? 163 ARG A NE  1 
ATOM   785  C  CZ  . ARG A 1 122 ? 8.476   16.280  3.729   1.00 53.69 ? 163 ARG A CZ  1 
ATOM   786  N  NH1 . ARG A 1 122 ? 9.568   16.758  3.141   1.00 52.62 ? 163 ARG A NH1 1 
ATOM   787  N  NH2 . ARG A 1 122 ? 7.679   15.449  3.068   1.00 54.67 ? 163 ARG A NH2 1 
ATOM   788  N  N   . LEU A 1 123 ? 7.378   10.605  5.928   1.00 34.68 ? 164 LEU A N   1 
ATOM   789  C  CA  . LEU A 1 123 ? 6.604   9.406   5.630   1.00 29.05 ? 164 LEU A CA  1 
ATOM   790  C  C   . LEU A 1 123 ? 5.105   9.700   5.686   1.00 28.56 ? 164 LEU A C   1 
ATOM   791  O  O   . LEU A 1 123 ? 4.628   10.584  4.974   1.00 28.43 ? 164 LEU A O   1 
ATOM   792  C  CB  . LEU A 1 123 ? 7.004   8.277   6.576   1.00 29.01 ? 164 LEU A CB  1 
ATOM   793  C  CG  . LEU A 1 123 ? 8.469   7.868   6.400   1.00 29.25 ? 164 LEU A CG  1 
ATOM   794  C  CD1 . LEU A 1 123 ? 8.929   6.868   7.468   1.00 34.33 ? 164 LEU A CD1 1 
ATOM   795  C  CD2 . LEU A 1 123 ? 8.680   7.297   5.008   1.00 36.43 ? 164 LEU A CD2 1 
ATOM   796  N  N   . PHE A 1 124 ? 4.356   8.983   6.524   1.00 26.53 ? 165 PHE A N   1 
ATOM   797  C  CA  . PHE A 1 124 ? 2.908   9.190   6.593   1.00 25.37 ? 165 PHE A CA  1 
ATOM   798  C  C   . PHE A 1 124 ? 2.506   10.098  7.764   1.00 26.40 ? 165 PHE A C   1 
ATOM   799  O  O   . PHE A 1 124 ? 1.361   10.064  8.242   1.00 26.40 ? 165 PHE A O   1 
ATOM   800  C  CB  . PHE A 1 124 ? 2.146   7.855   6.658   1.00 24.13 ? 165 PHE A CB  1 
ATOM   801  C  CG  . PHE A 1 124 ? 2.055   7.121   5.328   1.00 26.18 ? 165 PHE A CG  1 
ATOM   802  C  CD1 . PHE A 1 124 ? 2.570   7.672   4.163   1.00 26.31 ? 165 PHE A CD1 1 
ATOM   803  C  CD2 . PHE A 1 124 ? 1.442   5.880   5.255   1.00 22.51 ? 165 PHE A CD2 1 
ATOM   804  C  CE1 . PHE A 1 124 ? 2.476   7.001   2.939   1.00 28.57 ? 165 PHE A CE1 1 
ATOM   805  C  CE2 . PHE A 1 124 ? 1.349   5.195   4.039   1.00 23.96 ? 165 PHE A CE2 1 
ATOM   806  C  CZ  . PHE A 1 124 ? 1.863   5.759   2.880   1.00 22.29 ? 165 PHE A CZ  1 
ATOM   807  N  N   . THR A 1 125 ? 3.447   10.920  8.225   1.00 29.04 ? 166 THR A N   1 
ATOM   808  C  CA  . THR A 1 125 ? 3.158   11.899  9.283   1.00 29.31 ? 166 THR A CA  1 
ATOM   809  C  C   . THR A 1 125 ? 1.840   12.645  9.105   1.00 31.11 ? 166 THR A C   1 
ATOM   810  O  O   . THR A 1 125 ? 1.069   12.802  10.057  1.00 30.47 ? 166 THR A O   1 
ATOM   811  C  CB  . THR A 1 125 ? 4.276   12.960  9.401   1.00 33.09 ? 166 THR A CB  1 
ATOM   812  O  OG1 . THR A 1 125 ? 5.308   12.464  10.253  1.00 36.45 ? 166 THR A OG1 1 
ATOM   813  C  CG2 . THR A 1 125 ? 3.732   14.256  10.002  1.00 41.11 ? 166 THR A CG2 1 
ATOM   814  N  N   . ASP A 1 126 ? 1.587   13.107  7.884   1.00 30.19 ? 167 ASP A N   1 
ATOM   815  C  CA  . ASP A 1 126 ? 0.465   13.989  7.604   1.00 34.62 ? 167 ASP A CA  1 
ATOM   816  C  C   . ASP A 1 126 ? -0.663  13.299  6.842   1.00 30.62 ? 167 ASP A C   1 
ATOM   817  O  O   . ASP A 1 126 ? -1.511  13.948  6.228   1.00 28.64 ? 167 ASP A O   1 
ATOM   818  C  CB  . ASP A 1 126 ? 0.963   15.230  6.861   1.00 35.15 ? 167 ASP A CB  1 
ATOM   819  C  CG  . ASP A 1 126 ? 1.864   16.098  7.734   1.00 44.25 ? 167 ASP A CG  1 
ATOM   820  O  OD1 . ASP A 1 126 ? 3.013   16.386  7.320   1.00 43.40 ? 167 ASP A OD1 1 
ATOM   821  O  OD2 . ASP A 1 126 ? 1.418   16.481  8.846   1.00 39.80 ? 167 ASP A OD2 1 
ATOM   822  N  N   . LEU A 1 127 ? -0.686  11.974  6.899   1.00 28.60 ? 168 LEU A N   1 
ATOM   823  C  CA  . LEU A 1 127 ? -1.751  11.238  6.232   1.00 25.18 ? 168 LEU A CA  1 
ATOM   824  C  C   . LEU A 1 127 ? -3.124  11.635  6.782   1.00 25.50 ? 168 LEU A C   1 
ATOM   825  O  O   . LEU A 1 127 ? -4.132  11.538  6.087   1.00 27.58 ? 168 LEU A O   1 
ATOM   826  C  CB  . LEU A 1 127 ? -1.538  9.737   6.413   1.00 23.23 ? 168 LEU A CB  1 
ATOM   827  C  CG  . LEU A 1 127 ? -2.380  8.865   5.486   1.00 24.62 ? 168 LEU A CG  1 
ATOM   828  C  CD1 . LEU A 1 127 ? -1.895  8.991   4.063   1.00 26.28 ? 168 LEU A CD1 1 
ATOM   829  C  CD2 . LEU A 1 127 ? -2.312  7.407   5.960   1.00 25.90 ? 168 LEU A CD2 1 
ATOM   830  N  N   . ASN A 1 128 ? -3.176  12.071  8.038   1.00 30.10 ? 169 ASN A N   1 
ATOM   831  C  CA  . ASN A 1 128 ? -4.460  12.484  8.601   1.00 29.12 ? 169 ASN A CA  1 
ATOM   832  C  C   . ASN A 1 128 ? -5.012  13.761  7.960   1.00 33.37 ? 169 ASN A C   1 
ATOM   833  O  O   . ASN A 1 128 ? -6.163  14.105  8.179   1.00 30.65 ? 169 ASN A O   1 
ATOM   834  C  CB  . ASN A 1 128 ? -4.383  12.642  10.125  1.00 27.40 ? 169 ASN A CB  1 
ATOM   835  C  CG  . ASN A 1 128 ? -3.543  13.826  10.539  1.00 32.69 ? 169 ASN A CG  1 
ATOM   836  O  OD1 . ASN A 1 128 ? -2.421  14.002  10.055  1.00 28.71 ? 169 ASN A OD1 1 
ATOM   837  N  ND2 . ASN A 1 128 ? -4.078  14.650  11.444  1.00 29.84 ? 169 ASN A ND2 1 
ATOM   838  N  N   . LYS A 1 129 ? -4.199  14.445  7.156   1.00 29.00 ? 170 LYS A N   1 
ATOM   839  C  CA  . LYS A 1 129 ? -4.623  15.686  6.494   1.00 30.64 ? 170 LYS A CA  1 
ATOM   840  C  C   . LYS A 1 129 ? -5.155  15.467  5.081   1.00 34.67 ? 170 LYS A C   1 
ATOM   841  O  O   . LYS A 1 129 ? -5.679  16.390  4.447   1.00 34.44 ? 170 LYS A O   1 
ATOM   842  C  CB  . LYS A 1 129 ? -3.475  16.692  6.486   1.00 30.63 ? 170 LYS A CB  1 
ATOM   843  C  CG  . LYS A 1 129 ? -3.131  17.164  7.895   1.00 28.95 ? 170 LYS A CG  1 
ATOM   844  C  CD  . LYS A 1 129 ? -1.794  17.887  7.967   1.00 33.40 ? 170 LYS A CD  1 
ATOM   845  C  CE  . LYS A 1 129 ? -1.506  18.322  9.402   1.00 40.17 ? 170 LYS A CE  1 
ATOM   846  N  NZ  . LYS A 1 129 ? -0.181  18.991  9.542   1.00 47.49 ? 170 LYS A NZ  1 
ATOM   847  N  N   . VAL A 1 130 ? -5.029  14.234  4.596   1.00 27.94 ? 171 VAL A N   1 
ATOM   848  C  CA  . VAL A 1 130 ? -5.592  13.854  3.309   1.00 30.85 ? 171 VAL A CA  1 
ATOM   849  C  C   . VAL A 1 130 ? -7.113  13.824  3.438   1.00 31.00 ? 171 VAL A C   1 
ATOM   850  O  O   . VAL A 1 130 ? -7.645  13.351  4.441   1.00 34.56 ? 171 VAL A O   1 
ATOM   851  C  CB  . VAL A 1 130 ? -5.056  12.476  2.855   1.00 25.09 ? 171 VAL A CB  1 
ATOM   852  C  CG1 . VAL A 1 130 ? -5.667  12.059  1.512   1.00 24.45 ? 171 VAL A CG1 1 
ATOM   853  C  CG2 . VAL A 1 130 ? -3.535  12.516  2.753   1.00 24.66 ? 171 VAL A CG2 1 
ATOM   854  N  N   . LYS A 1 131 ? -7.806  14.350  2.433   1.00 26.02 ? 172 LYS A N   1 
ATOM   855  C  CA  . LYS A 1 131 ? -9.265  14.444  2.455   1.00 33.24 ? 172 LYS A CA  1 
ATOM   856  C  C   . LYS A 1 131 ? -9.897  13.625  1.342   1.00 28.48 ? 172 LYS A C   1 
ATOM   857  O  O   . LYS A 1 131 ? -9.259  13.348  0.330   1.00 32.19 ? 172 LYS A O   1 
ATOM   858  C  CB  . LYS A 1 131 ? -9.704  15.904  2.298   1.00 32.82 ? 172 LYS A CB  1 
ATOM   859  C  CG  . LYS A 1 131 ? -8.899  16.881  3.147   1.00 36.74 ? 172 LYS A CG  1 
ATOM   860  C  CD  . LYS A 1 131 ? -9.294  18.333  2.877   1.00 39.06 ? 172 LYS A CD  1 
ATOM   861  C  CE  . LYS A 1 131 ? -8.594  19.280  3.843   1.00 41.86 ? 172 LYS A CE  1 
ATOM   862  N  NZ  . LYS A 1 131 ? -7.132  19.012  3.970   1.00 46.67 ? 172 LYS A NZ  1 
ATOM   863  N  N   . LYS A 1 132 ? -11.163 13.260  1.524   1.00 27.18 ? 173 LYS A N   1 
ATOM   864  C  CA  . LYS A 1 132 ? -11.928 12.607  0.468   1.00 29.61 ? 173 LYS A CA  1 
ATOM   865  C  C   . LYS A 1 132 ? -11.916 13.452  -0.802  1.00 30.83 ? 173 LYS A C   1 
ATOM   866  O  O   . LYS A 1 132 ? -12.057 14.678  -0.754  1.00 31.19 ? 173 LYS A O   1 
ATOM   867  C  CB  . LYS A 1 132 ? -13.364 12.314  0.939   1.00 32.29 ? 173 LYS A CB  1 
ATOM   868  C  CG  . LYS A 1 132 ? -13.434 11.165  1.950   1.00 36.70 ? 173 LYS A CG  1 
ATOM   869  C  CD  . LYS A 1 132 ? -14.745 11.124  2.731   1.00 39.02 ? 173 LYS A CD  1 
ATOM   870  C  CE  . LYS A 1 132 ? -15.946 10.989  1.820   1.00 42.02 ? 173 LYS A CE  1 
ATOM   871  N  NZ  . LYS A 1 132 ? -17.216 10.974  2.614   1.00 43.35 ? 173 LYS A NZ  1 
ATOM   872  N  N   . GLY A 1 133 ? -11.712 12.800  -1.935  1.00 24.15 ? 174 GLY A N   1 
ATOM   873  C  CA  . GLY A 1 133 ? -11.664 13.488  -3.210  1.00 25.09 ? 174 GLY A CA  1 
ATOM   874  C  C   . GLY A 1 133 ? -10.255 13.781  -3.679  1.00 24.04 ? 174 GLY A C   1 
ATOM   875  O  O   . GLY A 1 133 ? -10.021 13.930  -4.879  1.00 27.36 ? 174 GLY A O   1 
ATOM   876  N  N   . GLN A 1 134 ? -9.307  13.857  -2.750  1.00 26.90 ? 175 GLN A N   1 
ATOM   877  C  CA  . GLN A 1 134 ? -7.918  14.061  -3.146  1.00 25.73 ? 175 GLN A CA  1 
ATOM   878  C  C   . GLN A 1 134 ? -7.389  12.802  -3.821  1.00 30.08 ? 175 GLN A C   1 
ATOM   879  O  O   . GLN A 1 134 ? -7.979  11.733  -3.686  1.00 26.02 ? 175 GLN A O   1 
ATOM   880  C  CB  . GLN A 1 134 ? -7.061  14.468  -1.962  1.00 26.93 ? 175 GLN A CB  1 
ATOM   881  C  CG  . GLN A 1 134 ? -7.480  15.827  -1.407  1.00 32.52 ? 175 GLN A CG  1 
ATOM   882  C  CD  . GLN A 1 134 ? -6.658  16.255  -0.214  1.00 34.13 ? 175 GLN A CD  1 
ATOM   883  O  OE1 . GLN A 1 134 ? -6.061  15.429  0.468   1.00 37.07 ? 175 GLN A OE1 1 
ATOM   884  N  NE2 . GLN A 1 134 ? -6.618  17.556  0.043   1.00 38.87 ? 175 GLN A NE2 1 
ATOM   885  N  N   . ILE A 1 135 ? -6.303  12.949  -4.574  1.00 28.71 ? 176 ILE A N   1 
ATOM   886  C  CA  . ILE A 1 135 ? -5.805  11.882  -5.445  1.00 26.52 ? 176 ILE A CA  1 
ATOM   887  C  C   . ILE A 1 135 ? -4.344  11.582  -5.119  1.00 34.49 ? 176 ILE A C   1 
ATOM   888  O  O   . ILE A 1 135 ? -3.519  12.500  -5.060  1.00 29.55 ? 176 ILE A O   1 
ATOM   889  C  CB  . ILE A 1 135 ? -5.904  12.279  -6.934  1.00 30.75 ? 176 ILE A CB  1 
ATOM   890  C  CG1 . ILE A 1 135 ? -7.358  12.600  -7.314  1.00 26.19 ? 176 ILE A CG1 1 
ATOM   891  C  CG2 . ILE A 1 135 ? -5.330  11.176  -7.826  1.00 31.22 ? 176 ILE A CG2 1 
ATOM   892  C  CD1 . ILE A 1 135 ? -7.529  13.138  -8.717  1.00 31.98 ? 176 ILE A CD1 1 
ATOM   893  N  N   . PHE A 1 136 ? -4.036  10.304  -4.881  1.00 29.59 ? 177 PHE A N   1 
ATOM   894  C  CA  . PHE A 1 136 ? -2.649  9.856   -4.748  1.00 27.01 ? 177 PHE A CA  1 
ATOM   895  C  C   . PHE A 1 136 ? -2.262  8.920   -5.899  1.00 27.20 ? 177 PHE A C   1 
ATOM   896  O  O   . PHE A 1 136 ? -3.127  8.455   -6.649  1.00 26.11 ? 177 PHE A O   1 
ATOM   897  C  CB  . PHE A 1 136 ? -2.345  9.255   -3.353  1.00 23.76 ? 177 PHE A CB  1 
ATOM   898  C  CG  . PHE A 1 136 ? -3.106  7.988   -3.030  1.00 24.73 ? 177 PHE A CG  1 
ATOM   899  C  CD1 . PHE A 1 136 ? -2.564  6.744   -3.324  1.00 24.67 ? 177 PHE A CD1 1 
ATOM   900  C  CD2 . PHE A 1 136 ? -4.349  8.040   -2.407  1.00 25.48 ? 177 PHE A CD2 1 
ATOM   901  C  CE1 . PHE A 1 136 ? -3.248  5.574   -3.024  1.00 23.23 ? 177 PHE A CE1 1 
ATOM   902  C  CE2 . PHE A 1 136 ? -5.047  6.871   -2.106  1.00 25.65 ? 177 PHE A CE2 1 
ATOM   903  C  CZ  . PHE A 1 136 ? -4.488  5.632   -2.412  1.00 23.32 ? 177 PHE A CZ  1 
ATOM   904  N  N   . TYR A 1 137 ? -0.961  8.689   -6.063  1.00 25.08 ? 178 TYR A N   1 
ATOM   905  C  CA  . TYR A 1 137 ? -0.448  7.981   -7.226  1.00 29.52 ? 178 TYR A CA  1 
ATOM   906  C  C   . TYR A 1 137 ? 0.512   6.905   -6.801  1.00 24.30 ? 178 TYR A C   1 
ATOM   907  O  O   . TYR A 1 137 ? 1.390   7.134   -5.980  1.00 25.83 ? 178 TYR A O   1 
ATOM   908  C  CB  . TYR A 1 137 ? 0.301   8.936   -8.149  1.00 26.73 ? 178 TYR A CB  1 
ATOM   909  C  CG  . TYR A 1 137 ? -0.526  10.144  -8.446  1.00 34.00 ? 178 TYR A CG  1 
ATOM   910  C  CD1 . TYR A 1 137 ? -1.363  10.180  -9.546  1.00 32.54 ? 178 TYR A CD1 1 
ATOM   911  C  CD2 . TYR A 1 137 ? -0.525  11.219  -7.575  1.00 32.28 ? 178 TYR A CD2 1 
ATOM   912  C  CE1 . TYR A 1 137 ? -2.149  11.285  -9.793  1.00 34.21 ? 178 TYR A CE1 1 
ATOM   913  C  CE2 . TYR A 1 137 ? -1.303  12.316  -7.805  1.00 40.27 ? 178 TYR A CE2 1 
ATOM   914  C  CZ  . TYR A 1 137 ? -2.110  12.345  -8.910  1.00 36.48 ? 178 TYR A CZ  1 
ATOM   915  O  OH  . TYR A 1 137 ? -2.878  13.454  -9.115  1.00 43.82 ? 178 TYR A OH  1 
ATOM   916  N  N   . VAL A 1 138 ? 0.363   5.746   -7.414  1.00 22.42 ? 179 VAL A N   1 
ATOM   917  C  CA  . VAL A 1 138 ? 1.269   4.639   -7.172  1.00 21.44 ? 179 VAL A CA  1 
ATOM   918  C  C   . VAL A 1 138 ? 1.918   4.253   -8.494  1.00 23.70 ? 179 VAL A C   1 
ATOM   919  O  O   . VAL A 1 138 ? 1.235   3.885   -9.460  1.00 26.66 ? 179 VAL A O   1 
ATOM   920  C  CB  . VAL A 1 138 ? 0.521   3.455   -6.587  1.00 20.87 ? 179 VAL A CB  1 
ATOM   921  C  CG1 . VAL A 1 138 ? 1.464   2.270   -6.454  1.00 29.10 ? 179 VAL A CG1 1 
ATOM   922  C  CG2 . VAL A 1 138 ? -0.065  3.826   -5.233  1.00 23.34 ? 179 VAL A CG2 1 
ATOM   923  N  N   . THR A 1 139 ? 3.241   4.382   -8.546  1.00 23.98 ? 180 THR A N   1 
ATOM   924  C  CA  . THR A 1 139 ? 3.987   4.091   -9.759  1.00 26.79 ? 180 THR A CA  1 
ATOM   925  C  C   . THR A 1 139 ? 4.704   2.771   -9.633  1.00 28.47 ? 180 THR A C   1 
ATOM   926  O  O   . THR A 1 139 ? 5.361   2.522   -8.625  1.00 25.23 ? 180 THR A O   1 
ATOM   927  C  CB  . THR A 1 139 ? 5.046   5.147   -10.006 1.00 28.02 ? 180 THR A CB  1 
ATOM   928  O  OG1 . THR A 1 139 ? 4.406   6.410   -10.230 1.00 29.51 ? 180 THR A OG1 1 
ATOM   929  C  CG2 . THR A 1 139 ? 5.898   4.757   -11.216 1.00 26.31 ? 180 THR A CG2 1 
ATOM   930  N  N   . ASN A 1 140 ? 4.580   1.927   -10.652 1.00 27.19 ? 181 ASN A N   1 
ATOM   931  C  CA  . ASN A 1 140 ? 5.264   0.642   -10.660 1.00 28.26 ? 181 ASN A CA  1 
ATOM   932  C  C   . ASN A 1 140 ? 6.073   0.540   -11.951 1.00 30.59 ? 181 ASN A C   1 
ATOM   933  O  O   . ASN A 1 140 ? 6.192   1.530   -12.670 1.00 29.25 ? 181 ASN A O   1 
ATOM   934  C  CB  . ASN A 1 140 ? 4.252   -0.507  -10.508 1.00 22.81 ? 181 ASN A CB  1 
ATOM   935  C  CG  . ASN A 1 140 ? 3.207   -0.504  -11.597 1.00 27.71 ? 181 ASN A CG  1 
ATOM   936  O  OD1 . ASN A 1 140 ? 3.511   -0.217  -12.748 1.00 25.60 ? 181 ASN A OD1 1 
ATOM   937  N  ND2 . ASN A 1 140 ? 1.964   -0.824  -11.241 1.00 23.33 ? 181 ASN A ND2 1 
ATOM   938  N  N   . ILE A 1 141 ? 6.636   -0.633  -12.247 1.00 24.59 ? 182 ILE A N   1 
ATOM   939  C  CA  . ILE A 1 141 ? 7.483   -0.787  -13.438 1.00 26.29 ? 182 ILE A CA  1 
ATOM   940  C  C   . ILE A 1 141 ? 6.760   -0.435  -14.729 1.00 31.56 ? 182 ILE A C   1 
ATOM   941  O  O   . ILE A 1 141 ? 7.396   -0.050  -15.708 1.00 30.32 ? 182 ILE A O   1 
ATOM   942  C  CB  . ILE A 1 141 ? 8.044   -2.227  -13.605 1.00 23.99 ? 182 ILE A CB  1 
ATOM   943  C  CG1 . ILE A 1 141 ? 6.894   -3.236  -13.572 1.00 24.42 ? 182 ILE A CG1 1 
ATOM   944  C  CG2 . ILE A 1 141 ? 9.074   -2.506  -12.544 1.00 33.60 ? 182 ILE A CG2 1 
ATOM   945  C  CD1 . ILE A 1 141 ? 7.308   -4.695  -13.677 1.00 28.04 ? 182 ILE A CD1 1 
ATOM   946  N  N   . LYS A 1 142 ? 5.437   -0.581  -14.742 1.00 28.75 ? 183 LYS A N   1 
ATOM   947  C  CA  . LYS A 1 142 ? 4.673   -0.346  -15.957 1.00 28.62 ? 183 LYS A CA  1 
ATOM   948  C  C   . LYS A 1 142 ? 4.164   1.073   -16.093 1.00 32.51 ? 183 LYS A C   1 
ATOM   949  O  O   . LYS A 1 142 ? 4.296   1.685   -17.149 1.00 30.43 ? 183 LYS A O   1 
ATOM   950  C  CB  . LYS A 1 142 ? 3.489   -1.304  -16.065 1.00 27.84 ? 183 LYS A CB  1 
ATOM   951  C  CG  . LYS A 1 142 ? 2.582   -0.997  -17.241 1.00 33.41 ? 183 LYS A CG  1 
ATOM   952  C  CD  . LYS A 1 142 ? 1.551   -2.090  -17.471 1.00 33.50 ? 183 LYS A CD  1 
ATOM   953  C  CE  . LYS A 1 142 ? 0.536   -1.665  -18.531 1.00 37.33 ? 183 LYS A CE  1 
ATOM   954  N  NZ  . LYS A 1 142 ? -0.383  -2.779  -18.894 1.00 40.40 ? 183 LYS A NZ  1 
ATOM   955  N  N   . GLU A 1 143 ? 3.556   1.594   -15.034 1.00 31.07 ? 184 GLU A N   1 
ATOM   956  C  CA  . GLU A 1 143 ? 2.833   2.857   -15.158 1.00 28.47 ? 184 GLU A CA  1 
ATOM   957  C  C   . GLU A 1 143 ? 2.607   3.531   -13.816 1.00 28.17 ? 184 GLU A C   1 
ATOM   958  O  O   . GLU A 1 143 ? 3.052   3.049   -12.770 1.00 28.82 ? 184 GLU A O   1 
ATOM   959  C  CB  . GLU A 1 143 ? 1.476   2.602   -15.812 1.00 30.57 ? 184 GLU A CB  1 
ATOM   960  C  CG  . GLU A 1 143 ? 0.569   1.719   -14.964 1.00 31.12 ? 184 GLU A CG  1 
ATOM   961  C  CD  . GLU A 1 143 ? -0.611  1.156   -15.734 1.00 31.95 ? 184 GLU A CD  1 
ATOM   962  O  OE1 . GLU A 1 143 ? -0.901  -0.051  -15.588 1.00 32.25 ? 184 GLU A OE1 1 
ATOM   963  O  OE2 . GLU A 1 143 ? -1.252  1.923   -16.478 1.00 37.50 ? 184 GLU A OE2 1 
ATOM   964  N  N   . THR A 1 144 ? 1.915   4.664   -13.864 1.00 29.90 ? 185 THR A N   1 
ATOM   965  C  CA  . THR A 1 144 ? 1.483   5.366   -12.671 1.00 25.17 ? 185 THR A CA  1 
ATOM   966  C  C   . THR A 1 144 ? -0.041  5.246   -12.575 1.00 33.97 ? 185 THR A C   1 
ATOM   967  O  O   . THR A 1 144 ? -0.766  5.605   -13.513 1.00 31.85 ? 185 THR A O   1 
ATOM   968  C  CB  . THR A 1 144 ? 1.880   6.850   -12.733 1.00 34.00 ? 185 THR A CB  1 
ATOM   969  O  OG1 . THR A 1 144 ? 3.305   6.964   -12.668 1.00 33.06 ? 185 THR A OG1 1 
ATOM   970  C  CG2 . THR A 1 144 ? 1.265   7.619   -11.581 1.00 30.40 ? 185 THR A CG2 1 
ATOM   971  N  N   . LEU A 1 145 ? -0.516  4.740   -11.442 1.00 24.93 ? 186 LEU A N   1 
ATOM   972  C  CA  . LEU A 1 145 ? -1.945  4.546   -11.209 1.00 27.27 ? 186 LEU A CA  1 
ATOM   973  C  C   . LEU A 1 145 ? -2.492  5.668   -10.323 1.00 26.88 ? 186 LEU A C   1 
ATOM   974  O  O   . LEU A 1 145 ? -1.834  6.062   -9.360  1.00 27.16 ? 186 LEU A O   1 
ATOM   975  C  CB  . LEU A 1 145 ? -2.165  3.195   -10.522 1.00 25.83 ? 186 LEU A CB  1 
ATOM   976  C  CG  . LEU A 1 145 ? -1.456  1.997   -11.162 1.00 28.64 ? 186 LEU A CG  1 
ATOM   977  C  CD1 . LEU A 1 145 ? -1.518  0.759   -10.266 1.00 27.20 ? 186 LEU A CD1 1 
ATOM   978  C  CD2 . LEU A 1 145 ? -2.085  1.711   -12.502 1.00 28.67 ? 186 LEU A CD2 1 
ATOM   979  N  N   . ALA A 1 146 ? -3.680  6.186   -10.640 1.00 22.11 ? 187 ALA A N   1 
ATOM   980  C  CA  . ALA A 1 146 ? -4.275  7.237   -9.813  1.00 20.99 ? 187 ALA A CA  1 
ATOM   981  C  C   . ALA A 1 146 ? -5.450  6.716   -8.990  1.00 22.38 ? 187 ALA A C   1 
ATOM   982  O  O   . ALA A 1 146 ? -6.283  5.963   -9.498  1.00 26.29 ? 187 ALA A O   1 
ATOM   983  C  CB  . ALA A 1 146 ? -4.713  8.435   -10.673 1.00 28.28 ? 187 ALA A CB  1 
ATOM   984  N  N   . TYR A 1 147 ? -5.498  7.122   -7.727  1.00 20.83 ? 188 TYR A N   1 
ATOM   985  C  CA  . TYR A 1 147 ? -6.531  6.691   -6.772  1.00 21.17 ? 188 TYR A CA  1 
ATOM   986  C  C   . TYR A 1 147 ? -7.145  7.894   -6.079  1.00 24.26 ? 188 TYR A C   1 
ATOM   987  O  O   . TYR A 1 147 ? -6.430  8.755   -5.577  1.00 26.67 ? 188 TYR A O   1 
ATOM   988  C  CB  . TYR A 1 147 ? -5.938  5.730   -5.720  1.00 20.00 ? 188 TYR A CB  1 
ATOM   989  C  CG  . TYR A 1 147 ? -5.688  4.371   -6.314  1.00 23.06 ? 188 TYR A CG  1 
ATOM   990  C  CD1 . TYR A 1 147 ? -6.647  3.369   -6.241  1.00 21.25 ? 188 TYR A CD1 1 
ATOM   991  C  CD2 . TYR A 1 147 ? -4.512  4.108   -7.003  1.00 22.67 ? 188 TYR A CD2 1 
ATOM   992  C  CE1 . TYR A 1 147 ? -6.426  2.123   -6.803  1.00 22.67 ? 188 TYR A CE1 1 
ATOM   993  C  CE2 . TYR A 1 147 ? -4.289  2.888   -7.579  1.00 22.51 ? 188 TYR A CE2 1 
ATOM   994  C  CZ  . TYR A 1 147 ? -5.245  1.895   -7.480  1.00 24.60 ? 188 TYR A CZ  1 
ATOM   995  O  OH  . TYR A 1 147 ? -5.006  0.676   -8.070  1.00 21.49 ? 188 TYR A OH  1 
ATOM   996  N  N   . LYS A 1 148 ? -8.471  7.932   -6.040  1.00 23.48 ? 189 LYS A N   1 
ATOM   997  C  CA  . LYS A 1 148 ? -9.188  9.028   -5.410  1.00 23.22 ? 189 LYS A CA  1 
ATOM   998  C  C   . LYS A 1 148 ? -9.701  8.577   -4.054  1.00 26.01 ? 189 LYS A C   1 
ATOM   999  O  O   . LYS A 1 148 ? -10.394 7.556   -3.962  1.00 24.16 ? 189 LYS A O   1 
ATOM   1000 C  CB  . LYS A 1 148 ? -10.350 9.441   -6.309  1.00 25.40 ? 189 LYS A CB  1 
ATOM   1001 C  CG  . LYS A 1 148 ? -11.043 10.718  -5.916  1.00 30.55 ? 189 LYS A CG  1 
ATOM   1002 C  CD  . LYS A 1 148 ? -12.533 10.486  -5.847  1.00 34.56 ? 189 LYS A CD  1 
ATOM   1003 C  CE  . LYS A 1 148 ? -13.064 9.785   -7.077  1.00 44.67 ? 189 LYS A CE  1 
ATOM   1004 N  NZ  . LYS A 1 148 ? -14.461 9.306   -6.830  1.00 50.86 ? 189 LYS A NZ  1 
ATOM   1005 N  N   . VAL A 1 149 ? -9.360  9.337   -3.011  1.00 25.21 ? 190 VAL A N   1 
ATOM   1006 C  CA  . VAL A 1 149 ? -9.748  9.010   -1.636  1.00 23.50 ? 190 VAL A CA  1 
ATOM   1007 C  C   . VAL A 1 149 ? -11.270 8.957   -1.490  1.00 26.07 ? 190 VAL A C   1 
ATOM   1008 O  O   . VAL A 1 149 ? -11.985 9.921   -1.816  1.00 23.49 ? 190 VAL A O   1 
ATOM   1009 C  CB  . VAL A 1 149 ? -9.144  9.990   -0.605  1.00 25.91 ? 190 VAL A CB  1 
ATOM   1010 C  CG1 . VAL A 1 149 ? -9.570  9.610   0.809   1.00 23.37 ? 190 VAL A CG1 1 
ATOM   1011 C  CG2 . VAL A 1 149 ? -7.622  10.025  -0.710  1.00 22.08 ? 190 VAL A CG2 1 
ATOM   1012 N  N   . VAL A 1 150 ? -11.758 7.822   -1.007  1.00 23.73 ? 191 VAL A N   1 
ATOM   1013 C  CA  . VAL A 1 150 ? -13.189 7.606   -0.843  1.00 26.07 ? 191 VAL A CA  1 
ATOM   1014 C  C   . VAL A 1 150 ? -13.578 7.341   0.607   1.00 27.79 ? 191 VAL A C   1 
ATOM   1015 O  O   . VAL A 1 150 ? -14.737 7.532   0.982   1.00 29.98 ? 191 VAL A O   1 
ATOM   1016 C  CB  . VAL A 1 150 ? -13.692 6.452   -1.718  1.00 26.23 ? 191 VAL A CB  1 
ATOM   1017 C  CG1 . VAL A 1 150 ? -13.445 6.753   -3.193  1.00 28.91 ? 191 VAL A CG1 1 
ATOM   1018 C  CG2 . VAL A 1 150 ? -13.008 5.151   -1.309  1.00 25.15 ? 191 VAL A CG2 1 
ATOM   1019 N  N   . SER A 1 151 ? -12.635 6.898   1.429   1.00 26.42 ? 192 SER A N   1 
ATOM   1020 C  CA  . SER A 1 151 ? -12.974 6.656   2.823   1.00 27.35 ? 192 SER A CA  1 
ATOM   1021 C  C   . SER A 1 151 ? -11.812 6.864   3.772   1.00 26.27 ? 192 SER A C   1 
ATOM   1022 O  O   . SER A 1 151 ? -10.646 6.680   3.411   1.00 26.67 ? 192 SER A O   1 
ATOM   1023 C  CB  . SER A 1 151 ? -13.584 5.268   3.006   1.00 28.77 ? 192 SER A CB  1 
ATOM   1024 O  OG  . SER A 1 151 ? -12.589 4.276   2.925   1.00 33.18 ? 192 SER A OG  1 
ATOM   1025 N  N   . ILE A 1 152 ? -12.145 7.265   4.991   1.00 22.91 ? 193 ILE A N   1 
ATOM   1026 C  CA  . ILE A 1 152 ? -11.157 7.565   6.006   1.00 23.56 ? 193 ILE A CA  1 
ATOM   1027 C  C   . ILE A 1 152 ? -11.645 6.988   7.328   1.00 29.11 ? 193 ILE A C   1 
ATOM   1028 O  O   . ILE A 1 152 ? -12.696 7.389   7.830   1.00 25.14 ? 193 ILE A O   1 
ATOM   1029 C  CB  . ILE A 1 152 ? -10.913 9.086   6.130   1.00 26.72 ? 193 ILE A CB  1 
ATOM   1030 C  CG1 . ILE A 1 152 ? -10.360 9.641   4.810   1.00 25.10 ? 193 ILE A CG1 1 
ATOM   1031 C  CG2 . ILE A 1 152 ? -9.977  9.378   7.306   1.00 23.83 ? 193 ILE A CG2 1 
ATOM   1032 C  CD1 . ILE A 1 152 ? -10.386 11.146  4.709   1.00 30.57 ? 193 ILE A CD1 1 
ATOM   1033 N  N   . LYS A 1 153 ? -10.903 6.025   7.868   1.00 23.32 ? 194 LYS A N   1 
ATOM   1034 C  CA  . LYS A 1 153 ? -11.325 5.337   9.082   1.00 25.43 ? 194 LYS A CA  1 
ATOM   1035 C  C   . LYS A 1 153 ? -10.199 5.156   10.074  1.00 24.38 ? 194 LYS A C   1 
ATOM   1036 O  O   . LYS A 1 153 ? -9.018  5.204   9.713   1.00 24.62 ? 194 LYS A O   1 
ATOM   1037 C  CB  . LYS A 1 153 ? -11.918 3.969   8.741   1.00 30.57 ? 194 LYS A CB  1 
ATOM   1038 C  CG  . LYS A 1 153 ? -13.119 4.055   7.828   1.00 31.01 ? 194 LYS A CG  1 
ATOM   1039 C  CD  . LYS A 1 153 ? -13.690 2.670   7.526   1.00 34.90 ? 194 LYS A CD  1 
ATOM   1040 C  CE  . LYS A 1 153 ? -12.740 1.847   6.675   1.00 41.36 ? 194 LYS A CE  1 
ATOM   1041 N  NZ  . LYS A 1 153 ? -13.389 0.587   6.206   1.00 47.39 ? 194 LYS A NZ  1 
ATOM   1042 N  N   . VAL A 1 154 ? -10.577 4.950   11.334  1.00 21.45 ? 195 VAL A N   1 
ATOM   1043 C  CA  . VAL A 1 154 ? -9.631  4.643   12.383  1.00 22.86 ? 195 VAL A CA  1 
ATOM   1044 C  C   . VAL A 1 154 ? -10.096 3.359   13.050  1.00 28.40 ? 195 VAL A C   1 
ATOM   1045 O  O   . VAL A 1 154 ? -11.284 3.230   13.367  1.00 25.94 ? 195 VAL A O   1 
ATOM   1046 C  CB  . VAL A 1 154 ? -9.558  5.808   13.384  1.00 21.57 ? 195 VAL A CB  1 
ATOM   1047 C  CG1 . VAL A 1 154 ? -8.657  5.459   14.567  1.00 23.26 ? 195 VAL A CG1 1 
ATOM   1048 C  CG2 . VAL A 1 154 ? -9.062  7.044   12.654  1.00 22.74 ? 195 VAL A CG2 1 
ATOM   1049 N  N   . VAL A 1 155 ? -9.181  2.399   13.219  1.00 24.30 ? 196 VAL A N   1 
ATOM   1050 C  CA  . VAL A 1 155 ? -9.529  1.085   13.757  1.00 27.92 ? 196 VAL A CA  1 
ATOM   1051 C  C   . VAL A 1 155 ? -8.501  0.596   14.778  1.00 29.41 ? 196 VAL A C   1 
ATOM   1052 O  O   . VAL A 1 155 ? -7.382  1.122   14.836  1.00 26.30 ? 196 VAL A O   1 
ATOM   1053 C  CB  . VAL A 1 155 ? -9.655  0.045   12.625  1.00 28.61 ? 196 VAL A CB  1 
ATOM   1054 C  CG1 . VAL A 1 155 ? -10.656 0.518   11.595  1.00 29.40 ? 196 VAL A CG1 1 
ATOM   1055 C  CG2 . VAL A 1 155 ? -8.307  -0.196  11.960  1.00 29.30 ? 196 VAL A CG2 1 
ATOM   1056 N  N   . ASP A 1 156 ? -8.875  -0.392  15.594  1.00 26.36 ? 197 ASP A N   1 
ATOM   1057 C  CA  . ASP A 1 156 ? -7.922  -0.999  16.528  1.00 31.72 ? 197 ASP A CA  1 
ATOM   1058 C  C   . ASP A 1 156 ? -6.861  -1.726  15.705  1.00 28.54 ? 197 ASP A C   1 
ATOM   1059 O  O   . ASP A 1 156 ? -7.161  -2.233  14.627  1.00 29.88 ? 197 ASP A O   1 
ATOM   1060 C  CB  . ASP A 1 156 ? -8.593  -2.028  17.453  1.00 34.18 ? 197 ASP A CB  1 
ATOM   1061 C  CG  . ASP A 1 156 ? -9.564  -1.408  18.432  1.00 45.52 ? 197 ASP A CG  1 
ATOM   1062 O  OD1 . ASP A 1 156 ? -10.724 -1.874  18.481  1.00 49.08 ? 197 ASP A OD1 1 
ATOM   1063 O  OD2 . ASP A 1 156 ? -9.168  -0.473  19.167  1.00 42.21 ? 197 ASP A OD2 1 
ATOM   1064 N  N   . PRO A 1 157 ? -5.625  -1.783  16.218  1.00 26.18 ? 198 PRO A N   1 
ATOM   1065 C  CA  . PRO A 1 157 ? -4.549  -2.516  15.542  1.00 28.33 ? 198 PRO A CA  1 
ATOM   1066 C  C   . PRO A 1 157 ? -4.954  -3.963  15.322  1.00 30.12 ? 198 PRO A C   1 
ATOM   1067 O  O   . PRO A 1 157 ? -4.631  -4.557  14.292  1.00 30.22 ? 198 PRO A O   1 
ATOM   1068 C  CB  . PRO A 1 157 ? -3.393  -2.455  16.543  1.00 28.10 ? 198 PRO A CB  1 
ATOM   1069 C  CG  . PRO A 1 157 ? -3.675  -1.261  17.384  1.00 33.01 ? 198 PRO A CG  1 
ATOM   1070 C  CD  . PRO A 1 157 ? -5.172  -1.160  17.473  1.00 30.47 ? 198 PRO A CD  1 
ATOM   1071 N  N   . THR A 1 158 ? -5.661  -4.530  16.291  1.00 33.01 ? 199 THR A N   1 
ATOM   1072 C  CA  . THR A 1 158 ? -6.076  -5.921  16.181  1.00 38.22 ? 199 THR A CA  1 
ATOM   1073 C  C   . THR A 1 158 ? -7.290  -6.102  15.272  1.00 36.40 ? 199 THR A C   1 
ATOM   1074 O  O   . THR A 1 158 ? -7.944  -7.139  15.325  1.00 40.30 ? 199 THR A O   1 
ATOM   1075 C  CB  . THR A 1 158 ? -6.354  -6.569  17.561  1.00 35.04 ? 199 THR A CB  1 
ATOM   1076 O  OG1 . THR A 1 158 ? -7.333  -5.800  18.274  1.00 35.40 ? 199 THR A OG1 1 
ATOM   1077 C  CG2 . THR A 1 158 ? -5.079  -6.654  18.385  1.00 42.64 ? 199 THR A CG2 1 
ATOM   1078 N  N   . ALA A 1 159 ? -7.585  -5.112  14.430  1.00 35.26 ? 200 ALA A N   1 
ATOM   1079 C  CA  . ALA A 1 159 ? -8.744  -5.218  13.535  1.00 33.82 ? 200 ALA A CA  1 
ATOM   1080 C  C   . ALA A 1 159 ? -8.450  -5.126  12.024  1.00 39.31 ? 200 ALA A C   1 
ATOM   1081 O  O   . ALA A 1 159 ? -9.374  -4.988  11.214  1.00 33.67 ? 200 ALA A O   1 
ATOM   1082 C  CB  . ALA A 1 159 ? -9.809  -4.192  13.929  1.00 36.71 ? 200 ALA A CB  1 
ATOM   1083 N  N   . LEU A 1 160 ? -7.185  -5.218  11.631  1.00 32.31 ? 201 LEU A N   1 
ATOM   1084 C  CA  . LEU A 1 160 ? -6.829  -4.983  10.228  1.00 34.74 ? 201 LEU A CA  1 
ATOM   1085 C  C   . LEU A 1 160 ? -7.359  -5.998  9.212   1.00 38.86 ? 201 LEU A C   1 
ATOM   1086 O  O   . LEU A 1 160 ? -7.365  -5.721  8.017   1.00 38.35 ? 201 LEU A O   1 
ATOM   1087 C  CB  . LEU A 1 160 ? -5.318  -4.851  10.062  1.00 34.92 ? 201 LEU A CB  1 
ATOM   1088 C  CG  . LEU A 1 160 ? -4.769  -3.680  10.865  1.00 39.15 ? 201 LEU A CG  1 
ATOM   1089 C  CD1 . LEU A 1 160 ? -3.261  -3.612  10.731  1.00 34.63 ? 201 LEU A CD1 1 
ATOM   1090 C  CD2 . LEU A 1 160 ? -5.446  -2.382  10.405  1.00 30.12 ? 201 LEU A CD2 1 
ATOM   1091 N  N   . SER A 1 161 ? -7.796  -7.162  9.681   1.00 39.93 ? 202 SER A N   1 
ATOM   1092 C  CA  . SER A 1 161 ? -8.300  -8.206  8.784   1.00 44.66 ? 202 SER A CA  1 
ATOM   1093 C  C   . SER A 1 161 ? -9.476  -7.748  7.915   1.00 45.41 ? 202 SER A C   1 
ATOM   1094 O  O   . SER A 1 161 ? -9.634  -8.206  6.779   1.00 47.29 ? 202 SER A O   1 
ATOM   1095 C  CB  . SER A 1 161 ? -8.678  -9.460  9.582   1.00 46.57 ? 202 SER A CB  1 
ATOM   1096 O  OG  . SER A 1 161 ? -9.235  -9.113  10.841  1.00 53.46 ? 202 SER A OG  1 
ATOM   1097 N  N   . GLU A 1 162 ? -10.292 -6.847  8.454   1.00 45.67 ? 203 GLU A N   1 
ATOM   1098 C  CA  . GLU A 1 162 ? -11.434 -6.284  7.734   1.00 41.81 ? 203 GLU A CA  1 
ATOM   1099 C  C   . GLU A 1 162 ? -11.043 -5.664  6.399   1.00 44.53 ? 203 GLU A C   1 
ATOM   1100 O  O   . GLU A 1 162 ? -11.893 -5.472  5.527   1.00 44.93 ? 203 GLU A O   1 
ATOM   1101 C  CB  . GLU A 1 162 ? -12.099 -5.198  8.587   1.00 48.96 ? 203 GLU A CB  1 
ATOM   1102 C  CG  . GLU A 1 162 ? -11.200 -3.972  8.828   1.00 49.49 ? 203 GLU A CG  1 
ATOM   1103 C  CD  . GLU A 1 162 ? -11.975 -2.662  8.962   1.00 54.14 ? 203 GLU A CD  1 
ATOM   1104 O  OE1 . GLU A 1 162 ? -12.624 -2.454  10.014  1.00 61.75 ? 203 GLU A OE1 1 
ATOM   1105 O  OE2 . GLU A 1 162 ? -11.929 -1.836  8.018   1.00 49.30 ? 203 GLU A OE2 1 
ATOM   1106 N  N   . VAL A 1 163 ? -9.766  -5.324  6.245   1.00 40.12 ? 204 VAL A N   1 
ATOM   1107 C  CA  . VAL A 1 163 ? -9.313  -4.592  5.062   1.00 40.44 ? 204 VAL A CA  1 
ATOM   1108 C  C   . VAL A 1 163 ? -9.142  -5.555  3.897   1.00 44.80 ? 204 VAL A C   1 
ATOM   1109 O  O   . VAL A 1 163 ? -8.046  -5.691  3.347   1.00 38.67 ? 204 VAL A O   1 
ATOM   1110 C  CB  . VAL A 1 163 ? -7.983  -3.874  5.326   1.00 41.07 ? 204 VAL A CB  1 
ATOM   1111 C  CG1 . VAL A 1 163 ? -7.674  -2.883  4.210   1.00 35.88 ? 204 VAL A CG1 1 
ATOM   1112 C  CG2 . VAL A 1 163 ? -8.043  -3.151  6.660   1.00 41.92 ? 204 VAL A CG2 1 
ATOM   1113 N  N   . LYS A 1 164 ? -10.245 -6.196  3.521   1.00 34.85 ? 205 LYS A N   1 
ATOM   1114 C  CA  . LYS A 1 164 ? -10.239 -7.311  2.588   1.00 34.70 ? 205 LYS A CA  1 
ATOM   1115 C  C   . LYS A 1 164 ? -10.354 -6.869  1.129   1.00 29.64 ? 205 LYS A C   1 
ATOM   1116 O  O   . LYS A 1 164 ? -10.611 -5.695  0.835   1.00 29.28 ? 205 LYS A O   1 
ATOM   1117 C  CB  . LYS A 1 164 ? -11.375 -8.277  2.939   1.00 34.16 ? 205 LYS A CB  1 
ATOM   1118 C  CG  . LYS A 1 164 ? -12.767 -7.763  2.629   1.00 40.47 ? 205 LYS A CG  1 
ATOM   1119 C  CD  . LYS A 1 164 ? -13.827 -8.782  3.053   1.00 48.32 ? 205 LYS A CD  1 
ATOM   1120 C  CE  . LYS A 1 164 ? -15.251 -8.282  2.764   1.00 61.56 ? 205 LYS A CE  1 
ATOM   1121 N  NZ  . LYS A 1 164 ? -16.325 -9.174  3.330   1.00 56.45 ? 205 LYS A NZ  1 
ATOM   1122 N  N   . ILE A 1 165 ? -10.167 -7.816  0.212   1.00 23.70 ? 206 ILE A N   1 
ATOM   1123 C  CA  . ILE A 1 165 ? -10.301 -7.521  -1.200  1.00 26.60 ? 206 ILE A CA  1 
ATOM   1124 C  C   . ILE A 1 165 ? -11.784 -7.511  -1.532  1.00 30.34 ? 206 ILE A C   1 
ATOM   1125 O  O   . ILE A 1 165 ? -12.497 -8.468  -1.234  1.00 36.61 ? 206 ILE A O   1 
ATOM   1126 C  CB  . ILE A 1 165 ? -9.571  -8.564  -2.070  1.00 30.38 ? 206 ILE A CB  1 
ATOM   1127 C  CG1 . ILE A 1 165 ? -8.066  -8.556  -1.748  1.00 32.25 ? 206 ILE A CG1 1 
ATOM   1128 C  CG2 . ILE A 1 165 ? -9.824  -8.275  -3.530  1.00 27.17 ? 206 ILE A CG2 1 
ATOM   1129 C  CD1 . ILE A 1 165 ? -7.269  -9.760  -2.279  1.00 30.60 ? 206 ILE A CD1 1 
ATOM   1130 N  N   . VAL A 1 166 ? -12.250 -6.431  -2.135  1.00 26.67 ? 207 VAL A N   1 
ATOM   1131 C  CA  . VAL A 1 166 ? -13.665 -6.285  -2.431  1.00 30.41 ? 207 VAL A CA  1 
ATOM   1132 C  C   . VAL A 1 166 ? -13.934 -6.590  -3.900  1.00 32.46 ? 207 VAL A C   1 
ATOM   1133 O  O   . VAL A 1 166 ? -13.335 -5.985  -4.791  1.00 31.57 ? 207 VAL A O   1 
ATOM   1134 C  CB  . VAL A 1 166 ? -14.166 -4.861  -2.124  1.00 31.38 ? 207 VAL A CB  1 
ATOM   1135 C  CG1 . VAL A 1 166 ? -15.608 -4.699  -2.576  1.00 32.10 ? 207 VAL A CG1 1 
ATOM   1136 C  CG2 . VAL A 1 166 ? -14.011 -4.539  -0.631  1.00 34.13 ? 207 VAL A CG2 1 
ATOM   1137 N  N   . ASN A 1 167 ? -14.844 -7.528  -4.146  1.00 32.60 ? 208 ASN A N   1 
ATOM   1138 C  CA  . ASN A 1 167 ? -15.156 -7.970  -5.505  1.00 32.82 ? 208 ASN A CA  1 
ATOM   1139 C  C   . ASN A 1 167 ? -15.539 -6.809  -6.425  1.00 34.27 ? 208 ASN A C   1 
ATOM   1140 O  O   . ASN A 1 167 ? -16.402 -5.994  -6.087  1.00 32.41 ? 208 ASN A O   1 
ATOM   1141 C  CB  . ASN A 1 167 ? -16.276 -9.019  -5.458  1.00 38.54 ? 208 ASN A CB  1 
ATOM   1142 C  CG  . ASN A 1 167 ? -16.442 -9.770  -6.772  1.00 47.46 ? 208 ASN A CG  1 
ATOM   1143 O  OD1 . ASN A 1 167 ? -17.558 -9.933  -7.266  1.00 54.91 ? 208 ASN A OD1 1 
ATOM   1144 N  ND2 . ASN A 1 167 ? -15.333 -10.227 -7.342  1.00 44.16 ? 208 ASN A ND2 1 
ATOM   1145 N  N   . GLY A 1 168 ? -14.884 -6.730  -7.578  1.00 28.81 ? 209 GLY A N   1 
ATOM   1146 C  CA  . GLY A 1 168 ? -15.249 -5.753  -8.583  1.00 28.95 ? 209 GLY A CA  1 
ATOM   1147 C  C   . GLY A 1 168 ? -14.702 -4.349  -8.391  1.00 31.60 ? 209 GLY A C   1 
ATOM   1148 O  O   . GLY A 1 168 ? -14.956 -3.477  -9.219  1.00 31.62 ? 209 GLY A O   1 
ATOM   1149 N  N   . LYS A 1 169 ? -13.943 -4.139  -7.321  1.00 30.61 ? 210 LYS A N   1 
ATOM   1150 C  CA  . LYS A 1 169 ? -13.386 -2.827  -6.995  1.00 27.52 ? 210 LYS A CA  1 
ATOM   1151 C  C   . LYS A 1 169 ? -11.861 -2.843  -7.081  1.00 24.95 ? 210 LYS A C   1 
ATOM   1152 O  O   . LYS A 1 169 ? -11.239 -3.881  -6.896  1.00 26.59 ? 210 LYS A O   1 
ATOM   1153 C  CB  . LYS A 1 169 ? -13.812 -2.413  -5.580  1.00 27.79 ? 210 LYS A CB  1 
ATOM   1154 C  CG  . LYS A 1 169 ? -15.324 -2.290  -5.400  1.00 30.36 ? 210 LYS A CG  1 
ATOM   1155 C  CD  . LYS A 1 169 ? -15.871 -1.114  -6.188  1.00 36.20 ? 210 LYS A CD  1 
ATOM   1156 C  CE  . LYS A 1 169 ? -17.357 -0.891  -5.911  1.00 40.94 ? 210 LYS A CE  1 
ATOM   1157 N  NZ  . LYS A 1 169 ? -17.873 0.308   -6.639  1.00 45.04 ? 210 LYS A NZ  1 
ATOM   1158 N  N   . ASP A 1 170 ? -11.279 -1.685  -7.378  1.00 27.91 ? 211 ASP A N   1 
ATOM   1159 C  CA  . ASP A 1 170 ? -9.832  -1.501  -7.444  1.00 23.90 ? 211 ASP A CA  1 
ATOM   1160 C  C   . ASP A 1 170 ? -9.494  -0.428  -6.387  1.00 21.04 ? 211 ASP A C   1 
ATOM   1161 O  O   . ASP A 1 170 ? -9.718  0.771   -6.615  1.00 23.29 ? 211 ASP A O   1 
ATOM   1162 C  CB  . ASP A 1 170 ? -9.475  -1.042  -8.866  1.00 22.81 ? 211 ASP A CB  1 
ATOM   1163 C  CG  . ASP A 1 170 ? -7.976  -0.806  -9.083  1.00 26.58 ? 211 ASP A CG  1 
ATOM   1164 O  OD1 . ASP A 1 170 ? -7.210  -0.697  -8.102  1.00 22.08 ? 211 ASP A OD1 1 
ATOM   1165 O  OD2 . ASP A 1 170 ? -7.580  -0.676  -10.268 1.00 23.19 ? 211 ASP A OD2 1 
ATOM   1166 N  N   . TYR A 1 171 ? -8.985  -0.858  -5.231  1.00 21.07 ? 212 TYR A N   1 
ATOM   1167 C  CA  . TYR A 1 171 ? -8.713  0.023   -4.091  1.00 21.62 ? 212 TYR A CA  1 
ATOM   1168 C  C   . TYR A 1 171 ? -7.259  -0.073  -3.655  1.00 24.13 ? 212 TYR A C   1 
ATOM   1169 O  O   . TYR A 1 171 ? -6.635  -1.135  -3.739  1.00 21.80 ? 212 TYR A O   1 
ATOM   1170 C  CB  . TYR A 1 171 ? -9.521  -0.415  -2.860  1.00 23.39 ? 212 TYR A CB  1 
ATOM   1171 C  CG  . TYR A 1 171 ? -11.023 -0.192  -2.896  1.00 27.74 ? 212 TYR A CG  1 
ATOM   1172 C  CD1 . TYR A 1 171 ? -11.575 1.015   -3.318  1.00 28.95 ? 212 TYR A CD1 1 
ATOM   1173 C  CD2 . TYR A 1 171 ? -11.888 -1.191  -2.469  1.00 29.91 ? 212 TYR A CD2 1 
ATOM   1174 C  CE1 . TYR A 1 171 ? -12.960 1.206   -3.329  1.00 30.27 ? 212 TYR A CE1 1 
ATOM   1175 C  CE2 . TYR A 1 171 ? -13.254 -1.013  -2.473  1.00 30.12 ? 212 TYR A CE2 1 
ATOM   1176 C  CZ  . TYR A 1 171 ? -13.787 0.184   -2.904  1.00 31.72 ? 212 TYR A CZ  1 
ATOM   1177 O  OH  . TYR A 1 171 ? -15.151 0.339   -2.900  1.00 28.96 ? 212 TYR A OH  1 
ATOM   1178 N  N   . ILE A 1 172 ? -6.738  1.025   -3.129  1.00 20.61 ? 213 ILE A N   1 
ATOM   1179 C  CA  . ILE A 1 172 ? -5.508  0.971   -2.342  1.00 19.17 ? 213 ILE A CA  1 
ATOM   1180 C  C   . ILE A 1 172 ? -5.739  1.694   -1.036  1.00 23.95 ? 213 ILE A C   1 
ATOM   1181 O  O   . ILE A 1 172 ? -6.218  2.838   -1.027  1.00 19.68 ? 213 ILE A O   1 
ATOM   1182 C  CB  . ILE A 1 172 ? -4.341  1.627   -3.085  1.00 19.02 ? 213 ILE A CB  1 
ATOM   1183 C  CG1 . ILE A 1 172 ? -3.953  0.777   -4.297  1.00 22.12 ? 213 ILE A CG1 1 
ATOM   1184 C  CG2 . ILE A 1 172 ? -3.140  1.792   -2.161  1.00 19.77 ? 213 ILE A CG2 1 
ATOM   1185 C  CD1 . ILE A 1 172 ? -2.717  1.287   -5.005  1.00 21.19 ? 213 ILE A CD1 1 
ATOM   1186 N  N   . THR A 1 173 ? -5.426  1.031   0.074   1.00 22.28 ? 214 THR A N   1 
ATOM   1187 C  CA  . THR A 1 173 ? -5.505  1.679   1.369   1.00 21.38 ? 214 THR A CA  1 
ATOM   1188 C  C   . THR A 1 173 ? -4.111  2.040   1.841   1.00 24.27 ? 214 THR A C   1 
ATOM   1189 O  O   . THR A 1 173 ? -3.169  1.248   1.733   1.00 21.43 ? 214 THR A O   1 
ATOM   1190 C  CB  . THR A 1 173 ? -6.222  0.807   2.421   1.00 23.88 ? 214 THR A CB  1 
ATOM   1191 O  OG1 . THR A 1 173 ? -7.616  0.777   2.114   1.00 23.74 ? 214 THR A OG1 1 
ATOM   1192 C  CG2 . THR A 1 173 ? -6.039  1.390   3.822   1.00 27.19 ? 214 THR A CG2 1 
ATOM   1193 N  N   . LEU A 1 174 ? -3.988  3.262   2.325   1.00 20.06 ? 215 LEU A N   1 
ATOM   1194 C  CA  . LEU A 1 174 ? -2.756  3.743   2.931   1.00 20.30 ? 215 LEU A CA  1 
ATOM   1195 C  C   . LEU A 1 174 ? -2.944  3.668   4.439   1.00 21.64 ? 215 LEU A C   1 
ATOM   1196 O  O   . LEU A 1 174 ? -3.932  4.179   4.976   1.00 22.33 ? 215 LEU A O   1 
ATOM   1197 C  CB  . LEU A 1 174 ? -2.477  5.174   2.469   1.00 20.17 ? 215 LEU A CB  1 
ATOM   1198 C  CG  . LEU A 1 174 ? -2.487  5.405   0.952   1.00 21.87 ? 215 LEU A CG  1 
ATOM   1199 C  CD1 . LEU A 1 174 ? -2.382  6.901   0.626   1.00 22.03 ? 215 LEU A CD1 1 
ATOM   1200 C  CD2 . LEU A 1 174 ? -1.384  4.599   0.270   1.00 20.59 ? 215 LEU A CD2 1 
ATOM   1201 N  N   . LEU A 1 175 ? -1.997  3.025   5.118   1.00 21.06 ? 216 LEU A N   1 
ATOM   1202 C  CA  . LEU A 1 175 ? -2.154  2.679   6.525   1.00 20.21 ? 216 LEU A CA  1 
ATOM   1203 C  C   . LEU A 1 175 ? -1.034  3.255   7.381   1.00 24.01 ? 216 LEU A C   1 
ATOM   1204 O  O   . LEU A 1 175 ? 0.141   3.166   7.026   1.00 21.73 ? 216 LEU A O   1 
ATOM   1205 C  CB  . LEU A 1 175 ? -2.200  1.150   6.681   1.00 23.53 ? 216 LEU A CB  1 
ATOM   1206 C  CG  . LEU A 1 175 ? -2.464  0.572   8.078   1.00 31.12 ? 216 LEU A CG  1 
ATOM   1207 C  CD1 . LEU A 1 175 ? -3.014  -0.841  7.990   1.00 34.56 ? 216 LEU A CD1 1 
ATOM   1208 C  CD2 . LEU A 1 175 ? -1.204  0.592   8.865   1.00 30.55 ? 216 LEU A CD2 1 
ATOM   1209 N  N   . THR A 1 176 ? -1.409  3.830   8.518   1.00 23.62 ? 217 THR A N   1 
ATOM   1210 C  CA  . THR A 1 176 ? -0.426  4.330   9.469   1.00 24.05 ? 217 THR A CA  1 
ATOM   1211 C  C   . THR A 1 176 ? -0.993  4.315   10.895  1.00 24.64 ? 217 THR A C   1 
ATOM   1212 O  O   . THR A 1 176 ? -2.110  3.837   11.114  1.00 24.24 ? 217 THR A O   1 
ATOM   1213 C  CB  . THR A 1 176 ? 0.075   5.731   9.075   1.00 25.21 ? 217 THR A CB  1 
ATOM   1214 O  OG1 . THR A 1 176 ? 1.246   6.052   9.838   1.00 29.39 ? 217 THR A OG1 1 
ATOM   1215 C  CG2 . THR A 1 176 ? -1.020  6.786   9.298   1.00 23.62 ? 217 THR A CG2 1 
ATOM   1216 N  N   . CYS A 1 177 ? -0.210  4.796   11.864  1.00 21.44 ? 218 CYS A N   1 
ATOM   1217 C  CA  . CYS A 1 177 ? -0.645  4.834   13.261  1.00 22.38 ? 218 CYS A CA  1 
ATOM   1218 C  C   . CYS A 1 177 ? -1.216  6.203   13.638  1.00 22.94 ? 218 CYS A C   1 
ATOM   1219 O  O   . CYS A 1 177 ? -0.938  7.209   12.981  1.00 24.78 ? 218 CYS A O   1 
ATOM   1220 C  CB  . CYS A 1 177 ? 0.512   4.489   14.208  1.00 28.35 ? 218 CYS A CB  1 
ATOM   1221 S  SG  . CYS A 1 177 ? 1.383   2.960   13.802  1.00 30.88 ? 218 CYS A SG  1 
ATOM   1222 N  N   . THR A 1 178 ? -2.012  6.221   14.698  1.00 21.19 ? 219 THR A N   1 
ATOM   1223 C  CA  . THR A 1 178 ? -2.716  7.421   15.130  1.00 23.41 ? 219 THR A CA  1 
ATOM   1224 C  C   . THR A 1 178 ? -3.242  7.172   16.536  1.00 24.50 ? 219 THR A C   1 
ATOM   1225 O  O   . THR A 1 178 ? -3.382  6.012   16.951  1.00 25.67 ? 219 THR A O   1 
ATOM   1226 C  CB  . THR A 1 178 ? -3.891  7.738   14.172  1.00 24.75 ? 219 THR A CB  1 
ATOM   1227 O  OG1 . THR A 1 178 ? -4.287  9.106   14.302  1.00 26.21 ? 219 THR A OG1 1 
ATOM   1228 C  CG2 . THR A 1 178 ? -5.098  6.840   14.446  1.00 21.26 ? 219 THR A CG2 1 
ATOM   1229 N  N   . PRO A 1 179 ? -3.493  8.246   17.299  1.00 23.33 ? 220 PRO A N   1 
ATOM   1230 C  CA  . PRO A 1 179 ? -3.184  9.640   16.970  1.00 25.75 ? 220 PRO A CA  1 
ATOM   1231 C  C   . PRO A 1 179 ? -1.684  9.893   16.965  1.00 28.04 ? 220 PRO A C   1 
ATOM   1232 O  O   . PRO A 1 179 ? -0.923  9.092   17.500  1.00 27.51 ? 220 PRO A O   1 
ATOM   1233 C  CB  . PRO A 1 179 ? -3.810  10.422  18.130  1.00 24.92 ? 220 PRO A CB  1 
ATOM   1234 C  CG  . PRO A 1 179 ? -4.755  9.467   18.796  1.00 29.22 ? 220 PRO A CG  1 
ATOM   1235 C  CD  . PRO A 1 179 ? -4.156  8.127   18.609  1.00 29.28 ? 220 PRO A CD  1 
ATOM   1236 N  N   . TYR A 1 180 ? -1.282  11.020  16.393  1.00 30.97 ? 221 TYR A N   1 
ATOM   1237 C  CA  . TYR A 1 180 ? 0.120   11.414  16.356  1.00 31.10 ? 221 TYR A CA  1 
ATOM   1238 C  C   . TYR A 1 180 ? 0.762   11.313  17.740  1.00 32.89 ? 221 TYR A C   1 
ATOM   1239 O  O   . TYR A 1 180 ? 0.189   11.772  18.740  1.00 31.31 ? 221 TYR A O   1 
ATOM   1240 C  CB  . TYR A 1 180 ? 0.238   12.845  15.828  1.00 36.14 ? 221 TYR A CB  1 
ATOM   1241 C  CG  . TYR A 1 180 ? 1.658   13.307  15.576  1.00 37.30 ? 221 TYR A CG  1 
ATOM   1242 C  CD1 . TYR A 1 180 ? 2.339   12.940  14.421  1.00 43.31 ? 221 TYR A CD1 1 
ATOM   1243 C  CD2 . TYR A 1 180 ? 2.305   14.135  16.479  1.00 42.48 ? 221 TYR A CD2 1 
ATOM   1244 C  CE1 . TYR A 1 180 ? 3.644   13.378  14.185  1.00 45.59 ? 221 TYR A CE1 1 
ATOM   1245 C  CE2 . TYR A 1 180 ? 3.604   14.574  16.256  1.00 46.54 ? 221 TYR A CE2 1 
ATOM   1246 C  CZ  . TYR A 1 180 ? 4.271   14.194  15.110  1.00 50.52 ? 221 TYR A CZ  1 
ATOM   1247 O  OH  . TYR A 1 180 ? 5.564   14.640  14.899  1.00 47.04 ? 221 TYR A OH  1 
ATOM   1248 N  N   . MET A 1 181 ? 1.946   10.703  17.782  1.00 36.77 ? 222 MET A N   1 
ATOM   1249 C  CA  . MET A 1 181 ? 2.730   10.547  19.011  1.00 32.95 ? 222 MET A CA  1 
ATOM   1250 C  C   . MET A 1 181 ? 2.062   9.663   20.045  1.00 34.00 ? 222 MET A C   1 
ATOM   1251 O  O   . MET A 1 181 ? 2.509   9.588   21.181  1.00 37.00 ? 222 MET A O   1 
ATOM   1252 C  CB  . MET A 1 181 ? 3.046   11.909  19.640  1.00 36.66 ? 222 MET A CB  1 
ATOM   1253 C  CG  . MET A 1 181 ? 4.173   12.643  18.954  1.00 44.91 ? 222 MET A CG  1 
ATOM   1254 S  SD  . MET A 1 181 ? 5.665   11.636  18.904  1.00 58.02 ? 222 MET A SD  1 
ATOM   1255 C  CE  . MET A 1 181 ? 6.716   12.657  17.872  1.00 54.12 ? 222 MET A CE  1 
ATOM   1256 N  N   . ILE A 1 182 ? 0.974   9.013   19.664  1.00 32.08 ? 223 ILE A N   1 
ATOM   1257 C  CA  . ILE A 1 182 ? 0.316   8.077   20.558  1.00 29.99 ? 223 ILE A CA  1 
ATOM   1258 C  C   . ILE A 1 182 ? 0.301   6.685   19.923  1.00 30.72 ? 223 ILE A C   1 
ATOM   1259 O  O   . ILE A 1 182 ? 0.758   5.726   20.527  1.00 30.08 ? 223 ILE A O   1 
ATOM   1260 C  CB  . ILE A 1 182 ? -1.102  8.543   20.924  1.00 33.03 ? 223 ILE A CB  1 
ATOM   1261 C  CG1 . ILE A 1 182 ? -1.028  9.900   21.636  1.00 36.09 ? 223 ILE A CG1 1 
ATOM   1262 C  CG2 . ILE A 1 182 ? -1.772  7.519   21.819  1.00 30.94 ? 223 ILE A CG2 1 
ATOM   1263 C  CD1 . ILE A 1 182 ? -2.362  10.415  22.142  1.00 28.62 ? 223 ILE A CD1 1 
ATOM   1264 N  N   . ASN A 1 183 ? -0.220  6.589   18.702  1.00 29.41 ? 224 ASN A N   1 
ATOM   1265 C  CA  . ASN A 1 183 ? -0.073  5.383   17.885  1.00 29.24 ? 224 ASN A CA  1 
ATOM   1266 C  C   . ASN A 1 183 ? -0.785  4.155   18.439  1.00 28.36 ? 224 ASN A C   1 
ATOM   1267 O  O   . ASN A 1 183 ? -0.418  3.020   18.137  1.00 32.01 ? 224 ASN A O   1 
ATOM   1268 C  CB  . ASN A 1 183 ? 1.409   5.077   17.640  1.00 25.83 ? 224 ASN A CB  1 
ATOM   1269 C  CG  . ASN A 1 183 ? 2.140   6.235   16.987  1.00 29.48 ? 224 ASN A CG  1 
ATOM   1270 O  OD1 . ASN A 1 183 ? 1.633   6.860   16.058  1.00 31.03 ? 224 ASN A OD1 1 
ATOM   1271 N  ND2 . ASN A 1 183 ? 3.337   6.532   17.474  1.00 37.58 ? 224 ASN A ND2 1 
ATOM   1272 N  N   . SER A 1 184 ? -1.809  4.389   19.244  1.00 26.89 ? 225 SER A N   1 
ATOM   1273 C  CA  . SER A 1 184 ? -2.609  3.312   19.809  1.00 28.75 ? 225 SER A CA  1 
ATOM   1274 C  C   . SER A 1 184 ? -3.538  2.679   18.772  1.00 28.98 ? 225 SER A C   1 
ATOM   1275 O  O   . SER A 1 184 ? -3.951  1.521   18.912  1.00 30.68 ? 225 SER A O   1 
ATOM   1276 C  CB  . SER A 1 184 ? -3.445  3.857   20.960  1.00 27.32 ? 225 SER A CB  1 
ATOM   1277 O  OG  . SER A 1 184 ? -4.239  4.944   20.517  1.00 28.26 ? 225 SER A OG  1 
ATOM   1278 N  N   . HIS A 1 185 ? -3.876  3.448   17.745  1.00 25.74 ? 226 HIS A N   1 
ATOM   1279 C  CA  . HIS A 1 185 ? -4.879  3.036   16.762  1.00 26.92 ? 226 HIS A CA  1 
ATOM   1280 C  C   . HIS A 1 185 ? -4.337  3.138   15.339  1.00 24.07 ? 226 HIS A C   1 
ATOM   1281 O  O   . HIS A 1 185 ? -3.217  3.590   15.141  1.00 24.29 ? 226 HIS A O   1 
ATOM   1282 C  CB  . HIS A 1 185 ? -6.164  3.860   16.944  1.00 24.91 ? 226 HIS A CB  1 
ATOM   1283 C  CG  . HIS A 1 185 ? -6.851  3.578   18.245  1.00 25.20 ? 226 HIS A CG  1 
ATOM   1284 N  ND1 . HIS A 1 185 ? -6.403  4.082   19.445  1.00 24.47 ? 226 HIS A ND1 1 
ATOM   1285 C  CD2 . HIS A 1 185 ? -7.914  2.790   18.537  1.00 29.20 ? 226 HIS A CD2 1 
ATOM   1286 C  CE1 . HIS A 1 185 ? -7.173  3.631   20.423  1.00 30.28 ? 226 HIS A CE1 1 
ATOM   1287 N  NE2 . HIS A 1 185 ? -8.088  2.838   19.899  1.00 28.22 ? 226 HIS A NE2 1 
ATOM   1288 N  N   . ARG A 1 186 ? -5.112  2.706   14.349  1.00 23.60 ? 227 ARG A N   1 
ATOM   1289 C  CA  . ARG A 1 186 ? -4.611  2.717   12.972  1.00 22.30 ? 227 ARG A CA  1 
ATOM   1290 C  C   . ARG A 1 186 ? -5.508  3.518   12.045  1.00 23.81 ? 227 ARG A C   1 
ATOM   1291 O  O   . ARG A 1 186 ? -6.726  3.336   12.029  1.00 25.33 ? 227 ARG A O   1 
ATOM   1292 C  CB  . ARG A 1 186 ? -4.443  1.289   12.430  1.00 23.93 ? 227 ARG A CB  1 
ATOM   1293 C  CG  . ARG A 1 186 ? -3.541  0.375   13.265  1.00 23.44 ? 227 ARG A CG  1 
ATOM   1294 C  CD  . ARG A 1 186 ? -2.102  0.848   13.274  1.00 23.16 ? 227 ARG A CD  1 
ATOM   1295 N  NE  . ARG A 1 186 ? -1.228  -0.005  14.098  1.00 22.32 ? 227 ARG A NE  1 
ATOM   1296 C  CZ  . ARG A 1 186 ? -0.764  0.329   15.295  1.00 27.50 ? 227 ARG A CZ  1 
ATOM   1297 N  NH1 . ARG A 1 186 ? -1.098  1.503   15.841  1.00 26.00 ? 227 ARG A NH1 1 
ATOM   1298 N  NH2 . ARG A 1 186 ? 0.030   -0.507  15.956  1.00 25.21 ? 227 ARG A NH2 1 
ATOM   1299 N  N   . LEU A 1 187 ? -4.894  4.404   11.269  1.00 22.05 ? 228 LEU A N   1 
ATOM   1300 C  CA  . LEU A 1 187 ? -5.609  5.228   10.317  1.00 24.89 ? 228 LEU A CA  1 
ATOM   1301 C  C   . LEU A 1 187 ? -5.539  4.590   8.951   1.00 26.40 ? 228 LEU A C   1 
ATOM   1302 O  O   . LEU A 1 187 ? -4.448  4.272   8.469   1.00 23.27 ? 228 LEU A O   1 
ATOM   1303 C  CB  . LEU A 1 187 ? -4.986  6.629   10.249  1.00 24.00 ? 228 LEU A CB  1 
ATOM   1304 C  CG  . LEU A 1 187 ? -5.385  7.488   9.038   1.00 22.42 ? 228 LEU A CG  1 
ATOM   1305 C  CD1 . LEU A 1 187 ? -6.868  7.849   9.055   1.00 25.98 ? 228 LEU A CD1 1 
ATOM   1306 C  CD2 . LEU A 1 187 ? -4.515  8.742   8.933   1.00 25.97 ? 228 LEU A CD2 1 
ATOM   1307 N  N   . LEU A 1 188 ? -6.706  4.407   8.335   1.00 21.20 ? 229 LEU A N   1 
ATOM   1308 C  CA  . LEU A 1 188 ? -6.824  3.817   7.003   1.00 23.99 ? 229 LEU A CA  1 
ATOM   1309 C  C   . LEU A 1 188 ? -7.439  4.815   6.042   1.00 23.28 ? 229 LEU A C   1 
ATOM   1310 O  O   . LEU A 1 188 ? -8.602  5.207   6.200   1.00 22.67 ? 229 LEU A O   1 
ATOM   1311 C  CB  . LEU A 1 188 ? -7.719  2.569   7.042   1.00 24.49 ? 229 LEU A CB  1 
ATOM   1312 C  CG  . LEU A 1 188 ? -7.411  1.545   8.136   1.00 31.42 ? 229 LEU A CG  1 
ATOM   1313 C  CD1 . LEU A 1 188 ? -8.233  0.294   7.951   1.00 30.70 ? 229 LEU A CD1 1 
ATOM   1314 C  CD2 . LEU A 1 188 ? -5.937  1.205   8.138   1.00 29.71 ? 229 LEU A CD2 1 
ATOM   1315 N  N   . VAL A 1 189 ? -6.653  5.235   5.058   1.00 19.54 ? 230 VAL A N   1 
ATOM   1316 C  CA  . VAL A 1 189 ? -7.141  6.098   3.982   1.00 18.06 ? 230 VAL A CA  1 
ATOM   1317 C  C   . VAL A 1 189 ? -7.230  5.296   2.689   1.00 24.72 ? 230 VAL A C   1 
ATOM   1318 O  O   . VAL A 1 189 ? -6.201  4.898   2.111   1.00 23.43 ? 230 VAL A O   1 
ATOM   1319 C  CB  . VAL A 1 189 ? -6.192  7.305   3.782   1.00 20.65 ? 230 VAL A CB  1 
ATOM   1320 C  CG1 . VAL A 1 189 ? -6.633  8.155   2.604   1.00 21.23 ? 230 VAL A CG1 1 
ATOM   1321 C  CG2 . VAL A 1 189 ? -6.106  8.152   5.079   1.00 21.88 ? 230 VAL A CG2 1 
ATOM   1322 N  N   . LYS A 1 190 ? -8.456  5.048   2.234   1.00 20.33 ? 231 LYS A N   1 
ATOM   1323 C  CA  . LYS A 1 190 ? -8.696  4.207   1.049   1.00 23.78 ? 231 LYS A CA  1 
ATOM   1324 C  C   . LYS A 1 190 ? -8.989  5.048   -0.182  1.00 24.16 ? 231 LYS A C   1 
ATOM   1325 O  O   . LYS A 1 190 ? -9.887  5.893   -0.157  1.00 25.88 ? 231 LYS A O   1 
ATOM   1326 C  CB  . LYS A 1 190 ? -9.887  3.255   1.278   1.00 23.38 ? 231 LYS A CB  1 
ATOM   1327 C  CG  . LYS A 1 190 ? -10.104 2.265   0.126   1.00 21.70 ? 231 LYS A CG  1 
ATOM   1328 C  CD  . LYS A 1 190 ? -11.549 1.826   -0.047  1.00 25.85 ? 231 LYS A CD  1 
ATOM   1329 C  CE  . LYS A 1 190 ? -12.031 0.905   1.036   1.00 32.60 ? 231 LYS A CE  1 
ATOM   1330 N  NZ  . LYS A 1 190 ? -13.498 0.695   0.829   1.00 35.27 ? 231 LYS A NZ  1 
ATOM   1331 N  N   . GLY A 1 191 ? -8.228  4.815   -1.251  1.00 19.33 ? 232 GLY A N   1 
ATOM   1332 C  CA  . GLY A 1 191 ? -8.495  5.424   -2.539  1.00 20.36 ? 232 GLY A CA  1 
ATOM   1333 C  C   . GLY A 1 191 ? -9.028  4.385   -3.502  1.00 24.85 ? 232 GLY A C   1 
ATOM   1334 O  O   . GLY A 1 191 ? -8.766  3.196   -3.358  1.00 23.43 ? 232 GLY A O   1 
ATOM   1335 N  N   . GLU A 1 192 ? -9.786  4.845   -4.484  1.00 21.22 ? 233 GLU A N   1 
ATOM   1336 C  CA  . GLU A 1 192 ? -10.366 3.985   -5.485  1.00 23.81 ? 233 GLU A CA  1 
ATOM   1337 C  C   . GLU A 1 192 ? -9.815  4.390   -6.853  1.00 23.04 ? 233 GLU A C   1 
ATOM   1338 O  O   . GLU A 1 192 ? -9.633  5.579   -7.127  1.00 25.49 ? 233 GLU A O   1 
ATOM   1339 C  CB  . GLU A 1 192 ? -11.892 4.115   -5.467  1.00 28.27 ? 233 GLU A CB  1 
ATOM   1340 C  CG  . GLU A 1 192 ? -12.583 3.262   -6.534  1.00 25.85 ? 233 GLU A CG  1 
ATOM   1341 C  CD  . GLU A 1 192 ? -14.075 3.152   -6.307  1.00 30.66 ? 233 GLU A CD  1 
ATOM   1342 O  OE1 . GLU A 1 192 ? -14.672 4.094   -5.737  1.00 33.41 ? 233 GLU A OE1 1 
ATOM   1343 O  OE2 . GLU A 1 192 ? -14.655 2.124   -6.705  1.00 29.90 ? 233 GLU A OE2 1 
ATOM   1344 N  N   . ARG A 1 193 ? -9.543  3.404   -7.699  1.00 23.90 ? 234 ARG A N   1 
ATOM   1345 C  CA  . ARG A 1 193 ? -8.947  3.644   -9.008  1.00 21.76 ? 234 ARG A CA  1 
ATOM   1346 C  C   . ARG A 1 193 ? -9.757  4.616   -9.858  1.00 27.11 ? 234 ARG A C   1 
ATOM   1347 O  O   . ARG A 1 193 ? -10.974 4.488   -9.988  1.00 25.01 ? 234 ARG A O   1 
ATOM   1348 C  CB  . ARG A 1 193 ? -8.787  2.326   -9.780  1.00 25.23 ? 234 ARG A CB  1 
ATOM   1349 C  CG  . ARG A 1 193 ? -8.097  2.460   -11.140 1.00 28.94 ? 234 ARG A CG  1 
ATOM   1350 C  CD  . ARG A 1 193 ? -6.581  2.558   -11.004 1.00 27.27 ? 234 ARG A CD  1 
ATOM   1351 N  NE  . ARG A 1 193 ? -5.912  2.574   -12.302 1.00 26.79 ? 234 ARG A NE  1 
ATOM   1352 C  CZ  . ARG A 1 193 ? -5.612  1.483   -12.999 1.00 28.05 ? 234 ARG A CZ  1 
ATOM   1353 N  NH1 . ARG A 1 193 ? -5.913  0.278   -12.520 1.00 27.78 ? 234 ARG A NH1 1 
ATOM   1354 N  NH2 . ARG A 1 193 ? -5.000  1.598   -14.169 1.00 29.57 ? 234 ARG A NH2 1 
ATOM   1355 N  N   . ILE A 1 194 ? -9.068  5.594   -10.427 1.00 22.83 ? 235 ILE A N   1 
ATOM   1356 C  CA  . ILE A 1 194 ? -9.674  6.463   -11.426 1.00 30.28 ? 235 ILE A CA  1 
ATOM   1357 C  C   . ILE A 1 194 ? -9.337  5.872   -12.781 1.00 38.30 ? 235 ILE A C   1 
ATOM   1358 O  O   . ILE A 1 194 ? -8.178  5.910   -13.193 1.00 41.24 ? 235 ILE A O   1 
ATOM   1359 C  CB  . ILE A 1 194 ? -9.050  7.847   -11.406 1.00 29.37 ? 235 ILE A CB  1 
ATOM   1360 C  CG1 . ILE A 1 194 ? -9.196  8.492   -10.036 1.00 28.66 ? 235 ILE A CG1 1 
ATOM   1361 C  CG2 . ILE A 1 194 ? -9.669  8.720   -12.481 1.00 38.61 ? 235 ILE A CG2 1 
ATOM   1362 C  CD1 . ILE A 1 194 ? -8.386  9.762   -9.912  1.00 32.50 ? 235 ILE A CD1 1 
ATOM   1363 N  N   . PRO A 1 195 ? -10.346 5.338   -13.488 1.00 46.49 ? 236 PRO A N   1 
ATOM   1364 C  CA  . PRO A 1 195 ? -10.136 4.655   -14.772 1.00 48.78 ? 236 PRO A CA  1 
ATOM   1365 C  C   . PRO A 1 195 ? -9.877  5.651   -15.898 1.00 51.12 ? 236 PRO A C   1 
ATOM   1366 O  O   . PRO A 1 195 ? -10.376 6.776   -15.813 1.00 51.69 ? 236 PRO A O   1 
ATOM   1367 C  CB  . PRO A 1 195 ? -11.470 3.946   -14.998 1.00 50.44 ? 236 PRO A CB  1 
ATOM   1368 C  CG  . PRO A 1 195 ? -12.473 4.861   -14.364 1.00 51.08 ? 236 PRO A CG  1 
ATOM   1369 C  CD  . PRO A 1 195 ? -11.778 5.480   -13.165 1.00 42.70 ? 236 PRO A CD  1 
HETATM 1370 CA CA  . CA  B 2 .   ? 8.138   -14.738 0.141   0.90 37.57 ? 301 CA  A CA  1 
HETATM 1371 O  O   . HOH C 3 .   ? -11.068 -4.569  -3.853  1.00 26.41 ? 401 HOH A O   1 
HETATM 1372 O  O   . HOH C 3 .   ? 7.010   -2.410  -9.930  1.00 22.34 ? 402 HOH A O   1 
HETATM 1373 O  O   . HOH C 3 .   ? 0.492   -9.988  -0.810  1.00 21.18 ? 403 HOH A O   1 
HETATM 1374 O  O   . HOH C 3 .   ? -10.552 3.536   4.919   1.00 23.85 ? 404 HOH A O   1 
HETATM 1375 O  O   . HOH C 3 .   ? -3.327  -1.648  -7.078  1.00 21.99 ? 405 HOH A O   1 
HETATM 1376 O  O   . HOH C 3 .   ? 10.897  -4.967  -2.375  1.00 30.47 ? 406 HOH A O   1 
HETATM 1377 O  O   . HOH C 3 .   ? -3.279  12.723  14.837  1.00 28.06 ? 407 HOH A O   1 
HETATM 1378 O  O   . HOH C 3 .   ? 4.810   -14.574 -6.038  1.00 26.47 ? 408 HOH A O   1 
HETATM 1379 O  O   . HOH C 3 .   ? 3.434   12.890  5.731   1.00 30.09 ? 409 HOH A O   1 
HETATM 1380 O  O   . HOH C 3 .   ? 9.862   -6.694  4.332   1.00 29.60 ? 410 HOH A O   1 
HETATM 1381 O  O   . HOH C 3 .   ? 3.777   4.708   13.177  1.00 37.73 ? 411 HOH A O   1 
HETATM 1382 O  O   . HOH C 3 .   ? 6.399   3.301   -14.794 1.00 34.06 ? 412 HOH A O   1 
HETATM 1383 O  O   . HOH C 3 .   ? 7.567   3.711   7.219   1.00 31.80 ? 413 HOH A O   1 
HETATM 1384 O  O   . HOH C 3 .   ? 0.740   -7.564  -18.945 1.00 37.23 ? 414 HOH A O   1 
HETATM 1385 O  O   . HOH C 3 .   ? 3.715   7.773   -7.823  1.00 28.10 ? 415 HOH A O   1 
HETATM 1386 O  O   . HOH C 3 .   ? -11.494 -1.164  15.395  1.00 33.14 ? 416 HOH A O   1 
HETATM 1387 O  O   . HOH C 3 .   ? 5.093   5.719   -14.861 1.00 35.98 ? 417 HOH A O   1 
HETATM 1388 O  O   . HOH C 3 .   ? -17.138 -1.358  -1.956  1.00 39.49 ? 418 HOH A O   1 
HETATM 1389 O  O   . HOH C 3 .   ? -16.254 2.487   -3.841  1.00 46.32 ? 419 HOH A O   1 
HETATM 1390 O  O   . HOH C 3 .   ? -6.965  11.268  6.328   1.00 29.09 ? 420 HOH A O   1 
HETATM 1391 O  O   . HOH C 3 .   ? 5.288   -15.540 1.176   1.00 30.32 ? 421 HOH A O   1 
HETATM 1392 O  O   . HOH C 3 .   ? 9.323   -9.621  -3.222  1.00 26.74 ? 422 HOH A O   1 
HETATM 1393 O  O   . HOH C 3 .   ? 14.480  4.043   0.687   1.00 37.21 ? 423 HOH A O   1 
HETATM 1394 O  O   . HOH C 3 .   ? -4.773  -13.139 0.830   1.00 30.39 ? 424 HOH A O   1 
HETATM 1395 O  O   . HOH C 3 .   ? -6.332  -9.122  -5.740  1.00 23.76 ? 425 HOH A O   1 
HETATM 1396 O  O   . HOH C 3 .   ? -8.087  -10.146 -8.709  1.00 31.53 ? 426 HOH A O   1 
HETATM 1397 O  O   . HOH C 3 .   ? -6.179  -8.717  -11.650 1.00 36.61 ? 427 HOH A O   1 
HETATM 1398 O  O   . HOH C 3 .   ? -5.306  -2.594  -5.755  1.00 21.33 ? 428 HOH A O   1 
HETATM 1399 O  O   . HOH C 3 .   ? -13.241 0.467   -8.316  1.00 26.35 ? 429 HOH A O   1 
HETATM 1400 O  O   . HOH C 3 .   ? -12.431 2.272   -10.166 1.00 32.43 ? 430 HOH A O   1 
HETATM 1401 O  O   . HOH C 3 .   ? -14.845 -0.970  -9.927  1.00 35.97 ? 431 HOH A O   1 
HETATM 1402 O  O   . HOH C 3 .   ? 2.949   9.051   15.449  1.00 34.92 ? 432 HOH A O   1 
HETATM 1403 O  O   . HOH C 3 .   ? -9.539  1.076   4.136   1.00 26.99 ? 433 HOH A O   1 
HETATM 1404 O  O   . HOH C 3 .   ? -5.215  5.481   -12.912 1.00 28.84 ? 434 HOH A O   1 
HETATM 1405 O  O   . HOH C 3 .   ? 5.437   -10.356 4.781   1.00 35.76 ? 435 HOH A O   1 
HETATM 1406 O  O   . HOH C 3 .   ? 7.314   -8.704  6.012   1.00 37.22 ? 436 HOH A O   1 
HETATM 1407 O  O   . HOH C 3 .   ? 2.288   -14.145 -0.661  1.00 20.88 ? 437 HOH A O   1 
HETATM 1408 O  O   . HOH C 3 .   ? -4.032  -7.184  -10.814 1.00 21.80 ? 438 HOH A O   1 
HETATM 1409 O  O   . HOH C 3 .   ? 3.933   15.582  4.779   1.00 37.62 ? 439 HOH A O   1 
HETATM 1410 O  O   . HOH C 3 .   ? 3.805   -8.010  5.385   1.00 21.00 ? 440 HOH A O   1 
HETATM 1411 O  O   . HOH C 3 .   ? 11.514  -6.050  0.923   1.00 27.82 ? 441 HOH A O   1 
HETATM 1412 O  O   . HOH C 3 .   ? 1.610   6.018   -16.587 1.00 35.84 ? 442 HOH A O   1 
HETATM 1413 O  O   . HOH C 3 .   ? -2.472  -4.669  -13.734 1.00 31.89 ? 443 HOH A O   1 
HETATM 1414 O  O   . HOH C 3 .   ? -8.014  -12.798 -5.735  1.00 33.34 ? 444 HOH A O   1 
HETATM 1415 O  O   . HOH C 3 .   ? -9.603  -14.678 -7.993  1.00 35.85 ? 445 HOH A O   1 
HETATM 1416 O  O   . HOH C 3 .   ? -9.508  -1.033  -12.182 1.00 31.96 ? 446 HOH A O   1 
HETATM 1417 O  O   . HOH C 3 .   ? -11.213 -1.147  4.702   1.00 37.51 ? 447 HOH A O   1 
HETATM 1418 O  O   . HOH C 3 .   ? -11.842 -3.552  3.046   1.00 33.69 ? 448 HOH A O   1 
HETATM 1419 O  O   . HOH C 3 .   ? -3.517  -0.885  -16.104 1.00 44.75 ? 449 HOH A O   1 
HETATM 1420 O  O   . HOH C 3 .   ? 4.120   14.101  -4.034  1.00 33.58 ? 450 HOH A O   1 
HETATM 1421 O  O   . HOH C 3 .   ? 16.835  -0.307  -0.293  1.00 45.75 ? 451 HOH A O   1 
HETATM 1422 O  O   . HOH C 3 .   ? 1.517   -9.179  6.171   1.00 29.99 ? 452 HOH A O   1 
HETATM 1423 O  O   . HOH C 3 .   ? -1.341  -11.908 5.436   1.00 35.51 ? 453 HOH A O   1 
HETATM 1424 O  O   . HOH C 3 .   ? -0.150  -1.422  -13.205 1.00 23.15 ? 454 HOH A O   1 
HETATM 1425 O  O   . HOH C 3 .   ? -7.902  12.007  8.851   1.00 35.57 ? 455 HOH A O   1 
HETATM 1426 O  O   . HOH C 3 .   ? -14.224 10.766  -3.170  1.00 35.44 ? 456 HOH A O   1 
HETATM 1427 O  O   . HOH C 3 .   ? -10.132 0.927   21.044  1.00 32.49 ? 457 HOH A O   1 
HETATM 1428 O  O   . HOH C 3 .   ? -12.560 14.328  3.893   1.00 36.54 ? 458 HOH A O   1 
HETATM 1429 O  O   . HOH C 3 .   ? 9.333   10.952  3.767   1.00 38.63 ? 459 HOH A O   1 
HETATM 1430 O  O   . HOH C 3 .   ? 15.210  -5.156  -21.303 1.00 40.02 ? 460 HOH A O   1 
HETATM 1431 O  O   . HOH C 3 .   ? -5.488  15.895  -4.944  1.00 32.02 ? 461 HOH A O   1 
HETATM 1432 O  O   . HOH C 3 .   ? 6.312   8.513   -7.273  1.00 38.60 ? 462 HOH A O   1 
HETATM 1433 O  O   . HOH C 3 .   ? -16.675 -8.937  -2.209  1.00 37.25 ? 463 HOH A O   1 
HETATM 1434 O  O   . HOH C 3 .   ? -1.767  -12.786 -15.843 1.00 36.15 ? 464 HOH A O   1 
HETATM 1435 O  O   . HOH C 3 .   ? -3.323  -7.208  14.298  1.00 36.95 ? 465 HOH A O   1 
HETATM 1436 O  O   . HOH C 3 .   ? 0.931   0.581   18.615  1.00 35.37 ? 466 HOH A O   1 
HETATM 1437 O  O   . HOH C 3 .   ? 11.237  -6.751  11.219  1.00 38.70 ? 467 HOH A O   1 
HETATM 1438 O  O   . HOH C 3 .   ? -2.739  -10.341 -16.807 1.00 33.66 ? 468 HOH A O   1 
HETATM 1439 O  O   . HOH C 3 .   ? -3.621  17.366  12.350  1.00 37.79 ? 469 HOH A O   1 
HETATM 1440 O  O   . HOH C 3 .   ? 12.617  -11.103 -3.611  1.00 38.50 ? 470 HOH A O   1 
HETATM 1441 O  O   . HOH C 3 .   ? -4.405  -2.085  -13.740 1.00 36.59 ? 471 HOH A O   1 
HETATM 1442 O  O   . HOH C 3 .   ? 7.822   -14.856 -6.631  1.00 41.34 ? 472 HOH A O   1 
HETATM 1443 O  O   . HOH C 3 .   ? -1.930  4.373   -15.755 1.00 39.37 ? 473 HOH A O   1 
HETATM 1444 O  O   . HOH C 3 .   ? 7.134   0.525   -18.734 1.00 41.99 ? 474 HOH A O   1 
HETATM 1445 O  O   . HOH C 3 .   ? -9.135  -5.687  -14.103 1.00 38.49 ? 475 HOH A O   1 
HETATM 1446 O  O   . HOH C 3 .   ? -1.756  -3.751  -16.100 1.00 38.65 ? 476 HOH A O   1 
HETATM 1447 O  O   . HOH C 3 .   ? -0.443  -10.790 8.188   1.00 37.13 ? 477 HOH A O   1 
HETATM 1448 O  O   . HOH C 3 .   ? -13.948 2.105   13.422  1.00 39.74 ? 478 HOH A O   1 
HETATM 1449 O  O   . HOH C 3 .   ? -10.373 -10.496 5.172   1.00 39.03 ? 479 HOH A O   1 
HETATM 1450 O  O   . HOH C 3 .   ? 10.560  -1.925  -25.646 1.00 47.56 ? 480 HOH A O   1 
HETATM 1451 O  O   . HOH C 3 .   ? 0.742   -13.471 3.775   1.00 40.74 ? 481 HOH A O   1 
HETATM 1452 O  O   . HOH C 3 .   ? -6.721  -6.599  0.877   1.00 30.99 ? 482 HOH A O   1 
HETATM 1453 O  O   . HOH C 3 .   ? 5.830   8.043   16.660  1.00 46.14 ? 483 HOH A O   1 
HETATM 1454 O  O   . HOH C 3 .   ? 14.050  -6.064  9.522   1.00 41.55 ? 484 HOH A O   1 
HETATM 1455 O  O   . HOH C 3 .   ? 10.774  13.616  4.542   1.00 43.26 ? 485 HOH A O   1 
HETATM 1456 O  O   . HOH C 3 .   ? 11.654  7.085   2.169   1.00 40.82 ? 486 HOH A O   1 
HETATM 1457 O  O   . HOH C 3 .   ? -5.058  6.313   22.599  1.00 39.26 ? 487 HOH A O   1 
HETATM 1458 O  O   . HOH C 3 .   ? 16.400  0.181   6.687   1.00 44.31 ? 488 HOH A O   1 
HETATM 1459 O  O   . HOH C 3 .   ? 4.879   -9.200  -23.250 1.00 46.16 ? 489 HOH A O   1 
HETATM 1460 O  O   . HOH C 3 .   ? 8.270   12.452  1.150   1.00 35.99 ? 490 HOH A O   1 
HETATM 1461 O  O   . HOH C 3 .   ? -3.580  -14.179 -14.789 1.00 36.88 ? 491 HOH A O   1 
# 
